data_5U9C
#
_entry.id   5U9C
#
_cell.length_a   132.445
_cell.length_b   184.871
_cell.length_c   187.017
_cell.angle_alpha   90.00
_cell.angle_beta   90.00
_cell.angle_gamma   90.00
#
_symmetry.space_group_name_H-M   'I 2 2 2'
#
loop_
_entity.id
_entity.type
_entity.pdbx_description
1 polymer 'dTDP-4-dehydrorhamnose Reductase'
2 non-polymer beta-D-fructopyranose
3 non-polymer IMIDAZOLE
4 non-polymer D-MALATE
5 non-polymer 'CITRIC ACID'
6 non-polymer 'CHLORIDE ION'
7 non-polymer 2-AMINO-2-HYDROXYMETHYL-PROPANE-1,3-DIOL
8 water water
#
_entity_poly.entity_id   1
_entity_poly.type   'polypeptide(L)'
_entity_poly.pdbx_seq_one_letter_code
;SNA(MSE)KRKILITGGTG(MSE)LGAYVTSALKDTDYNVIVTERNTLNLSVPEAIFSYITAEKPDVILHFAAETDVDLC
EREPARAGIYNHLATEQIAQAAKFCGAWLLYLSSSNVFGGEGKLSYNELDIPLP(MSE)NYYGRSKLIGESSVRNACTNN
HLIIRAGW(MSE)IGGGPDKDHKFVGKIIQQIKAGSTSIKAVSDRLGSITSA(MSE)QLCNFIIWAINKRHTGTLHFASS
GTISRFDIACAIGDLLNFKGDIIPVHSSVFPLSAPRPYSEGIESIY(MSE)SILSDAPKPSLWKSDLAKYVGTFLV
;
_entity_poly.pdbx_strand_id   A,B,C,D,E,F
#
# COMPACT_ATOMS: atom_id res chain seq x y z
N LYS A 5 -40.38 37.53 -5.13
CA LYS A 5 -38.93 37.39 -5.33
C LYS A 5 -38.44 35.97 -5.04
N ARG A 6 -37.42 35.53 -5.76
CA ARG A 6 -36.83 34.20 -5.51
C ARG A 6 -36.01 34.29 -4.21
N LYS A 7 -36.11 33.23 -3.40
CA LYS A 7 -35.48 33.22 -2.09
C LYS A 7 -34.19 32.40 -2.04
N ILE A 8 -33.13 33.03 -1.54
CA ILE A 8 -31.82 32.39 -1.32
C ILE A 8 -31.61 32.25 0.20
N LEU A 9 -31.41 31.03 0.66
N LEU A 9 -31.44 31.02 0.66
CA LEU A 9 -31.18 30.75 2.07
CA LEU A 9 -31.16 30.74 2.06
C LEU A 9 -29.70 30.37 2.26
C LEU A 9 -29.66 30.45 2.18
N ILE A 10 -28.99 31.11 3.11
CA ILE A 10 -27.54 30.92 3.33
C ILE A 10 -27.17 30.47 4.75
N THR A 11 -26.42 29.38 4.84
CA THR A 11 -25.86 28.94 6.12
C THR A 11 -24.42 29.43 6.11
N GLY A 12 -23.90 29.74 7.29
CA GLY A 12 -22.55 30.26 7.39
C GLY A 12 -22.40 31.63 6.71
N GLY A 13 -23.48 32.41 6.75
CA GLY A 13 -23.51 33.74 6.12
C GLY A 13 -22.56 34.77 6.72
N THR A 14 -22.23 34.63 8.00
CA THR A 14 -21.32 35.54 8.68
C THR A 14 -19.86 35.06 8.64
N GLY A 15 -19.62 33.91 8.01
CA GLY A 15 -18.25 33.41 7.86
C GLY A 15 -17.59 34.24 6.79
N LEU A 17 -16.26 33.58 3.60
CA LEU A 17 -16.79 33.49 2.24
C LEU A 17 -18.24 33.95 2.19
N GLY A 18 -19.02 33.44 3.15
CA GLY A 18 -20.44 33.76 3.25
C GLY A 18 -20.73 35.24 3.33
N ALA A 19 -19.88 35.97 4.05
CA ALA A 19 -20.05 37.43 4.17
C ALA A 19 -19.86 38.11 2.82
N TYR A 20 -18.91 37.63 2.02
CA TYR A 20 -18.72 38.24 0.69
C TYR A 20 -19.91 37.96 -0.22
N VAL A 21 -20.41 36.72 -0.20
CA VAL A 21 -21.53 36.36 -1.05
C VAL A 21 -22.78 37.17 -0.64
N THR A 22 -23.03 37.25 0.66
CA THR A 22 -24.17 38.01 1.16
C THR A 22 -24.11 39.47 0.69
N SER A 23 -22.94 40.09 0.73
CA SER A 23 -22.79 41.49 0.28
C SER A 23 -22.96 41.63 -1.22
N ALA A 24 -22.44 40.67 -1.98
CA ALA A 24 -22.55 40.67 -3.44
C ALA A 24 -24.01 40.54 -3.86
N LEU A 25 -24.80 39.81 -3.06
CA LEU A 25 -26.22 39.62 -3.36
C LEU A 25 -27.13 40.83 -3.00
N LYS A 26 -26.59 41.85 -2.31
CA LYS A 26 -27.39 43.04 -1.99
C LYS A 26 -27.80 43.77 -3.26
N ASP A 27 -26.95 43.70 -4.28
CA ASP A 27 -27.23 44.33 -5.59
C ASP A 27 -28.02 43.39 -6.53
N THR A 28 -29.08 42.75 -6.00
CA THR A 28 -29.90 41.84 -6.79
C THR A 28 -31.36 41.84 -6.33
N ASP A 29 -32.22 41.20 -7.11
CA ASP A 29 -33.66 41.07 -6.78
C ASP A 29 -33.99 39.84 -5.94
N TYR A 30 -32.98 39.18 -5.38
CA TYR A 30 -33.21 38.01 -4.55
C TYR A 30 -33.57 38.42 -3.12
N ASN A 31 -34.43 37.62 -2.51
CA ASN A 31 -34.79 37.78 -1.11
C ASN A 31 -33.80 36.87 -0.39
N VAL A 32 -32.81 37.45 0.28
CA VAL A 32 -31.74 36.71 0.95
C VAL A 32 -31.98 36.50 2.46
N ILE A 33 -32.03 35.23 2.87
CA ILE A 33 -32.25 34.87 4.27
C ILE A 33 -30.96 34.26 4.82
N VAL A 34 -30.33 34.94 5.78
CA VAL A 34 -29.11 34.42 6.41
C VAL A 34 -29.54 33.74 7.71
N THR A 35 -29.23 32.45 7.84
CA THR A 35 -29.62 31.70 9.03
C THR A 35 -28.86 32.18 10.27
N GLU A 36 -29.52 32.06 11.44
CA GLU A 36 -28.93 32.45 12.71
C GLU A 36 -29.23 31.38 13.76
N ARG A 37 -28.73 31.61 14.98
CA ARG A 37 -28.95 30.66 16.06
C ARG A 37 -30.43 30.40 16.35
N ASN A 38 -31.30 31.38 16.12
CA ASN A 38 -32.73 31.16 16.37
C ASN A 38 -33.46 30.37 15.28
N THR A 39 -32.77 30.04 14.18
CA THR A 39 -33.39 29.26 13.09
C THR A 39 -32.67 27.97 12.70
N LEU A 40 -31.33 27.97 12.74
CA LEU A 40 -30.57 26.80 12.33
C LEU A 40 -29.17 26.75 12.95
N ASN A 41 -28.84 25.56 13.46
CA ASN A 41 -27.54 25.29 14.05
C ASN A 41 -27.06 23.92 13.55
N LEU A 42 -25.80 23.87 13.11
CA LEU A 42 -25.21 22.60 12.64
C LEU A 42 -25.19 21.57 13.78
N SER A 43 -25.10 22.05 15.02
CA SER A 43 -25.12 21.16 16.19
C SER A 43 -26.47 20.47 16.43
N VAL A 44 -27.53 20.95 15.78
CA VAL A 44 -28.87 20.40 15.92
C VAL A 44 -29.44 20.07 14.53
N PRO A 45 -28.91 19.00 13.90
CA PRO A 45 -29.41 18.58 12.58
C PRO A 45 -30.88 18.17 12.60
N GLU A 46 -31.37 17.68 13.75
CA GLU A 46 -32.76 17.27 13.91
C GLU A 46 -33.81 18.37 13.69
N ALA A 47 -33.40 19.64 13.77
CA ALA A 47 -34.31 20.77 13.61
C ALA A 47 -34.22 21.44 12.23
N ILE A 48 -33.30 20.99 11.39
CA ILE A 48 -33.08 21.59 10.07
C ILE A 48 -34.17 21.36 9.02
N PHE A 49 -34.61 20.12 8.86
CA PHE A 49 -35.58 19.82 7.80
C PHE A 49 -36.90 20.63 7.91
N SER A 50 -37.51 20.66 9.09
N SER A 50 -37.50 20.66 9.09
CA SER A 50 -38.74 21.42 9.31
CA SER A 50 -38.75 21.41 9.32
C SER A 50 -38.53 22.90 9.02
C SER A 50 -38.55 22.90 9.05
N TYR A 51 -37.40 23.45 9.46
CA TYR A 51 -37.12 24.87 9.23
C TYR A 51 -37.00 25.21 7.74
N ILE A 52 -36.09 24.51 7.05
CA ILE A 52 -35.85 24.84 5.64
C ILE A 52 -37.09 24.62 4.76
N THR A 53 -37.83 23.53 4.99
CA THR A 53 -39.03 23.24 4.20
C THR A 53 -40.14 24.27 4.44
N ALA A 54 -40.25 24.78 5.67
CA ALA A 54 -41.21 25.84 5.97
C ALA A 54 -40.79 27.14 5.28
N GLU A 55 -39.49 27.35 5.13
CA GLU A 55 -38.97 28.58 4.53
C GLU A 55 -39.10 28.59 2.98
N LYS A 56 -39.12 27.40 2.37
CA LYS A 56 -39.30 27.23 0.91
C LYS A 56 -38.35 28.04 0.02
N PRO A 57 -37.04 27.92 0.26
CA PRO A 57 -36.11 28.64 -0.57
C PRO A 57 -36.05 28.07 -2.00
N ASP A 58 -35.69 28.92 -2.96
CA ASP A 58 -35.46 28.48 -4.35
C ASP A 58 -34.00 28.05 -4.53
N VAL A 59 -33.12 28.66 -3.73
CA VAL A 59 -31.68 28.40 -3.76
C VAL A 59 -31.16 28.28 -2.33
N ILE A 60 -30.29 27.32 -2.08
CA ILE A 60 -29.66 27.15 -0.79
C ILE A 60 -28.15 27.18 -0.96
N LEU A 61 -27.48 28.08 -0.22
CA LEU A 61 -26.03 28.20 -0.24
C LEU A 61 -25.54 27.67 1.09
N HIS A 62 -24.96 26.47 1.07
CA HIS A 62 -24.52 25.82 2.29
C HIS A 62 -23.01 25.94 2.51
N PHE A 63 -22.62 27.00 3.23
CA PHE A 63 -21.22 27.32 3.55
C PHE A 63 -20.82 26.96 4.98
N ALA A 64 -21.78 26.79 5.88
CA ALA A 64 -21.45 26.49 7.26
C ALA A 64 -20.83 25.09 7.38
N ALA A 65 -19.74 25.01 8.15
CA ALA A 65 -19.08 23.74 8.39
C ALA A 65 -18.13 23.87 9.54
N GLU A 66 -17.72 22.72 10.08
CA GLU A 66 -16.67 22.68 11.08
C GLU A 66 -15.40 22.46 10.25
N THR A 67 -14.56 23.51 10.16
CA THR A 67 -13.37 23.47 9.35
C THR A 67 -12.07 23.39 10.13
N ASP A 68 -12.12 23.29 11.46
CA ASP A 68 -10.90 23.11 12.23
C ASP A 68 -10.49 21.63 12.05
N VAL A 69 -9.54 21.41 11.15
CA VAL A 69 -9.12 20.04 10.79
C VAL A 69 -8.62 19.21 11.98
N ASP A 70 -7.89 19.84 12.88
CA ASP A 70 -7.35 19.15 14.03
C ASP A 70 -8.43 18.81 15.06
N LEU A 71 -9.39 19.71 15.23
CA LEU A 71 -10.52 19.50 16.13
C LEU A 71 -11.35 18.34 15.60
N CYS A 72 -11.52 18.28 14.27
CA CYS A 72 -12.28 17.18 13.65
C CYS A 72 -11.63 15.84 13.92
N GLU A 73 -10.30 15.82 13.98
CA GLU A 73 -9.59 14.58 14.22
C GLU A 73 -9.74 14.13 15.69
N ARG A 74 -9.69 15.09 16.61
CA ARG A 74 -9.83 14.78 18.04
C ARG A 74 -11.26 14.43 18.41
N GLU A 75 -12.20 15.08 17.74
CA GLU A 75 -13.63 14.93 18.00
C GLU A 75 -14.38 14.63 16.71
N PRO A 76 -14.21 13.42 16.18
CA PRO A 76 -14.90 13.06 14.93
C PRO A 76 -16.42 13.16 15.05
N ALA A 77 -16.97 13.00 16.26
CA ALA A 77 -18.40 13.18 16.47
C ALA A 77 -18.83 14.59 16.06
N ARG A 78 -18.00 15.58 16.37
CA ARG A 78 -18.33 16.95 15.98
C ARG A 78 -18.24 17.11 14.47
N ALA A 79 -17.19 16.57 13.89
CA ALA A 79 -17.03 16.63 12.42
C ALA A 79 -18.23 15.98 11.73
N GLY A 80 -18.70 14.87 12.28
CA GLY A 80 -19.81 14.15 11.68
C GLY A 80 -21.14 14.88 11.78
N ILE A 81 -21.49 15.29 12.98
CA ILE A 81 -22.73 16.03 13.22
C ILE A 81 -22.80 17.29 12.38
N TYR A 82 -21.72 18.06 12.41
CA TYR A 82 -21.67 19.35 11.71
C TYR A 82 -21.57 19.29 10.19
N ASN A 83 -20.73 18.38 9.70
CA ASN A 83 -20.44 18.31 8.27
C ASN A 83 -21.23 17.24 7.51
N HIS A 84 -21.54 16.15 8.19
CA HIS A 84 -22.30 15.08 7.56
C HIS A 84 -23.79 15.15 7.89
N LEU A 85 -24.15 14.95 9.17
CA LEU A 85 -25.58 14.90 9.52
C LEU A 85 -26.38 16.16 9.18
N ALA A 86 -25.82 17.32 9.49
CA ALA A 86 -26.48 18.57 9.17
C ALA A 86 -26.63 18.72 7.65
N THR A 87 -25.56 18.37 6.92
CA THR A 87 -25.57 18.49 5.45
C THR A 87 -26.64 17.57 4.87
N GLU A 88 -26.77 16.37 5.43
CA GLU A 88 -27.79 15.40 4.95
C GLU A 88 -29.22 15.98 5.12
N GLN A 89 -29.49 16.62 6.26
CA GLN A 89 -30.80 17.21 6.50
C GLN A 89 -31.07 18.38 5.54
N ILE A 90 -30.04 19.17 5.28
CA ILE A 90 -30.14 20.26 4.33
C ILE A 90 -30.41 19.72 2.93
N ALA A 91 -29.72 18.65 2.55
CA ALA A 91 -29.92 18.04 1.24
C ALA A 91 -31.36 17.49 1.09
N GLN A 92 -31.85 16.83 2.12
CA GLN A 92 -33.22 16.31 2.09
C GLN A 92 -34.23 17.45 2.00
N ALA A 93 -33.96 18.55 2.69
CA ALA A 93 -34.87 19.70 2.63
C ALA A 93 -34.84 20.32 1.23
N ALA A 94 -33.65 20.43 0.65
CA ALA A 94 -33.52 20.97 -0.72
C ALA A 94 -34.33 20.13 -1.69
N LYS A 95 -34.18 18.80 -1.61
CA LYS A 95 -34.93 17.89 -2.45
C LYS A 95 -36.43 18.14 -2.33
N PHE A 96 -36.93 18.22 -1.10
CA PHE A 96 -38.35 18.46 -0.88
C PHE A 96 -38.83 19.77 -1.50
N CYS A 97 -38.08 20.85 -1.28
CA CYS A 97 -38.41 22.19 -1.82
C CYS A 97 -38.14 22.36 -3.28
N GLY A 98 -37.38 21.44 -3.88
CA GLY A 98 -36.98 21.57 -5.28
C GLY A 98 -35.94 22.70 -5.42
N ALA A 99 -35.20 23.00 -4.34
CA ALA A 99 -34.20 24.08 -4.38
C ALA A 99 -32.89 23.62 -4.98
N TRP A 100 -32.22 24.54 -5.66
CA TRP A 100 -30.87 24.28 -6.19
C TRP A 100 -29.93 24.47 -5.00
N LEU A 101 -29.11 23.47 -4.73
CA LEU A 101 -28.25 23.47 -3.58
C LEU A 101 -26.78 23.57 -3.91
N LEU A 102 -26.13 24.59 -3.35
N LEU A 102 -26.11 24.58 -3.36
CA LEU A 102 -24.68 24.77 -3.49
CA LEU A 102 -24.67 24.75 -3.56
C LEU A 102 -24.03 24.30 -2.21
C LEU A 102 -23.96 24.37 -2.26
N TYR A 103 -23.06 23.40 -2.34
CA TYR A 103 -22.31 22.90 -1.18
C TYR A 103 -20.83 23.17 -1.39
N LEU A 104 -20.25 23.95 -0.49
CA LEU A 104 -18.84 24.25 -0.57
C LEU A 104 -18.11 23.11 0.12
N SER A 105 -17.30 22.39 -0.65
CA SER A 105 -16.52 21.29 -0.13
C SER A 105 -15.03 21.62 -0.15
N SER A 106 -14.19 20.59 -0.06
CA SER A 106 -12.75 20.80 0.15
C SER A 106 -11.83 19.86 -0.59
N SER A 107 -10.62 20.34 -0.88
CA SER A 107 -9.58 19.52 -1.47
C SER A 107 -9.23 18.36 -0.53
N ASN A 108 -9.56 18.51 0.75
CA ASN A 108 -9.27 17.47 1.76
C ASN A 108 -10.02 16.18 1.61
N VAL A 109 -10.90 16.06 0.61
CA VAL A 109 -11.54 14.78 0.32
C VAL A 109 -10.48 13.92 -0.37
N PHE A 110 -9.38 14.54 -0.78
CA PHE A 110 -8.24 13.84 -1.42
C PHE A 110 -7.03 13.83 -0.48
N GLY A 111 -6.04 13.00 -0.80
CA GLY A 111 -4.79 12.94 -0.04
C GLY A 111 -4.27 11.56 0.25
N GLY A 112 -5.19 10.63 0.49
CA GLY A 112 -4.81 9.26 0.82
C GLY A 112 -4.02 8.55 -0.25
N GLU A 113 -4.25 8.92 -1.50
CA GLU A 113 -3.53 8.30 -2.61
C GLU A 113 -2.08 8.70 -2.62
N GLY A 114 -1.78 9.94 -2.22
CA GLY A 114 -0.41 10.43 -2.17
C GLY A 114 0.17 10.98 -3.46
N LYS A 115 -0.68 11.31 -4.43
CA LYS A 115 -0.18 11.93 -5.70
C LYS A 115 -0.09 13.45 -5.49
N LEU A 116 0.42 14.16 -6.49
CA LEU A 116 0.70 15.58 -6.32
C LEU A 116 -0.45 16.53 -6.57
N SER A 117 -1.41 16.08 -7.36
CA SER A 117 -2.57 16.92 -7.70
C SER A 117 -3.76 16.04 -8.09
N TYR A 118 -4.96 16.54 -7.84
CA TYR A 118 -6.21 15.81 -8.10
C TYR A 118 -7.20 16.64 -8.93
N ASN A 119 -7.80 16.02 -9.93
CA ASN A 119 -8.86 16.68 -10.73
C ASN A 119 -10.24 16.05 -10.44
N GLU A 120 -11.29 16.56 -11.09
CA GLU A 120 -12.64 16.06 -10.83
C GLU A 120 -12.89 14.59 -11.17
N LEU A 121 -12.04 13.97 -11.99
CA LEU A 121 -12.17 12.51 -12.25
C LEU A 121 -11.51 11.65 -11.18
N ASP A 122 -10.60 12.22 -10.39
CA ASP A 122 -9.97 11.44 -9.33
C ASP A 122 -11.03 11.05 -8.27
N ILE A 123 -10.90 9.86 -7.72
CA ILE A 123 -11.88 9.34 -6.79
C ILE A 123 -11.47 9.74 -5.38
N PRO A 124 -12.30 10.51 -4.69
CA PRO A 124 -11.90 10.94 -3.34
C PRO A 124 -11.51 9.78 -2.43
N LEU A 125 -10.43 9.99 -1.68
CA LEU A 125 -9.90 9.03 -0.70
C LEU A 125 -9.21 9.93 0.31
N PRO A 126 -9.92 10.37 1.38
N PRO A 126 -9.95 10.34 1.36
CA PRO A 126 -9.35 11.30 2.36
CA PRO A 126 -9.44 11.20 2.40
C PRO A 126 -8.19 10.80 3.24
C PRO A 126 -8.65 10.37 3.40
N ASN A 128 -7.88 12.25 6.54
N ASN A 128 -8.24 11.94 6.76
CA ASN A 128 -8.34 12.50 7.94
CA ASN A 128 -8.45 12.54 8.06
C ASN A 128 -9.90 12.57 8.15
C ASN A 128 -9.92 12.74 8.16
N TYR A 129 -10.38 12.78 9.39
CA TYR A 129 -11.81 12.87 9.66
C TYR A 129 -12.48 14.09 9.08
N TYR A 130 -11.78 15.22 9.03
CA TYR A 130 -12.37 16.39 8.40
C TYR A 130 -12.75 16.03 6.96
N GLY A 131 -11.77 15.51 6.24
CA GLY A 131 -11.95 15.11 4.83
C GLY A 131 -13.07 14.11 4.63
N ARG A 132 -13.11 13.11 5.49
CA ARG A 132 -14.18 12.10 5.42
C ARG A 132 -15.57 12.73 5.65
N SER A 133 -15.66 13.66 6.59
CA SER A 133 -16.93 14.30 6.93
C SER A 133 -17.44 15.13 5.76
N LYS A 134 -16.52 15.82 5.08
CA LYS A 134 -16.90 16.61 3.91
C LYS A 134 -17.32 15.70 2.74
N LEU A 135 -16.59 14.61 2.54
CA LEU A 135 -16.89 13.66 1.46
C LEU A 135 -18.29 13.01 1.60
N ILE A 136 -18.62 12.57 2.81
N ILE A 136 -18.61 12.56 2.82
CA ILE A 136 -19.90 11.93 3.06
CA ILE A 136 -19.90 11.94 3.06
C ILE A 136 -21.02 12.98 2.93
C ILE A 136 -21.02 12.98 2.94
N GLY A 137 -20.70 14.23 3.27
CA GLY A 137 -21.63 15.33 3.09
C GLY A 137 -21.89 15.46 1.58
N GLU A 138 -20.83 15.39 0.77
CA GLU A 138 -20.97 15.43 -0.69
C GLU A 138 -21.90 14.35 -1.20
N SER A 139 -21.72 13.12 -0.72
N SER A 139 -21.73 13.12 -0.70
CA SER A 139 -22.57 12.02 -1.16
CA SER A 139 -22.56 12.01 -1.15
C SER A 139 -24.04 12.33 -0.85
C SER A 139 -24.02 12.17 -0.68
N SER A 140 -24.30 12.81 0.36
N SER A 140 -24.25 12.96 0.36
CA SER A 140 -25.67 13.17 0.77
CA SER A 140 -25.62 13.17 0.79
C SER A 140 -26.28 14.15 -0.22
C SER A 140 -26.28 14.18 -0.15
N VAL A 141 -25.48 15.14 -0.63
CA VAL A 141 -25.94 16.17 -1.58
C VAL A 141 -26.25 15.56 -2.95
N ARG A 142 -25.35 14.72 -3.48
CA ARG A 142 -25.58 14.07 -4.80
C ARG A 142 -26.75 13.14 -4.80
N ASN A 143 -26.82 12.31 -3.76
CA ASN A 143 -27.87 11.33 -3.64
C ASN A 143 -29.28 11.88 -3.43
N ALA A 144 -29.40 13.12 -2.96
CA ALA A 144 -30.71 13.74 -2.74
C ALA A 144 -31.11 14.77 -3.82
N CYS A 145 -30.13 15.45 -4.42
CA CYS A 145 -30.37 16.52 -5.40
C CYS A 145 -29.60 16.28 -6.70
N THR A 146 -29.65 15.06 -7.20
CA THR A 146 -28.86 14.67 -8.35
C THR A 146 -28.72 15.67 -9.52
N ASN A 147 -29.85 16.19 -10.00
N ASN A 147 -29.83 16.22 -9.99
CA ASN A 147 -29.84 17.07 -11.15
CA ASN A 147 -29.80 17.15 -11.12
C ASN A 147 -30.07 18.53 -10.75
C ASN A 147 -29.78 18.59 -10.77
N ASN A 148 -29.87 18.87 -9.47
CA ASN A 148 -30.04 20.25 -9.03
C ASN A 148 -29.13 20.66 -7.87
N HIS A 149 -27.84 20.41 -8.04
CA HIS A 149 -26.84 20.76 -7.04
C HIS A 149 -25.53 21.13 -7.71
N LEU A 150 -24.70 21.84 -6.94
CA LEU A 150 -23.37 22.22 -7.35
C LEU A 150 -22.46 22.08 -6.13
N ILE A 151 -21.46 21.24 -6.26
CA ILE A 151 -20.45 21.02 -5.25
C ILE A 151 -19.16 21.65 -5.76
N ILE A 152 -18.64 22.63 -5.03
CA ILE A 152 -17.39 23.28 -5.38
C ILE A 152 -16.33 22.91 -4.34
N ARG A 153 -15.21 22.37 -4.78
CA ARG A 153 -14.10 22.03 -3.85
C ARG A 153 -13.07 23.14 -3.92
N ALA A 154 -12.80 23.79 -2.79
CA ALA A 154 -11.81 24.85 -2.71
C ALA A 154 -10.57 24.29 -2.01
N GLY A 155 -9.42 24.94 -2.23
CA GLY A 155 -8.16 24.54 -1.60
C GLY A 155 -7.91 25.37 -0.36
N TRP A 156 -6.66 25.83 -0.20
CA TRP A 156 -6.29 26.72 0.90
C TRP A 156 -6.91 28.09 0.63
N ILE A 158 -7.84 31.95 0.70
CA ILE A 158 -7.20 33.20 1.08
C ILE A 158 -8.24 34.32 0.97
N GLY A 159 -8.33 35.13 2.02
CA GLY A 159 -9.28 36.22 2.02
C GLY A 159 -9.45 36.85 3.39
N GLY A 160 -10.08 38.02 3.39
CA GLY A 160 -10.36 38.77 4.60
C GLY A 160 -9.83 40.17 4.55
N GLY A 161 -8.60 40.32 4.07
CA GLY A 161 -7.97 41.63 4.00
C GLY A 161 -7.28 41.96 5.31
N PRO A 162 -6.72 43.18 5.42
CA PRO A 162 -5.97 43.58 6.62
C PRO A 162 -6.76 43.52 7.93
N ASP A 163 -8.10 43.61 7.87
CA ASP A 163 -8.92 43.58 9.09
C ASP A 163 -9.35 42.19 9.57
N LYS A 164 -9.73 41.32 8.65
CA LYS A 164 -10.25 39.98 9.00
C LYS A 164 -9.34 38.77 8.78
N ASP A 165 -8.23 38.92 8.05
CA ASP A 165 -7.35 37.77 7.77
C ASP A 165 -6.45 37.42 8.96
N HIS A 166 -6.77 36.33 9.65
CA HIS A 166 -5.96 35.85 10.76
C HIS A 166 -5.46 34.43 10.48
N LYS A 167 -5.45 34.05 9.20
CA LYS A 167 -4.99 32.72 8.79
C LYS A 167 -3.57 32.83 8.23
N PHE A 168 -3.11 31.85 7.44
CA PHE A 168 -1.73 31.85 6.95
C PHE A 168 -1.21 33.14 6.34
N VAL A 169 -1.88 33.67 5.31
CA VAL A 169 -1.43 34.90 4.64
C VAL A 169 -1.40 36.09 5.61
N GLY A 170 -2.47 36.29 6.37
CA GLY A 170 -2.54 37.38 7.35
C GLY A 170 -1.40 37.35 8.34
N LYS A 171 -1.12 36.16 8.89
CA LYS A 171 -0.03 35.98 9.85
C LYS A 171 1.35 36.23 9.27
N ILE A 172 1.57 35.84 8.01
CA ILE A 172 2.84 36.11 7.33
C ILE A 172 3.01 37.62 7.16
N ILE A 173 1.93 38.31 6.83
CA ILE A 173 1.96 39.76 6.62
C ILE A 173 2.22 40.53 7.94
N GLN A 174 1.63 40.07 9.05
CA GLN A 174 1.87 40.71 10.36
C GLN A 174 3.32 40.58 10.76
N GLN A 175 3.91 39.40 10.52
CA GLN A 175 5.31 39.16 10.83
C GLN A 175 6.25 40.03 9.98
N ILE A 176 5.93 40.22 8.70
CA ILE A 176 6.76 41.06 7.82
C ILE A 176 6.69 42.55 8.20
N LYS A 177 5.49 43.08 8.39
CA LYS A 177 5.31 44.49 8.75
C LYS A 177 5.89 44.81 10.13
N ALA A 178 5.99 43.80 10.98
CA ALA A 178 6.57 43.93 12.32
C ALA A 178 8.11 43.83 12.26
N GLY A 179 8.66 43.61 11.07
CA GLY A 179 10.11 43.51 10.90
C GLY A 179 10.74 42.28 11.51
N SER A 180 10.00 41.16 11.51
CA SER A 180 10.47 39.90 12.08
C SER A 180 11.86 39.50 11.54
N THR A 181 12.67 38.89 12.40
CA THR A 181 14.03 38.46 12.01
C THR A 181 13.97 37.26 11.05
N SER A 182 13.14 36.28 11.39
CA SER A 182 12.94 35.11 10.54
C SER A 182 11.49 34.63 10.62
N ILE A 183 11.08 33.96 9.55
CA ILE A 183 9.75 33.41 9.41
C ILE A 183 9.99 31.98 9.00
N LYS A 184 9.31 31.04 9.64
CA LYS A 184 9.44 29.63 9.29
C LYS A 184 8.16 29.19 8.61
N ALA A 185 8.28 28.42 7.53
CA ALA A 185 7.11 27.91 6.82
C ALA A 185 7.39 26.48 6.35
N VAL A 186 6.36 25.65 6.42
CA VAL A 186 6.45 24.23 6.07
C VAL A 186 6.67 24.07 4.57
N SER A 187 7.72 23.34 4.22
CA SER A 187 8.08 23.15 2.80
C SER A 187 7.70 21.81 2.20
N ASP A 188 7.33 20.83 3.03
CA ASP A 188 7.05 19.46 2.55
C ASP A 188 5.59 18.99 2.60
N ARG A 189 4.68 19.95 2.53
N ARG A 189 4.66 19.93 2.49
CA ARG A 189 3.24 19.70 2.45
CA ARG A 189 3.23 19.64 2.41
C ARG A 189 2.76 20.67 1.35
C ARG A 189 2.66 20.65 1.41
N LEU A 190 2.13 20.12 0.31
CA LEU A 190 1.69 20.92 -0.80
C LEU A 190 0.17 21.09 -0.92
N GLY A 191 -0.22 22.13 -1.64
CA GLY A 191 -1.62 22.43 -1.86
C GLY A 191 -1.80 23.48 -2.94
N SER A 192 -3.04 23.94 -3.09
CA SER A 192 -3.41 24.96 -4.07
C SER A 192 -4.18 26.03 -3.34
N ILE A 193 -4.07 27.30 -3.77
CA ILE A 193 -4.80 28.38 -3.12
C ILE A 193 -6.08 28.72 -3.87
N THR A 194 -7.08 29.15 -3.10
CA THR A 194 -8.36 29.57 -3.66
C THR A 194 -8.65 30.99 -3.17
N SER A 195 -8.79 31.92 -4.08
CA SER A 195 -9.18 33.30 -3.72
C SER A 195 -10.65 33.37 -3.34
N ALA A 196 -10.97 33.73 -2.10
CA ALA A 196 -12.37 33.85 -1.65
C ALA A 196 -13.16 34.83 -2.50
N GLN A 198 -12.55 35.65 -5.67
CA GLN A 198 -12.77 35.05 -6.99
C GLN A 198 -13.88 33.98 -6.90
N LEU A 199 -13.85 33.22 -5.79
CA LEU A 199 -14.85 32.20 -5.58
C LEU A 199 -16.23 32.86 -5.40
N CYS A 200 -16.28 34.00 -4.71
CA CYS A 200 -17.53 34.74 -4.55
C CYS A 200 -18.09 35.14 -5.92
N ASN A 201 -17.23 35.70 -6.79
CA ASN A 201 -17.64 36.07 -8.15
C ASN A 201 -18.16 34.85 -8.92
N PHE A 202 -17.47 33.72 -8.78
CA PHE A 202 -17.91 32.51 -9.47
C PHE A 202 -19.29 32.07 -8.98
N ILE A 203 -19.50 32.13 -7.68
CA ILE A 203 -20.77 31.71 -7.05
C ILE A 203 -21.95 32.52 -7.55
N ILE A 204 -21.78 33.82 -7.63
CA ILE A 204 -22.83 34.69 -8.14
C ILE A 204 -23.17 34.28 -9.58
N TRP A 205 -22.15 34.02 -10.38
CA TRP A 205 -22.37 33.58 -11.76
C TRP A 205 -23.13 32.25 -11.78
N ALA A 206 -22.69 31.32 -10.93
CA ALA A 206 -23.30 29.97 -10.84
C ALA A 206 -24.77 29.97 -10.39
N ILE A 207 -25.11 30.87 -9.48
CA ILE A 207 -26.49 31.02 -9.01
C ILE A 207 -27.37 31.43 -10.20
N ASN A 208 -26.92 32.42 -10.95
N ASN A 208 -26.90 32.41 -10.96
CA ASN A 208 -27.69 32.88 -12.11
CA ASN A 208 -27.62 32.91 -12.15
C ASN A 208 -27.81 31.83 -13.21
C ASN A 208 -27.83 31.80 -13.17
N LYS A 209 -26.77 31.02 -13.42
CA LYS A 209 -26.83 29.95 -14.41
C LYS A 209 -27.47 28.68 -13.89
N ARG A 210 -27.55 28.54 -12.56
CA ARG A 210 -28.00 27.28 -11.94
C ARG A 210 -27.10 26.14 -12.48
N HIS A 211 -25.78 26.41 -12.52
CA HIS A 211 -24.82 25.40 -12.96
C HIS A 211 -24.84 24.22 -11.99
N THR A 212 -24.69 23.01 -12.53
CA THR A 212 -24.74 21.81 -11.70
C THR A 212 -23.54 20.89 -11.91
N GLY A 213 -23.27 20.04 -10.93
CA GLY A 213 -22.18 19.06 -10.97
C GLY A 213 -21.14 19.31 -9.89
N THR A 214 -19.92 18.83 -10.13
CA THR A 214 -18.82 18.96 -9.17
C THR A 214 -17.68 19.70 -9.87
N LEU A 215 -17.12 20.67 -9.19
CA LEU A 215 -16.09 21.49 -9.79
C LEU A 215 -14.97 21.88 -8.79
N HIS A 216 -13.73 21.88 -9.26
CA HIS A 216 -12.59 22.29 -8.47
C HIS A 216 -12.32 23.76 -8.77
N PHE A 217 -12.26 24.60 -7.74
CA PHE A 217 -12.02 26.05 -7.94
C PHE A 217 -10.76 26.48 -7.16
N ALA A 218 -9.68 26.69 -7.89
CA ALA A 218 -8.41 27.06 -7.30
C ALA A 218 -7.47 27.60 -8.36
N SER A 219 -6.55 28.46 -7.92
CA SER A 219 -5.51 29.02 -8.75
C SER A 219 -4.62 27.86 -9.19
N SER A 220 -4.01 28.04 -10.35
N SER A 220 -4.03 27.99 -10.38
CA SER A 220 -3.14 27.03 -10.91
CA SER A 220 -3.17 26.96 -10.93
C SER A 220 -1.80 26.98 -10.18
C SER A 220 -1.79 26.96 -10.26
N GLY A 221 -1.39 25.78 -9.78
CA GLY A 221 -0.12 25.57 -9.10
C GLY A 221 -0.26 24.72 -7.85
N THR A 222 0.68 23.80 -7.67
CA THR A 222 0.76 22.97 -6.51
C THR A 222 2.01 23.47 -5.81
N ILE A 223 1.80 24.06 -4.63
CA ILE A 223 2.85 24.73 -3.91
C ILE A 223 2.79 24.51 -2.41
N SER A 224 3.87 24.89 -1.73
CA SER A 224 3.97 24.76 -0.28
C SER A 224 3.69 26.08 0.40
N ARG A 225 3.48 26.03 1.71
CA ARG A 225 3.32 27.24 2.52
C ARG A 225 4.61 28.05 2.42
N PHE A 226 5.75 27.36 2.36
CA PHE A 226 7.04 28.02 2.18
C PHE A 226 7.06 28.83 0.87
N ASP A 227 6.57 28.24 -0.23
CA ASP A 227 6.52 28.97 -1.52
C ASP A 227 5.67 30.23 -1.38
N ILE A 228 4.54 30.11 -0.67
CA ILE A 228 3.63 31.25 -0.48
C ILE A 228 4.30 32.34 0.36
N ALA A 229 4.97 31.93 1.43
CA ALA A 229 5.69 32.88 2.31
C ALA A 229 6.77 33.63 1.55
N CYS A 230 7.54 32.91 0.72
CA CYS A 230 8.60 33.52 -0.09
C CYS A 230 8.03 34.51 -1.10
N ALA A 231 6.91 34.16 -1.73
CA ALA A 231 6.29 35.05 -2.70
C ALA A 231 5.81 36.36 -2.05
N ILE A 232 5.27 36.25 -0.83
CA ILE A 232 4.80 37.42 -0.08
C ILE A 232 5.99 38.31 0.31
N GLY A 233 7.10 37.66 0.71
CA GLY A 233 8.33 38.36 1.06
C GLY A 233 8.86 39.21 -0.09
N ASP A 234 8.89 38.63 -1.29
CA ASP A 234 9.34 39.36 -2.47
C ASP A 234 8.44 40.57 -2.71
N LEU A 235 7.13 40.36 -2.67
CA LEU A 235 6.15 41.43 -2.90
C LEU A 235 6.28 42.59 -1.91
N LEU A 236 6.54 42.28 -0.64
CA LEU A 236 6.66 43.32 0.39
C LEU A 236 8.12 43.67 0.75
N ASN A 237 9.06 43.39 -0.16
CA ASN A 237 10.49 43.73 0.03
C ASN A 237 11.07 43.36 1.40
N PHE A 238 10.65 42.20 1.91
CA PHE A 238 11.11 41.69 3.19
C PHE A 238 12.59 41.33 3.06
N LYS A 239 13.39 41.74 4.03
CA LYS A 239 14.84 41.45 4.00
C LYS A 239 15.32 40.49 5.09
N GLY A 240 14.38 39.89 5.83
CA GLY A 240 14.72 38.91 6.86
C GLY A 240 14.84 37.54 6.21
N ASP A 241 14.93 36.50 7.03
CA ASP A 241 15.04 35.14 6.52
C ASP A 241 13.68 34.46 6.47
N ILE A 242 13.47 33.63 5.46
CA ILE A 242 12.26 32.82 5.33
C ILE A 242 12.86 31.42 5.27
N ILE A 243 12.64 30.66 6.34
CA ILE A 243 13.27 29.36 6.52
C ILE A 243 12.31 28.21 6.24
N PRO A 244 12.70 27.30 5.33
CA PRO A 244 11.84 26.17 5.05
C PRO A 244 12.02 25.13 6.14
N VAL A 245 10.92 24.59 6.67
CA VAL A 245 11.01 23.57 7.70
C VAL A 245 10.15 22.37 7.33
N HIS A 246 10.49 21.21 7.87
CA HIS A 246 9.68 20.00 7.67
C HIS A 246 8.42 20.11 8.54
N SER A 247 7.32 19.49 8.09
CA SER A 247 6.06 19.52 8.85
C SER A 247 6.19 18.92 10.27
N SER A 248 7.17 18.04 10.46
CA SER A 248 7.44 17.41 11.76
C SER A 248 7.78 18.41 12.90
N VAL A 249 8.21 19.62 12.57
CA VAL A 249 8.53 20.59 13.62
C VAL A 249 7.27 21.23 14.24
N PHE A 250 6.11 21.03 13.61
CA PHE A 250 4.85 21.53 14.10
C PHE A 250 3.87 20.37 14.23
N PRO A 251 3.96 19.62 15.33
CA PRO A 251 3.04 18.50 15.49
C PRO A 251 1.56 18.94 15.56
N LEU A 252 0.71 18.15 14.92
CA LEU A 252 -0.73 18.43 14.85
C LEU A 252 -1.55 17.15 14.99
N SER A 253 -2.78 17.30 15.46
CA SER A 253 -3.67 16.17 15.66
C SER A 253 -4.03 15.40 14.37
N ALA A 254 -4.31 16.12 13.29
CA ALA A 254 -4.76 15.48 12.07
C ALA A 254 -3.62 15.22 11.11
N PRO A 255 -3.59 14.03 10.54
CA PRO A 255 -2.62 13.75 9.50
C PRO A 255 -2.93 14.64 8.29
N ARG A 256 -1.88 15.09 7.61
CA ARG A 256 -1.99 15.91 6.42
C ARG A 256 -1.27 15.14 5.31
N PRO A 257 -1.81 15.17 4.07
CA PRO A 257 -1.17 14.44 2.98
C PRO A 257 0.05 15.16 2.43
N TYR A 258 0.85 14.49 1.64
CA TYR A 258 2.00 15.14 0.98
C TYR A 258 1.50 16.27 0.11
N SER A 259 0.33 16.06 -0.49
CA SER A 259 -0.31 17.09 -1.25
C SER A 259 -1.81 16.99 -1.24
N GLU A 260 -2.45 18.14 -1.12
CA GLU A 260 -3.91 18.26 -1.31
C GLU A 260 -4.16 19.21 -2.50
N GLY A 261 -3.19 19.31 -3.39
CA GLY A 261 -3.36 20.15 -4.57
C GLY A 261 -4.51 19.68 -5.46
N ILE A 262 -5.30 20.64 -5.95
CA ILE A 262 -6.40 20.35 -6.86
C ILE A 262 -6.33 21.20 -8.12
N GLU A 263 -6.72 20.61 -9.23
CA GLU A 263 -6.82 21.35 -10.49
C GLU A 263 -8.15 20.95 -11.11
N SER A 264 -8.57 21.69 -12.13
CA SER A 264 -9.85 21.43 -12.78
C SER A 264 -9.68 21.07 -14.22
N ILE A 265 -10.46 20.08 -14.66
CA ILE A 265 -10.53 19.72 -16.07
C ILE A 265 -11.86 20.19 -16.67
N TYR A 266 -12.71 20.84 -15.88
CA TYR A 266 -14.02 21.28 -16.37
C TYR A 266 -14.27 22.78 -16.34
N SER A 268 -12.63 25.13 -17.79
CA SER A 268 -12.44 25.74 -19.12
C SER A 268 -13.65 25.70 -20.05
N ILE A 269 -14.55 24.74 -19.88
CA ILE A 269 -15.74 24.69 -20.75
C ILE A 269 -16.82 25.71 -20.33
N LEU A 270 -16.69 26.31 -19.14
CA LEU A 270 -17.64 27.31 -18.66
C LEU A 270 -17.15 28.67 -19.17
N SER A 271 -17.29 28.88 -20.48
CA SER A 271 -16.77 30.08 -21.19
C SER A 271 -16.87 31.44 -20.51
N ASP A 272 -18.07 31.85 -20.13
CA ASP A 272 -18.24 33.19 -19.51
C ASP A 272 -18.12 33.24 -17.96
N ALA A 273 -17.75 32.14 -17.31
CA ALA A 273 -17.64 32.14 -15.84
C ALA A 273 -16.35 32.82 -15.38
N PRO A 274 -16.40 33.58 -14.26
CA PRO A 274 -15.16 34.16 -13.71
C PRO A 274 -14.29 33.03 -13.22
N LYS A 275 -13.03 32.98 -13.63
CA LYS A 275 -12.12 31.88 -13.28
C LYS A 275 -10.90 32.34 -12.50
N PRO A 276 -10.20 31.39 -11.84
CA PRO A 276 -8.95 31.80 -11.20
C PRO A 276 -7.84 31.87 -12.25
N SER A 277 -6.66 32.29 -11.83
CA SER A 277 -5.52 32.41 -12.73
C SER A 277 -4.33 31.67 -12.06
N LEU A 278 -3.10 32.13 -12.31
CA LEU A 278 -1.89 31.54 -11.72
C LEU A 278 -1.82 31.92 -10.26
N TRP A 279 -1.33 31.01 -9.41
CA TRP A 279 -1.26 31.27 -7.97
C TRP A 279 -0.51 32.58 -7.62
N LYS A 280 0.63 32.84 -8.25
CA LYS A 280 1.38 34.06 -7.94
C LYS A 280 0.63 35.32 -8.28
N SER A 281 -0.11 35.31 -9.38
CA SER A 281 -0.89 36.49 -9.80
C SER A 281 -2.05 36.71 -8.86
N ASP A 282 -2.78 35.64 -8.56
CA ASP A 282 -3.92 35.74 -7.65
C ASP A 282 -3.46 36.13 -6.23
N LEU A 283 -2.30 35.64 -5.81
CA LEU A 283 -1.75 35.99 -4.49
C LEU A 283 -1.37 37.46 -4.43
N ALA A 284 -0.62 37.93 -5.45
CA ALA A 284 -0.17 39.32 -5.52
C ALA A 284 -1.34 40.29 -5.42
N LYS A 285 -2.43 39.99 -6.14
CA LYS A 285 -3.62 40.83 -6.05
C LYS A 285 -4.15 40.85 -4.62
N TYR A 286 -4.24 39.69 -3.98
CA TYR A 286 -4.72 39.65 -2.60
C TYR A 286 -3.79 40.43 -1.65
N VAL A 287 -2.48 40.22 -1.81
CA VAL A 287 -1.49 40.90 -0.98
C VAL A 287 -1.58 42.42 -1.16
N GLY A 288 -1.94 42.86 -2.37
CA GLY A 288 -2.09 44.29 -2.66
C GLY A 288 -3.20 44.99 -1.90
N THR A 289 -4.15 44.22 -1.35
CA THR A 289 -5.26 44.81 -0.56
C THR A 289 -4.82 45.19 0.87
N PHE A 290 -3.60 44.80 1.24
CA PHE A 290 -3.03 45.11 2.56
C PHE A 290 -2.16 46.38 2.53
N LEU A 291 -2.00 46.98 1.34
CA LEU A 291 -1.12 48.13 1.16
C LEU A 291 -1.88 49.42 0.83
N LYS B 5 42.01 -9.19 35.31
CA LYS B 5 40.53 -8.98 35.15
C LYS B 5 40.15 -8.57 33.73
N ARG B 6 39.08 -9.19 33.20
CA ARG B 6 38.61 -8.82 31.86
C ARG B 6 37.94 -7.45 32.00
N LYS B 7 38.09 -6.62 30.97
CA LYS B 7 37.61 -5.25 30.98
C LYS B 7 36.29 -5.01 30.19
N ILE B 8 35.30 -4.43 30.88
CA ILE B 8 33.98 -4.09 30.31
C ILE B 8 33.86 -2.57 30.21
N LEU B 9 33.62 -2.06 29.00
CA LEU B 9 33.44 -0.63 28.78
C LEU B 9 31.94 -0.42 28.49
N ILE B 10 31.31 0.52 29.20
CA ILE B 10 29.87 0.78 29.09
C ILE B 10 29.53 2.22 28.69
N THR B 11 28.69 2.37 27.66
CA THR B 11 28.17 3.68 27.27
C THR B 11 26.76 3.74 27.85
N GLY B 12 26.32 4.93 28.26
CA GLY B 12 25.01 5.13 28.86
C GLY B 12 24.84 4.39 30.19
N GLY B 13 25.92 4.29 30.96
CA GLY B 13 25.91 3.61 32.26
C GLY B 13 25.02 4.25 33.33
N THR B 14 24.67 5.51 33.14
CA THR B 14 23.79 6.24 34.08
C THR B 14 22.29 6.23 33.65
N GLY B 15 21.97 5.54 32.55
CA GLY B 15 20.58 5.42 32.08
C GLY B 15 19.83 4.36 32.87
N LEU B 17 18.51 1.37 32.08
CA LEU B 17 19.10 0.02 31.96
C LEU B 17 20.57 0.01 32.40
N GLY B 18 21.33 1.00 31.94
CA GLY B 18 22.76 1.11 32.28
C GLY B 18 23.05 1.06 33.77
N ALA B 19 22.21 1.71 34.57
CA ALA B 19 22.38 1.73 36.01
C ALA B 19 22.17 0.34 36.62
N TYR B 20 21.12 -0.39 36.19
CA TYR B 20 20.90 -1.74 36.73
C TYR B 20 22.10 -2.64 36.40
N VAL B 21 22.60 -2.55 35.17
CA VAL B 21 23.74 -3.35 34.70
C VAL B 21 25.03 -2.99 35.46
N THR B 22 25.37 -1.70 35.52
CA THR B 22 26.54 -1.22 36.23
C THR B 22 26.57 -1.73 37.68
N SER B 23 25.43 -1.68 38.36
CA SER B 23 25.34 -2.15 39.75
C SER B 23 25.52 -3.65 39.84
N ALA B 24 24.93 -4.40 38.92
CA ALA B 24 25.02 -5.86 38.94
C ALA B 24 26.45 -6.36 38.64
N LEU B 25 27.23 -5.56 37.93
CA LEU B 25 28.60 -5.93 37.60
C LEU B 25 29.58 -5.70 38.76
N LYS B 26 29.16 -4.95 39.78
CA LYS B 26 30.04 -4.70 40.95
C LYS B 26 30.29 -5.98 41.74
N ASP B 27 29.35 -6.93 41.64
CA ASP B 27 29.46 -8.20 42.33
C ASP B 27 30.04 -9.26 41.37
N THR B 28 31.08 -8.88 40.63
CA THR B 28 31.75 -9.76 39.65
C THR B 28 33.23 -9.39 39.60
N ASP B 29 34.02 -10.18 38.87
CA ASP B 29 35.46 -9.95 38.74
C ASP B 29 35.90 -9.03 37.58
N TYR B 30 34.95 -8.43 36.86
CA TYR B 30 35.29 -7.56 35.74
C TYR B 30 35.76 -6.17 36.18
N ASN B 31 36.62 -5.57 35.35
CA ASN B 31 37.06 -4.20 35.54
C ASN B 31 36.10 -3.37 34.68
N VAL B 32 35.14 -2.71 35.32
CA VAL B 32 34.11 -1.96 34.61
C VAL B 32 34.48 -0.49 34.43
N ILE B 33 34.49 -0.05 33.18
CA ILE B 33 34.75 1.35 32.84
C ILE B 33 33.45 2.00 32.39
N VAL B 34 32.92 2.90 33.23
CA VAL B 34 31.68 3.61 32.93
C VAL B 34 32.08 4.91 32.24
N THR B 35 31.81 4.99 30.94
CA THR B 35 32.14 6.18 30.18
C THR B 35 31.25 7.34 30.63
N GLU B 36 31.75 8.55 30.42
CA GLU B 36 31.00 9.74 30.77
C GLU B 36 31.35 10.86 29.80
N ARG B 37 30.60 11.96 29.88
CA ARG B 37 30.75 13.07 28.94
C ARG B 37 32.18 13.58 28.69
N ASN B 38 33.09 13.27 29.60
CA ASN B 38 34.49 13.69 29.49
C ASN B 38 35.32 12.70 28.65
N THR B 39 34.87 11.43 28.56
CA THR B 39 35.62 10.40 27.82
C THR B 39 34.94 9.86 26.56
N LEU B 40 33.62 9.98 26.46
CA LEU B 40 32.91 9.48 25.30
C LEU B 40 31.59 10.22 25.22
N ASN B 41 31.41 10.96 24.13
CA ASN B 41 30.23 11.77 23.90
C ASN B 41 29.68 11.40 22.52
N LEU B 42 28.42 10.96 22.47
CA LEU B 42 27.80 10.59 21.19
C LEU B 42 27.86 11.71 20.14
N SER B 43 27.83 12.96 20.62
N SER B 43 27.83 12.96 20.61
CA SER B 43 27.89 14.13 19.76
CA SER B 43 27.89 14.11 19.72
C SER B 43 29.27 14.37 19.15
C SER B 43 29.27 14.36 19.13
N VAL B 44 30.29 13.65 19.63
CA VAL B 44 31.65 13.77 19.13
C VAL B 44 32.11 12.38 18.66
N PRO B 45 31.46 11.82 17.62
CA PRO B 45 31.86 10.49 17.16
C PRO B 45 33.35 10.36 16.77
N GLU B 46 33.97 11.46 16.36
CA GLU B 46 35.41 11.47 15.93
C GLU B 46 36.41 11.04 17.00
N ALA B 47 36.04 11.20 18.26
CA ALA B 47 36.95 10.87 19.39
C ALA B 47 36.75 9.47 19.94
N ILE B 48 35.74 8.76 19.45
CA ILE B 48 35.41 7.45 19.98
C ILE B 48 36.42 6.34 19.69
N PHE B 49 36.79 6.19 18.41
CA PHE B 49 37.70 5.14 18.00
C PHE B 49 39.04 5.19 18.76
N SER B 50 39.65 6.36 18.83
N SER B 50 39.64 6.37 18.82
CA SER B 50 40.92 6.52 19.53
CA SER B 50 40.91 6.56 19.53
C SER B 50 40.81 6.18 21.02
C SER B 50 40.81 6.20 21.00
N TYR B 51 39.72 6.62 21.65
CA TYR B 51 39.52 6.34 23.09
C TYR B 51 39.28 4.86 23.37
N ILE B 52 38.33 4.26 22.68
CA ILE B 52 38.02 2.84 22.92
C ILE B 52 39.20 1.92 22.64
N THR B 53 39.90 2.14 21.53
CA THR B 53 41.05 1.30 21.17
C THR B 53 42.15 1.40 22.23
N ALA B 54 42.36 2.61 22.75
CA ALA B 54 43.35 2.84 23.80
C ALA B 54 42.97 2.05 25.05
N GLU B 55 41.67 2.05 25.40
CA GLU B 55 41.19 1.31 26.57
C GLU B 55 41.30 -0.21 26.44
N LYS B 56 41.24 -0.73 25.22
CA LYS B 56 41.37 -2.18 25.02
C LYS B 56 40.41 -3.03 25.83
N PRO B 57 39.10 -2.71 25.80
CA PRO B 57 38.18 -3.54 26.55
C PRO B 57 38.00 -4.91 25.88
N ASP B 58 37.59 -5.91 26.70
CA ASP B 58 37.25 -7.22 26.18
C ASP B 58 35.77 -7.25 25.77
N VAL B 59 34.95 -6.48 26.50
CA VAL B 59 33.50 -6.38 26.30
C VAL B 59 33.08 -4.91 26.22
N ILE B 60 32.15 -4.62 25.30
CA ILE B 60 31.61 -3.27 25.14
C ILE B 60 30.09 -3.37 25.22
N LEU B 61 29.50 -2.62 26.16
CA LEU B 61 28.04 -2.59 26.31
C LEU B 61 27.61 -1.22 25.84
N HIS B 62 27.03 -1.15 24.64
CA HIS B 62 26.62 0.12 24.05
C HIS B 62 25.15 0.40 24.24
N PHE B 63 24.82 1.05 25.37
CA PHE B 63 23.47 1.41 25.71
C PHE B 63 23.14 2.88 25.41
N ALA B 64 24.15 3.71 25.22
CA ALA B 64 23.91 5.15 24.98
C ALA B 64 23.23 5.39 23.61
N ALA B 65 22.24 6.28 23.60
CA ALA B 65 21.52 6.63 22.37
C ALA B 65 20.64 7.85 22.56
N GLU B 66 20.25 8.48 21.45
CA GLU B 66 19.25 9.55 21.51
C GLU B 66 17.92 8.83 21.37
N THR B 67 17.19 8.74 22.49
CA THR B 67 15.91 8.00 22.56
C THR B 67 14.64 8.86 22.56
N ASP B 68 14.78 10.19 22.45
CA ASP B 68 13.62 11.05 22.35
C ASP B 68 13.16 10.91 20.88
N VAL B 69 12.18 10.03 20.69
CA VAL B 69 11.66 9.72 19.36
C VAL B 69 11.21 10.93 18.57
N ASP B 70 10.57 11.87 19.26
CA ASP B 70 10.06 13.07 18.62
C ASP B 70 11.15 14.04 18.23
N LEU B 71 12.17 14.16 19.10
CA LEU B 71 13.33 15.01 18.80
C LEU B 71 14.02 14.46 17.56
N CYS B 72 14.14 13.13 17.50
CA CYS B 72 14.75 12.47 16.34
C CYS B 72 14.04 12.80 15.04
N GLU B 73 12.71 12.96 15.09
CA GLU B 73 11.95 13.29 13.89
C GLU B 73 12.18 14.74 13.50
N ARG B 74 12.24 15.64 14.48
N ARG B 74 12.23 15.64 14.49
CA ARG B 74 12.48 17.06 14.21
CA ARG B 74 12.50 17.06 14.22
C ARG B 74 13.93 17.34 13.77
C ARG B 74 13.94 17.34 13.77
N GLU B 75 14.89 16.62 14.35
CA GLU B 75 16.32 16.79 14.09
C GLU B 75 16.94 15.44 13.71
N PRO B 76 16.68 14.96 12.49
CA PRO B 76 17.24 13.65 12.10
C PRO B 76 18.77 13.62 12.11
N ALA B 77 19.41 14.78 11.92
CA ALA B 77 20.87 14.89 12.02
C ALA B 77 21.34 14.42 13.39
N ARG B 78 20.61 14.79 14.43
CA ARG B 78 20.96 14.39 15.80
C ARG B 78 20.78 12.89 15.96
N ALA B 79 19.66 12.37 15.45
CA ALA B 79 19.42 10.93 15.48
C ALA B 79 20.56 10.18 14.78
N GLY B 80 20.96 10.68 13.62
CA GLY B 80 22.01 10.03 12.82
C GLY B 80 23.36 10.03 13.53
N ILE B 81 23.81 11.22 13.93
CA ILE B 81 25.07 11.37 14.62
C ILE B 81 25.14 10.50 15.88
N TYR B 82 24.12 10.57 16.74
CA TYR B 82 24.12 9.83 18.01
C TYR B 82 23.92 8.31 17.93
N ASN B 83 23.00 7.88 17.06
CA ASN B 83 22.62 6.47 16.98
C ASN B 83 23.29 5.69 15.88
N HIS B 84 23.63 6.36 14.78
CA HIS B 84 24.31 5.72 13.65
C HIS B 84 25.81 6.01 13.62
N LEU B 85 26.20 7.27 13.43
CA LEU B 85 27.62 7.61 13.30
C LEU B 85 28.47 7.23 14.51
N ALA B 86 27.96 7.46 15.71
CA ALA B 86 28.68 7.09 16.93
C ALA B 86 28.75 5.57 17.04
N THR B 87 27.64 4.90 16.73
CA THR B 87 27.60 3.43 16.78
C THR B 87 28.58 2.84 15.77
N GLU B 88 28.73 3.49 14.62
CA GLU B 88 29.69 3.05 13.60
C GLU B 88 31.12 3.12 14.16
N GLN B 89 31.45 4.20 14.86
CA GLN B 89 32.77 4.31 15.45
C GLN B 89 32.98 3.29 16.56
N ILE B 90 31.94 3.02 17.35
CA ILE B 90 32.04 2.03 18.43
C ILE B 90 32.25 0.63 17.83
N ALA B 91 31.55 0.35 16.74
CA ALA B 91 31.64 -0.95 16.08
C ALA B 91 33.05 -1.15 15.49
N GLN B 92 33.59 -0.12 14.86
CA GLN B 92 34.93 -0.22 14.26
C GLN B 92 35.96 -0.44 15.37
N ALA B 93 35.79 0.25 16.51
CA ALA B 93 36.70 0.09 17.65
C ALA B 93 36.60 -1.31 18.25
N ALA B 94 35.38 -1.84 18.32
CA ALA B 94 35.18 -3.20 18.84
C ALA B 94 35.88 -4.25 17.96
N LYS B 95 35.79 -4.06 16.63
CA LYS B 95 36.44 -4.97 15.69
C LYS B 95 37.97 -4.89 15.82
N PHE B 96 38.48 -3.66 15.92
CA PHE B 96 39.91 -3.40 16.07
C PHE B 96 40.50 -4.08 17.33
N CYS B 97 39.71 -4.17 18.40
CA CYS B 97 40.14 -4.80 19.67
C CYS B 97 39.72 -6.27 19.83
N GLY B 98 38.88 -6.79 18.93
CA GLY B 98 38.38 -8.17 19.07
C GLY B 98 37.37 -8.30 20.22
N ALA B 99 36.76 -7.15 20.59
CA ALA B 99 35.83 -7.14 21.71
C ALA B 99 34.43 -7.59 21.32
N TRP B 100 33.79 -8.37 22.20
CA TRP B 100 32.40 -8.78 22.04
C TRP B 100 31.60 -7.52 22.27
N LEU B 101 30.68 -7.24 21.35
CA LEU B 101 29.87 -6.02 21.40
C LEU B 101 28.36 -6.28 21.58
N LEU B 102 27.79 -5.67 22.62
N LEU B 102 27.80 -5.68 22.63
CA LEU B 102 26.36 -5.79 22.86
CA LEU B 102 26.37 -5.74 22.89
C LEU B 102 25.75 -4.44 22.52
C LEU B 102 25.80 -4.40 22.45
N TYR B 103 24.77 -4.44 21.62
CA TYR B 103 24.09 -3.23 21.15
C TYR B 103 22.62 -3.34 21.49
N LEU B 104 22.15 -2.37 22.27
CA LEU B 104 20.77 -2.30 22.66
C LEU B 104 20.03 -1.57 21.54
N SER B 105 19.11 -2.27 20.89
CA SER B 105 18.30 -1.69 19.81
C SER B 105 16.85 -1.64 20.25
N SER B 106 15.95 -1.42 19.30
CA SER B 106 14.56 -1.17 19.63
C SER B 106 13.53 -1.81 18.73
N SER B 107 12.34 -2.01 19.28
CA SER B 107 11.19 -2.53 18.53
C SER B 107 10.80 -1.56 17.40
N ASN B 108 11.17 -0.29 17.55
CA ASN B 108 10.91 0.74 16.54
C ASN B 108 11.61 0.53 15.19
N VAL B 109 12.45 -0.49 15.04
CA VAL B 109 13.01 -0.78 13.72
C VAL B 109 11.87 -1.36 12.87
N PHE B 110 10.77 -1.77 13.55
CA PHE B 110 9.56 -2.29 12.89
C PHE B 110 8.39 -1.29 12.91
N GLY B 111 7.35 -1.58 12.14
CA GLY B 111 6.13 -0.76 12.17
C GLY B 111 5.53 -0.41 10.83
N GLY B 112 6.39 -0.23 9.82
CA GLY B 112 5.94 0.11 8.49
C GLY B 112 5.01 -0.91 7.86
N GLU B 113 5.18 -2.19 8.19
CA GLU B 113 4.33 -3.22 7.62
C GLU B 113 2.92 -3.14 8.17
N GLY B 114 2.76 -2.67 9.41
CA GLY B 114 1.43 -2.52 9.98
C GLY B 114 0.81 -3.76 10.59
N LYS B 115 1.61 -4.77 10.88
CA LYS B 115 1.02 -5.97 11.49
C LYS B 115 1.10 -5.84 13.01
N LEU B 116 0.49 -6.77 13.74
N LEU B 116 0.64 -6.89 13.71
CA LEU B 116 0.37 -6.64 15.20
CA LEU B 116 0.59 -6.90 15.19
C LEU B 116 1.59 -6.95 16.03
C LEU B 116 1.91 -7.21 15.89
N SER B 117 2.50 -7.79 15.49
N SER B 117 2.57 -8.34 15.59
CA SER B 117 3.74 -8.21 16.21
CA SER B 117 3.80 -8.65 16.30
C SER B 117 4.83 -8.70 15.24
C SER B 117 4.87 -9.05 15.34
N TYR B 118 6.09 -8.62 15.66
CA TYR B 118 7.25 -8.95 14.85
C TYR B 118 8.22 -9.84 15.61
N ASN B 119 8.75 -10.86 14.92
CA ASN B 119 9.76 -11.74 15.53
C ASN B 119 11.09 -11.53 14.82
N GLU B 120 12.14 -12.26 15.23
CA GLU B 120 13.48 -12.09 14.65
C GLU B 120 13.60 -12.35 13.14
N LEU B 121 12.64 -13.06 12.55
CA LEU B 121 12.65 -13.30 11.10
C LEU B 121 12.04 -12.17 10.30
N ASP B 122 11.26 -11.32 10.96
CA ASP B 122 10.64 -10.18 10.26
C ASP B 122 11.72 -9.22 9.86
N ILE B 123 11.59 -8.68 8.64
CA ILE B 123 12.57 -7.77 8.06
C ILE B 123 12.23 -6.37 8.53
N PRO B 124 13.16 -5.69 9.22
CA PRO B 124 12.84 -4.34 9.72
C PRO B 124 12.44 -3.34 8.64
N LEU B 125 11.42 -2.56 8.94
CA LEU B 125 10.91 -1.53 8.04
C LEU B 125 10.42 -0.43 8.96
N PRO B 126 11.31 0.49 9.37
N PRO B 126 11.32 0.47 9.34
CA PRO B 126 10.87 1.52 10.33
CA PRO B 126 10.96 1.57 10.23
C PRO B 126 9.87 2.54 9.79
C PRO B 126 10.24 2.65 9.47
N ASN B 128 9.84 5.87 11.25
CA ASN B 128 10.29 7.18 11.78
C ASN B 128 11.82 7.28 11.85
N TYR B 129 12.37 8.49 11.99
CA TYR B 129 13.83 8.66 11.99
C TYR B 129 14.55 7.99 13.16
N TYR B 130 13.93 7.92 14.34
CA TYR B 130 14.55 7.23 15.47
C TYR B 130 14.80 5.77 15.08
N GLY B 131 13.77 5.10 14.59
CA GLY B 131 13.86 3.70 14.17
C GLY B 131 14.88 3.45 13.08
N ARG B 132 14.91 4.35 12.10
CA ARG B 132 15.87 4.27 11.02
C ARG B 132 17.28 4.39 11.56
N SER B 133 17.48 5.32 12.50
CA SER B 133 18.83 5.55 13.06
C SER B 133 19.30 4.31 13.84
N LYS B 134 18.38 3.67 14.57
CA LYS B 134 18.71 2.46 15.33
C LYS B 134 19.01 1.27 14.38
N LEU B 135 18.25 1.18 13.29
CA LEU B 135 18.43 0.10 12.32
C LEU B 135 19.78 0.21 11.60
N ILE B 136 20.13 1.41 11.15
CA ILE B 136 21.40 1.65 10.47
C ILE B 136 22.53 1.42 11.48
N GLY B 137 22.26 1.68 12.76
CA GLY B 137 23.20 1.38 13.84
C GLY B 137 23.43 -0.12 13.91
N GLU B 138 22.34 -0.91 13.84
CA GLU B 138 22.48 -2.38 13.83
C GLU B 138 23.32 -2.87 12.65
N SER B 139 23.10 -2.28 11.47
CA SER B 139 23.86 -2.63 10.26
C SER B 139 25.35 -2.42 10.48
N SER B 140 25.72 -1.29 11.10
CA SER B 140 27.11 -1.00 11.41
C SER B 140 27.73 -2.07 12.27
N VAL B 141 26.97 -2.52 13.28
CA VAL B 141 27.41 -3.54 14.22
C VAL B 141 27.63 -4.88 13.49
N ARG B 142 26.72 -5.25 12.59
CA ARG B 142 26.86 -6.53 11.86
C ARG B 142 27.97 -6.54 10.83
N ASN B 143 28.10 -5.46 10.07
CA ASN B 143 29.12 -5.33 9.04
C ASN B 143 30.54 -5.30 9.59
N ALA B 144 30.68 -4.79 10.82
CA ALA B 144 31.98 -4.66 11.47
C ALA B 144 32.32 -5.82 12.41
N CYS B 145 31.35 -6.28 13.21
CA CYS B 145 31.59 -7.36 14.20
C CYS B 145 30.92 -8.68 13.84
N THR B 146 31.07 -9.07 12.57
CA THR B 146 30.51 -10.31 11.98
C THR B 146 29.98 -11.41 12.93
N ASN B 147 30.91 -12.04 13.64
CA ASN B 147 30.64 -13.21 14.47
C ASN B 147 30.86 -12.94 15.98
N ASN B 148 30.86 -11.67 16.39
CA ASN B 148 31.19 -11.33 17.78
C ASN B 148 30.34 -10.18 18.34
N HIS B 149 29.03 -10.28 18.14
CA HIS B 149 28.13 -9.25 18.58
C HIS B 149 26.82 -9.83 19.01
N LEU B 150 26.10 -9.05 19.81
CA LEU B 150 24.76 -9.39 20.26
C LEU B 150 23.92 -8.14 20.14
N ILE B 151 22.83 -8.23 19.40
CA ILE B 151 21.92 -7.11 19.24
C ILE B 151 20.65 -7.53 19.94
N ILE B 152 20.25 -6.74 20.94
CA ILE B 152 19.03 -7.04 21.66
C ILE B 152 18.01 -5.94 21.37
N ARG B 153 16.85 -6.32 20.85
CA ARG B 153 15.76 -5.37 20.61
C ARG B 153 14.80 -5.39 21.82
N ALA B 154 14.64 -4.24 22.46
CA ALA B 154 13.73 -4.08 23.59
C ALA B 154 12.50 -3.29 23.13
N GLY B 155 11.39 -3.45 23.84
CA GLY B 155 10.14 -2.74 23.54
C GLY B 155 10.02 -1.48 24.39
N TRP B 156 8.85 -1.29 25.00
CA TRP B 156 8.62 -0.16 25.91
C TRP B 156 9.28 -0.50 27.24
N ILE B 158 10.41 -0.51 30.93
CA ILE B 158 9.86 -0.13 32.26
C ILE B 158 10.97 -0.33 33.30
N GLY B 159 11.26 0.71 34.08
CA GLY B 159 12.29 0.62 35.10
C GLY B 159 12.70 1.94 35.72
N GLY B 160 13.44 1.87 36.82
CA GLY B 160 13.92 3.08 37.51
C GLY B 160 13.32 3.25 38.91
N GLY B 161 12.07 2.85 39.10
CA GLY B 161 11.44 2.96 40.41
C GLY B 161 10.95 4.36 40.77
N PRO B 162 10.39 4.52 41.99
CA PRO B 162 9.82 5.80 42.43
C PRO B 162 10.70 7.04 42.26
N ASP B 163 12.00 6.90 42.50
CA ASP B 163 12.91 8.04 42.40
C ASP B 163 13.38 8.42 40.98
N LYS B 164 13.40 7.45 40.07
CA LYS B 164 13.93 7.71 38.73
C LYS B 164 12.94 7.56 37.57
N ASP B 165 11.84 6.84 37.79
CA ASP B 165 10.88 6.61 36.70
C ASP B 165 10.03 7.84 36.41
N HIS B 166 10.37 8.50 35.31
CA HIS B 166 9.62 9.66 34.85
C HIS B 166 9.09 9.37 33.44
N LYS B 167 9.03 8.08 33.11
CA LYS B 167 8.50 7.67 31.83
C LYS B 167 6.99 7.31 31.98
N PHE B 168 6.44 6.55 31.05
CA PHE B 168 5.02 6.25 31.06
C PHE B 168 4.50 5.70 32.38
N VAL B 169 5.09 4.63 32.89
CA VAL B 169 4.62 4.02 34.14
C VAL B 169 4.69 4.99 35.29
N GLY B 170 5.83 5.68 35.42
CA GLY B 170 6.05 6.65 36.48
C GLY B 170 4.99 7.75 36.49
N LYS B 171 4.66 8.26 35.30
CA LYS B 171 3.66 9.31 35.15
C LYS B 171 2.26 8.87 35.53
N ILE B 172 1.89 7.64 35.15
CA ILE B 172 0.60 7.08 35.49
C ILE B 172 0.52 6.93 37.01
N ILE B 173 1.58 6.40 37.64
CA ILE B 173 1.61 6.23 39.10
C ILE B 173 1.50 7.57 39.85
N GLN B 174 2.20 8.59 39.35
CA GLN B 174 2.16 9.94 39.90
C GLN B 174 0.71 10.50 39.86
N GLN B 175 0.03 10.34 38.73
CA GLN B 175 -1.37 10.82 38.60
C GLN B 175 -2.31 10.06 39.55
N ILE B 176 -2.07 8.76 39.70
CA ILE B 176 -2.86 7.96 40.64
C ILE B 176 -2.64 8.43 42.06
N LYS B 177 -1.39 8.61 42.46
CA LYS B 177 -1.09 9.06 43.83
C LYS B 177 -1.56 10.48 44.12
N ALA B 178 -1.61 11.33 43.09
CA ALA B 178 -2.10 12.69 43.23
C ALA B 178 -3.62 12.76 43.28
N GLY B 179 -4.30 11.63 43.15
CA GLY B 179 -5.75 11.60 43.20
C GLY B 179 -6.49 12.19 42.00
N SER B 180 -5.87 12.17 40.82
N SER B 180 -5.89 12.10 40.81
CA SER B 180 -6.53 12.71 39.64
CA SER B 180 -6.52 12.60 39.58
C SER B 180 -7.89 12.02 39.39
C SER B 180 -7.91 11.99 39.39
N THR B 181 -8.85 12.81 38.95
CA THR B 181 -10.21 12.31 38.71
C THR B 181 -10.27 11.39 37.48
N SER B 182 -9.35 11.62 36.54
CA SER B 182 -9.29 10.79 35.35
C SER B 182 -7.91 10.85 34.72
N ILE B 183 -7.54 9.75 34.08
CA ILE B 183 -6.26 9.62 33.42
C ILE B 183 -6.54 9.18 31.98
N LYS B 184 -6.01 9.92 31.01
CA LYS B 184 -6.14 9.55 29.59
C LYS B 184 -4.96 8.69 29.16
N ALA B 185 -5.21 7.63 28.39
CA ALA B 185 -4.15 6.76 27.94
C ALA B 185 -4.51 6.31 26.51
N VAL B 186 -3.52 6.35 25.63
CA VAL B 186 -3.74 6.04 24.23
C VAL B 186 -4.08 4.58 24.03
N SER B 187 -5.22 4.33 23.39
CA SER B 187 -5.69 2.96 23.18
C SER B 187 -5.39 2.38 21.79
N ASP B 188 -5.00 3.21 20.85
CA ASP B 188 -4.81 2.77 19.45
C ASP B 188 -3.37 2.70 18.92
N ARG B 189 -2.42 2.48 19.82
CA ARG B 189 -1.01 2.25 19.47
C ARG B 189 -0.61 1.12 20.40
N LEU B 190 -0.14 0.03 19.81
CA LEU B 190 0.20 -1.15 20.57
C LEU B 190 1.69 -1.38 20.58
N GLY B 191 2.14 -2.13 21.58
CA GLY B 191 3.55 -2.47 21.75
C GLY B 191 3.72 -3.57 22.77
N SER B 192 4.97 -3.79 23.17
CA SER B 192 5.32 -4.80 24.14
C SER B 192 6.19 -4.16 25.20
N ILE B 193 6.03 -4.60 26.44
CA ILE B 193 6.87 -4.05 27.52
C ILE B 193 8.14 -4.89 27.77
N THR B 194 9.21 -4.22 28.17
CA THR B 194 10.45 -4.90 28.51
C THR B 194 10.86 -4.45 29.89
N SER B 195 10.91 -5.38 30.83
CA SER B 195 11.37 -5.05 32.19
C SER B 195 12.88 -4.85 32.20
N ALA B 196 13.32 -3.65 32.56
CA ALA B 196 14.75 -3.35 32.62
C ALA B 196 15.50 -4.28 33.59
N GLN B 198 14.83 -7.31 34.53
N GLN B 198 14.57 -7.66 34.31
CA GLN B 198 14.92 -8.65 33.90
CA GLN B 198 14.86 -8.97 33.74
C GLN B 198 15.94 -8.67 32.75
C GLN B 198 15.82 -8.82 32.55
N LEU B 199 15.90 -7.62 31.94
CA LEU B 199 16.84 -7.42 30.81
C LEU B 199 18.27 -7.33 31.36
N CYS B 200 18.42 -6.71 32.53
CA CYS B 200 19.73 -6.63 33.17
C CYS B 200 20.22 -8.04 33.49
N ASN B 201 19.34 -8.87 34.06
CA ASN B 201 19.68 -10.26 34.40
C ASN B 201 20.04 -11.04 33.15
N PHE B 202 19.33 -10.81 32.06
CA PHE B 202 19.65 -11.49 30.82
C PHE B 202 21.02 -11.04 30.31
N ILE B 203 21.30 -9.74 30.39
CA ILE B 203 22.57 -9.20 29.92
C ILE B 203 23.75 -9.79 30.69
N ILE B 204 23.65 -9.92 32.01
CA ILE B 204 24.75 -10.52 32.79
C ILE B 204 25.03 -11.92 32.27
N TRP B 205 23.97 -12.70 32.04
CA TRP B 205 24.08 -14.07 31.52
C TRP B 205 24.71 -14.08 30.13
N ALA B 206 24.31 -13.13 29.28
CA ALA B 206 24.81 -13.02 27.90
C ALA B 206 26.31 -12.71 27.83
N ILE B 207 26.76 -11.81 28.71
CA ILE B 207 28.17 -11.43 28.80
C ILE B 207 29.02 -12.67 29.11
N ASN B 208 28.57 -13.44 30.10
CA ASN B 208 29.30 -14.65 30.53
C ASN B 208 29.27 -15.78 29.49
N LYS B 209 28.22 -15.89 28.69
CA LYS B 209 28.15 -16.91 27.63
C LYS B 209 28.70 -16.38 26.33
N ARG B 210 28.88 -15.06 26.25
CA ARG B 210 29.30 -14.40 25.01
C ARG B 210 28.30 -14.78 23.91
N HIS B 211 27.01 -14.83 24.25
CA HIS B 211 25.97 -15.18 23.27
C HIS B 211 25.99 -14.17 22.12
N THR B 212 25.74 -14.64 20.90
CA THR B 212 25.76 -13.79 19.71
C THR B 212 24.49 -13.92 18.89
N GLY B 213 24.26 -12.94 18.02
CA GLY B 213 23.11 -12.92 17.12
C GLY B 213 22.23 -11.72 17.37
N THR B 214 20.95 -11.86 17.01
CA THR B 214 19.94 -10.81 17.23
C THR B 214 18.81 -11.46 17.98
N LEU B 215 18.35 -10.79 19.04
N LEU B 215 18.35 -10.79 19.04
CA LEU B 215 17.30 -11.31 19.90
CA LEU B 215 17.28 -11.28 19.88
C LEU B 215 16.32 -10.24 20.35
C LEU B 215 16.29 -10.19 20.25
N HIS B 216 15.03 -10.60 20.42
CA HIS B 216 13.99 -9.71 20.90
C HIS B 216 13.78 -10.10 22.36
N PHE B 217 13.78 -9.11 23.26
CA PHE B 217 13.59 -9.35 24.68
C PHE B 217 12.44 -8.49 25.19
N ALA B 218 11.29 -9.12 25.39
CA ALA B 218 10.12 -8.41 25.87
C ALA B 218 9.15 -9.39 26.49
N SER B 219 8.34 -8.86 27.41
CA SER B 219 7.33 -9.67 28.06
C SER B 219 6.29 -10.08 27.01
N SER B 220 5.64 -11.20 27.27
CA SER B 220 4.62 -11.75 26.39
C SER B 220 3.33 -10.90 26.40
N GLY B 221 2.89 -10.48 25.21
CA GLY B 221 1.65 -9.71 25.04
C GLY B 221 1.82 -8.43 24.22
N THR B 222 0.88 -8.19 23.31
CA THR B 222 0.87 -6.98 22.51
C THR B 222 -0.28 -6.17 23.09
N ILE B 223 0.04 -5.02 23.66
CA ILE B 223 -0.92 -4.21 24.39
C ILE B 223 -0.78 -2.73 24.14
N SER B 224 -1.78 -1.97 24.58
CA SER B 224 -1.78 -0.50 24.44
C SER B 224 -1.39 0.16 25.74
N ARG B 225 -1.06 1.46 25.65
N ARG B 225 -1.09 1.47 25.65
CA ARG B 225 -0.77 2.24 26.83
CA ARG B 225 -0.79 2.25 26.84
C ARG B 225 -2.02 2.25 27.75
C ARG B 225 -2.01 2.24 27.76
N PHE B 226 -3.20 2.22 27.15
CA PHE B 226 -4.46 2.15 27.90
C PHE B 226 -4.51 0.86 28.72
N ASP B 227 -4.19 -0.29 28.10
CA ASP B 227 -4.18 -1.58 28.83
C ASP B 227 -3.24 -1.51 30.02
N ILE B 228 -2.07 -0.91 29.81
CA ILE B 228 -1.07 -0.77 30.87
C ILE B 228 -1.58 0.13 32.00
N ALA B 229 -2.15 1.29 31.65
CA ALA B 229 -2.67 2.21 32.67
C ALA B 229 -3.77 1.52 33.49
N CYS B 230 -4.64 0.75 32.81
CA CYS B 230 -5.72 0.02 33.49
C CYS B 230 -5.15 -1.01 34.47
N ALA B 231 -4.09 -1.69 34.07
CA ALA B 231 -3.47 -2.71 34.94
C ALA B 231 -2.84 -2.06 36.18
N ILE B 232 -2.18 -0.91 35.97
CA ILE B 232 -1.58 -0.18 37.09
C ILE B 232 -2.68 0.30 38.04
N GLY B 233 -3.75 0.86 37.47
CA GLY B 233 -4.89 1.33 38.24
C GLY B 233 -5.41 0.24 39.16
N ASP B 234 -5.62 -0.94 38.62
CA ASP B 234 -6.07 -2.08 39.39
C ASP B 234 -5.09 -2.39 40.51
N LEU B 235 -3.80 -2.45 40.20
CA LEU B 235 -2.78 -2.78 41.21
C LEU B 235 -2.72 -1.75 42.34
N LEU B 236 -2.99 -0.49 42.05
CA LEU B 236 -2.94 0.55 43.08
C LEU B 236 -4.31 0.94 43.66
N ASN B 237 -5.36 0.19 43.29
N ASN B 237 -5.36 0.18 43.30
CA ASN B 237 -6.72 0.44 43.77
CA ASN B 237 -6.72 0.46 43.76
C ASN B 237 -7.16 1.88 43.41
C ASN B 237 -7.17 1.88 43.41
N PHE B 238 -6.86 2.31 42.18
CA PHE B 238 -7.24 3.64 41.71
C PHE B 238 -8.75 3.71 41.56
N LYS B 239 -9.34 4.80 42.03
CA LYS B 239 -10.77 4.99 41.99
C LYS B 239 -11.26 5.93 40.90
N GLY B 240 -10.35 6.66 40.26
CA GLY B 240 -10.74 7.55 39.19
C GLY B 240 -10.99 6.79 37.89
N ASP B 241 -11.27 7.54 36.84
CA ASP B 241 -11.51 6.94 35.53
C ASP B 241 -10.24 6.87 34.69
N ILE B 242 -10.03 5.74 34.02
CA ILE B 242 -8.93 5.61 33.08
C ILE B 242 -9.66 5.64 31.73
N ILE B 243 -9.39 6.67 30.94
N ILE B 243 -9.44 6.68 30.95
CA ILE B 243 -10.09 6.94 29.69
CA ILE B 243 -10.15 6.89 29.70
C ILE B 243 -9.25 6.54 28.46
C ILE B 243 -9.29 6.56 28.47
N PRO B 244 -9.80 5.66 27.60
CA PRO B 244 -9.02 5.31 26.40
C PRO B 244 -9.19 6.42 25.37
N VAL B 245 -8.10 6.99 24.89
CA VAL B 245 -8.17 8.03 23.87
C VAL B 245 -7.37 7.66 22.62
N HIS B 246 -7.74 8.28 21.50
CA HIS B 246 -7.03 8.09 20.25
C HIS B 246 -5.74 8.90 20.28
N SER B 247 -4.74 8.46 19.51
N SER B 247 -4.76 8.47 19.48
CA SER B 247 -3.44 9.17 19.52
CA SER B 247 -3.46 9.14 19.41
C SER B 247 -3.55 10.61 19.05
C SER B 247 -3.56 10.60 19.04
N SER B 248 -4.58 10.95 18.28
CA SER B 248 -4.78 12.36 17.83
C SER B 248 -4.91 13.39 18.97
N VAL B 249 -5.32 12.92 20.14
CA VAL B 249 -5.49 13.77 21.31
C VAL B 249 -4.14 14.30 21.84
N PHE B 250 -3.07 13.57 21.54
CA PHE B 250 -1.72 13.95 21.95
C PHE B 250 -0.86 14.04 20.70
N PRO B 251 -0.89 15.17 20.00
CA PRO B 251 -0.08 15.30 18.79
C PRO B 251 1.40 15.17 19.09
N LEU B 252 2.12 14.38 18.28
CA LEU B 252 3.56 14.18 18.44
C LEU B 252 4.25 14.30 17.09
N SER B 253 5.49 14.75 17.07
CA SER B 253 6.22 14.91 15.78
C SER B 253 6.48 13.60 15.04
N ALA B 254 6.83 12.54 15.75
CA ALA B 254 7.17 11.29 15.08
C ALA B 254 5.98 10.37 14.86
N PRO B 255 5.82 9.86 13.63
CA PRO B 255 4.71 8.92 13.43
C PRO B 255 4.97 7.64 14.23
N ARG B 256 3.90 7.04 14.75
CA ARG B 256 4.01 5.81 15.52
C ARG B 256 3.19 4.77 14.77
N PRO B 257 3.67 3.51 14.69
CA PRO B 257 2.93 2.50 13.96
C PRO B 257 1.70 2.01 14.72
N TYR B 258 0.82 1.28 14.02
CA TYR B 258 -0.33 0.67 14.69
C TYR B 258 0.16 -0.27 15.81
N SER B 259 1.30 -0.92 15.58
CA SER B 259 1.91 -1.78 16.58
C SER B 259 3.41 -1.91 16.37
N GLU B 260 4.13 -1.90 17.50
CA GLU B 260 5.55 -2.15 17.51
C GLU B 260 5.80 -3.32 18.45
N GLY B 261 4.77 -4.16 18.62
CA GLY B 261 4.90 -5.34 19.47
C GLY B 261 5.97 -6.25 18.89
N ILE B 262 6.74 -6.88 19.78
CA ILE B 262 7.77 -7.84 19.37
C ILE B 262 7.63 -9.09 20.20
N GLU B 263 7.98 -10.21 19.58
CA GLU B 263 8.02 -11.49 20.27
C GLU B 263 9.26 -12.20 19.79
N SER B 264 9.67 -13.25 20.49
CA SER B 264 10.85 -13.97 20.12
C SER B 264 10.58 -15.40 19.77
N ILE B 265 11.26 -15.85 18.71
CA ILE B 265 11.23 -17.25 18.30
C ILE B 265 12.53 -17.94 18.73
N TYR B 266 13.52 -17.17 19.21
CA TYR B 266 14.80 -17.70 19.62
C TYR B 266 15.10 -17.72 21.13
N SER B 268 13.45 -19.02 23.55
CA SER B 268 13.16 -20.37 24.04
C SER B 268 14.33 -21.37 24.01
N ILE B 269 15.17 -21.29 22.99
CA ILE B 269 16.29 -22.23 22.87
C ILE B 269 17.42 -21.99 23.90
N LEU B 270 17.45 -20.80 24.53
CA LEU B 270 18.47 -20.49 25.54
C LEU B 270 18.01 -21.04 26.90
N SER B 271 18.20 -22.35 27.06
CA SER B 271 17.75 -23.11 28.25
C SER B 271 17.87 -22.43 29.61
N ASP B 272 19.08 -22.08 30.01
CA ASP B 272 19.30 -21.50 31.35
C ASP B 272 19.37 -19.97 31.43
N ALA B 273 19.02 -19.27 30.35
CA ALA B 273 19.04 -17.81 30.38
C ALA B 273 17.83 -17.27 31.16
N PRO B 274 17.97 -16.15 31.87
CA PRO B 274 16.80 -15.58 32.56
C PRO B 274 15.81 -15.07 31.50
N LYS B 275 14.53 -15.47 31.59
CA LYS B 275 13.52 -15.12 30.59
C LYS B 275 12.51 -14.09 31.09
N PRO B 276 11.87 -13.36 30.16
CA PRO B 276 10.78 -12.49 30.56
C PRO B 276 9.53 -13.38 30.72
N SER B 277 8.49 -12.85 31.35
CA SER B 277 7.26 -13.62 31.58
C SER B 277 6.07 -12.92 30.89
N LEU B 278 4.86 -13.10 31.41
CA LEU B 278 3.65 -12.45 30.87
C LEU B 278 3.69 -10.97 31.27
N TRP B 279 3.21 -10.09 30.39
CA TRP B 279 3.25 -8.66 30.68
C TRP B 279 2.62 -8.23 32.02
N LYS B 280 1.52 -8.84 32.44
N LYS B 280 1.40 -8.67 32.30
CA LYS B 280 0.92 -8.50 33.75
CA LYS B 280 0.67 -8.25 33.52
C LYS B 280 1.75 -8.94 34.95
C LYS B 280 1.47 -8.56 34.77
N SER B 281 2.31 -10.16 34.92
N SER B 281 2.03 -9.77 34.78
CA SER B 281 3.15 -10.60 36.03
CA SER B 281 2.86 -10.24 35.89
C SER B 281 4.37 -9.70 36.11
C SER B 281 4.13 -9.41 36.02
N ASP B 282 4.93 -9.33 34.95
CA ASP B 282 6.15 -8.50 34.93
C ASP B 282 5.87 -7.04 35.33
N LEU B 283 4.73 -6.54 34.90
CA LEU B 283 4.33 -5.18 35.27
C LEU B 283 4.02 -5.13 36.77
N ALA B 284 3.31 -6.14 37.26
CA ALA B 284 2.94 -6.18 38.69
C ALA B 284 4.17 -6.14 39.59
N LYS B 285 5.20 -6.94 39.27
CA LYS B 285 6.44 -6.95 40.07
C LYS B 285 7.10 -5.58 40.09
N TYR B 286 7.11 -4.90 38.95
CA TYR B 286 7.72 -3.58 38.89
C TYR B 286 6.89 -2.54 39.65
N VAL B 287 5.57 -2.55 39.46
CA VAL B 287 4.70 -1.61 40.17
C VAL B 287 4.81 -1.84 41.67
N GLY B 288 5.05 -3.09 42.08
CA GLY B 288 5.22 -3.41 43.50
C GLY B 288 6.35 -2.65 44.17
N THR B 289 7.36 -2.25 43.39
CA THR B 289 8.50 -1.49 43.94
C THR B 289 8.17 -0.04 44.30
N PHE B 290 7.00 0.46 43.88
CA PHE B 290 6.60 1.83 44.22
C PHE B 290 5.94 1.87 45.61
N LEU B 291 5.39 0.74 46.04
CA LEU B 291 4.76 0.57 47.37
C LEU B 291 4.43 -0.90 47.59
N LYS C 5 54.58 8.12 -4.70
CA LYS C 5 53.60 8.83 -5.59
C LYS C 5 52.27 8.04 -5.56
N ARG C 6 51.24 8.62 -4.95
N ARG C 6 51.24 8.62 -4.95
CA ARG C 6 49.93 7.96 -4.81
CA ARG C 6 49.93 7.96 -4.81
C ARG C 6 49.20 7.79 -6.15
C ARG C 6 49.19 7.80 -6.15
N LYS C 7 48.74 6.58 -6.42
CA LYS C 7 48.03 6.27 -7.67
C LYS C 7 46.49 6.32 -7.55
N ILE C 8 45.86 7.11 -8.43
CA ILE C 8 44.41 7.21 -8.54
C ILE C 8 43.99 6.54 -9.88
N LEU C 9 43.03 5.61 -9.82
N LEU C 9 43.05 5.60 -9.80
CA LEU C 9 42.51 4.93 -11.02
CA LEU C 9 42.48 4.95 -10.98
C LEU C 9 41.04 5.34 -11.19
C LEU C 9 41.07 5.51 -11.13
N ILE C 10 40.73 5.93 -12.33
CA ILE C 10 39.40 6.49 -12.61
C ILE C 10 38.64 5.77 -13.74
N THR C 11 37.41 5.35 -13.43
CA THR C 11 36.50 4.79 -14.45
C THR C 11 35.59 5.95 -14.84
N GLY C 12 35.17 6.00 -16.10
CA GLY C 12 34.28 7.06 -16.61
C GLY C 12 34.96 8.41 -16.58
N GLY C 13 36.28 8.41 -16.74
CA GLY C 13 37.05 9.64 -16.69
C GLY C 13 36.75 10.64 -17.80
N THR C 14 36.16 10.18 -18.90
CA THR C 14 35.82 11.08 -20.02
C THR C 14 34.35 11.50 -19.98
N GLY C 15 33.63 11.07 -18.95
CA GLY C 15 32.24 11.49 -18.77
C GLY C 15 32.25 12.94 -18.30
N LEU C 17 31.28 14.51 -15.39
CA LEU C 17 31.88 14.68 -14.06
C LEU C 17 33.32 14.20 -14.03
N GLY C 18 33.53 13.00 -14.55
CA GLY C 18 34.87 12.41 -14.59
C GLY C 18 35.92 13.31 -15.22
N ALA C 19 35.53 14.02 -16.28
CA ALA C 19 36.44 14.92 -16.97
C ALA C 19 36.81 16.10 -16.08
N TYR C 20 35.85 16.60 -15.30
CA TYR C 20 36.14 17.71 -14.38
C TYR C 20 37.13 17.28 -13.30
N VAL C 21 36.91 16.08 -12.75
CA VAL C 21 37.77 15.55 -11.71
C VAL C 21 39.20 15.27 -12.25
N THR C 22 39.28 14.66 -13.44
CA THR C 22 40.55 14.35 -14.08
C THR C 22 41.35 15.64 -14.30
N SER C 23 40.67 16.65 -14.80
CA SER C 23 41.27 17.96 -15.04
C SER C 23 41.78 18.61 -13.72
N ALA C 24 40.97 18.58 -12.67
CA ALA C 24 41.35 19.17 -11.38
C ALA C 24 42.53 18.47 -10.71
N LEU C 25 42.73 17.18 -11.00
CA LEU C 25 43.84 16.42 -10.43
C LEU C 25 45.19 16.66 -11.15
N LYS C 26 45.18 17.43 -12.24
CA LYS C 26 46.43 17.69 -12.99
C LYS C 26 47.48 18.45 -12.20
N ASP C 27 47.06 19.38 -11.36
CA ASP C 27 48.00 20.15 -10.52
C ASP C 27 48.05 19.58 -9.10
N THR C 28 48.29 18.28 -9.02
CA THR C 28 48.45 17.53 -7.77
C THR C 28 49.62 16.57 -7.99
N ASP C 29 50.05 15.92 -6.93
CA ASP C 29 51.16 14.96 -7.01
C ASP C 29 50.71 13.53 -7.27
N TYR C 30 49.43 13.33 -7.57
CA TYR C 30 48.93 11.99 -7.85
C TYR C 30 49.29 11.53 -9.26
N ASN C 31 49.50 10.21 -9.36
CA ASN C 31 49.71 9.51 -10.61
C ASN C 31 48.27 9.06 -10.98
N VAL C 32 47.66 9.72 -11.98
CA VAL C 32 46.28 9.45 -12.37
C VAL C 32 46.20 8.53 -13.58
N ILE C 33 45.45 7.44 -13.45
CA ILE C 33 45.23 6.48 -14.54
C ILE C 33 43.77 6.51 -14.89
N VAL C 34 43.48 6.91 -16.12
CA VAL C 34 42.11 6.99 -16.64
C VAL C 34 41.92 5.74 -17.48
N THR C 35 40.99 4.86 -17.09
CA THR C 35 40.79 3.63 -17.85
C THR C 35 40.19 3.91 -19.22
N GLU C 36 40.47 3.01 -20.15
CA GLU C 36 40.00 3.12 -21.52
C GLU C 36 39.55 1.76 -22.00
N ARG C 37 39.01 1.72 -23.22
CA ARG C 37 38.51 0.48 -23.79
C ARG C 37 39.56 -0.63 -23.83
N ASN C 38 40.84 -0.28 -23.97
CA ASN C 38 41.87 -1.33 -24.01
C ASN C 38 42.21 -1.92 -22.62
N THR C 39 41.71 -1.33 -21.52
CA THR C 39 42.01 -1.84 -20.16
C THR C 39 40.78 -2.23 -19.32
N LEU C 40 39.65 -1.52 -19.49
CA LEU C 40 38.48 -1.81 -18.67
C LEU C 40 37.17 -1.41 -19.35
N ASN C 41 36.22 -2.33 -19.33
CA ASN C 41 34.90 -2.09 -19.89
C ASN C 41 33.84 -2.61 -18.92
N LEU C 42 32.87 -1.75 -18.60
CA LEU C 42 31.76 -2.18 -17.75
C LEU C 42 31.02 -3.38 -18.35
N SER C 43 31.04 -3.50 -19.68
CA SER C 43 30.38 -4.63 -20.37
C SER C 43 31.08 -5.98 -20.14
N VAL C 44 32.33 -5.93 -19.68
CA VAL C 44 33.12 -7.13 -19.42
C VAL C 44 33.62 -7.08 -17.97
N PRO C 45 32.71 -7.30 -17.00
CA PRO C 45 33.11 -7.31 -15.59
C PRO C 45 34.10 -8.42 -15.25
N GLU C 46 34.09 -9.49 -16.05
CA GLU C 46 34.96 -10.65 -15.85
C GLU C 46 36.46 -10.35 -15.99
N ALA C 47 36.82 -9.23 -16.63
CA ALA C 47 38.22 -8.83 -16.83
C ALA C 47 38.69 -7.69 -15.90
N ILE C 48 37.80 -7.21 -15.04
CA ILE C 48 38.11 -6.06 -14.16
C ILE C 48 39.06 -6.34 -12.98
N PHE C 49 38.79 -7.42 -12.23
CA PHE C 49 39.57 -7.74 -11.04
C PHE C 49 41.07 -7.87 -11.31
N SER C 50 41.41 -8.66 -12.33
N SER C 50 41.41 -8.66 -12.34
CA SER C 50 42.81 -8.89 -12.69
CA SER C 50 42.81 -8.90 -12.70
C SER C 50 43.51 -7.59 -13.06
C SER C 50 43.52 -7.62 -13.10
N TYR C 51 42.82 -6.74 -13.82
CA TYR C 51 43.40 -5.48 -14.24
C TYR C 51 43.62 -4.50 -13.09
N ILE C 52 42.58 -4.24 -12.30
CA ILE C 52 42.72 -3.29 -11.19
C ILE C 52 43.75 -3.76 -10.15
N THR C 53 43.74 -5.05 -9.81
CA THR C 53 44.69 -5.57 -8.82
C THR C 53 46.13 -5.47 -9.35
N ALA C 54 46.31 -5.63 -10.67
CA ALA C 54 47.64 -5.49 -11.24
C ALA C 54 48.10 -4.04 -11.15
N GLU C 55 47.20 -3.07 -11.32
CA GLU C 55 47.57 -1.64 -11.21
C GLU C 55 47.88 -1.20 -9.77
N LYS C 56 47.32 -1.92 -8.79
CA LYS C 56 47.52 -1.60 -7.36
C LYS C 56 47.30 -0.13 -7.04
N PRO C 57 46.14 0.43 -7.41
CA PRO C 57 45.91 1.85 -7.08
C PRO C 57 45.73 2.07 -5.59
N ASP C 58 45.96 3.31 -5.15
CA ASP C 58 45.74 3.68 -3.76
C ASP C 58 44.32 4.20 -3.58
N VAL C 59 43.80 4.76 -4.67
CA VAL C 59 42.47 5.36 -4.70
C VAL C 59 41.77 4.94 -5.98
N ILE C 60 40.47 4.65 -5.90
CA ILE C 60 39.69 4.34 -7.08
C ILE C 60 38.47 5.26 -7.10
N LEU C 61 38.27 5.96 -8.22
CA LEU C 61 37.11 6.85 -8.40
C LEU C 61 36.23 6.15 -9.44
N HIS C 62 35.10 5.58 -9.00
CA HIS C 62 34.24 4.83 -9.88
C HIS C 62 33.05 5.65 -10.35
N PHE C 63 33.22 6.35 -11.47
CA PHE C 63 32.17 7.21 -12.06
C PHE C 63 31.43 6.60 -13.23
N ALA C 64 31.99 5.55 -13.85
CA ALA C 64 31.34 4.95 -15.01
C ALA C 64 30.07 4.21 -14.63
N ALA C 65 29.05 4.37 -15.44
CA ALA C 65 27.77 3.71 -15.19
C ALA C 65 26.87 3.83 -16.41
N GLU C 66 25.85 2.97 -16.46
CA GLU C 66 24.83 3.07 -17.48
C GLU C 66 23.77 3.97 -16.83
N THR C 67 23.67 5.22 -17.29
CA THR C 67 22.75 6.20 -16.70
C THR C 67 21.49 6.50 -17.52
N ASP C 68 21.30 5.82 -18.64
CA ASP C 68 20.08 5.99 -19.42
C ASP C 68 19.03 5.18 -18.66
N VAL C 69 18.22 5.88 -17.88
CA VAL C 69 17.21 5.25 -17.04
C VAL C 69 16.20 4.39 -17.83
N ASP C 70 15.78 4.89 -18.99
CA ASP C 70 14.80 4.20 -19.85
C ASP C 70 15.39 2.94 -20.50
N LEU C 71 16.65 3.02 -20.92
CA LEU C 71 17.36 1.86 -21.46
C LEU C 71 17.51 0.80 -20.37
N CYS C 72 17.85 1.23 -19.16
CA CYS C 72 17.94 0.28 -18.02
C CYS C 72 16.64 -0.50 -17.79
N GLU C 73 15.50 0.16 -17.98
CA GLU C 73 14.21 -0.48 -17.77
C GLU C 73 13.91 -1.50 -18.87
N ARG C 74 14.20 -1.13 -20.12
CA ARG C 74 13.98 -2.03 -21.23
C ARG C 74 14.97 -3.19 -21.23
N GLU C 75 16.20 -2.91 -20.81
CA GLU C 75 17.27 -3.90 -20.80
C GLU C 75 17.92 -3.99 -19.41
N PRO C 76 17.19 -4.59 -18.47
CA PRO C 76 17.77 -4.69 -17.12
C PRO C 76 19.10 -5.47 -17.08
N ALA C 77 19.34 -6.35 -18.06
CA ALA C 77 20.59 -7.09 -18.09
C ALA C 77 21.77 -6.12 -18.24
N ARG C 78 21.60 -5.09 -19.07
CA ARG C 78 22.64 -4.11 -19.28
C ARG C 78 22.85 -3.29 -17.99
N ALA C 79 21.74 -2.85 -17.39
CA ALA C 79 21.81 -2.10 -16.13
C ALA C 79 22.53 -2.92 -15.08
N GLY C 80 22.22 -4.22 -15.02
CA GLY C 80 22.84 -5.08 -14.01
C GLY C 80 24.32 -5.34 -14.26
N ILE C 81 24.65 -5.70 -15.49
CA ILE C 81 26.05 -5.96 -15.85
C ILE C 81 26.93 -4.73 -15.60
N TYR C 82 26.48 -3.59 -16.09
CA TYR C 82 27.22 -2.33 -16.02
C TYR C 82 27.32 -1.69 -14.66
N ASN C 83 26.19 -1.62 -13.94
CA ASN C 83 26.10 -0.95 -12.65
C ASN C 83 26.27 -1.87 -11.43
N HIS C 84 25.87 -3.13 -11.55
CA HIS C 84 25.98 -4.07 -10.44
C HIS C 84 27.22 -4.97 -10.55
N LEU C 85 27.26 -5.85 -11.56
CA LEU C 85 28.38 -6.80 -11.67
C LEU C 85 29.73 -6.12 -11.81
N ALA C 86 29.82 -5.08 -12.65
CA ALA C 86 31.07 -4.38 -12.82
C ALA C 86 31.50 -3.74 -11.50
N THR C 87 30.55 -3.09 -10.83
CA THR C 87 30.82 -2.45 -9.53
C THR C 87 31.29 -3.47 -8.47
N GLU C 88 30.68 -4.65 -8.45
CA GLU C 88 31.10 -5.71 -7.52
C GLU C 88 32.58 -6.08 -7.73
N GLN C 89 33.00 -6.23 -8.99
CA GLN C 89 34.40 -6.57 -9.31
C GLN C 89 35.35 -5.42 -8.94
N ILE C 90 34.89 -4.19 -9.15
CA ILE C 90 35.67 -3.00 -8.77
C ILE C 90 35.85 -2.95 -7.24
N ALA C 91 34.80 -3.28 -6.51
CA ALA C 91 34.84 -3.30 -5.03
C ALA C 91 35.76 -4.42 -4.49
N GLN C 92 35.67 -5.61 -5.08
CA GLN C 92 36.52 -6.73 -4.68
C GLN C 92 37.99 -6.39 -4.95
N ALA C 93 38.26 -5.71 -6.05
CA ALA C 93 39.64 -5.31 -6.39
C ALA C 93 40.15 -4.26 -5.41
N ALA C 94 39.31 -3.30 -5.07
CA ALA C 94 39.66 -2.26 -4.11
C ALA C 94 39.99 -2.89 -2.76
N LYS C 95 39.16 -3.82 -2.32
CA LYS C 95 39.42 -4.50 -1.06
C LYS C 95 40.76 -5.26 -1.11
N PHE C 96 41.02 -5.97 -2.20
CA PHE C 96 42.27 -6.73 -2.35
C PHE C 96 43.52 -5.81 -2.33
N CYS C 97 43.40 -4.62 -2.93
CA CYS C 97 44.49 -3.64 -2.98
C CYS C 97 44.60 -2.76 -1.75
N GLY C 98 43.57 -2.73 -0.92
CA GLY C 98 43.54 -1.82 0.22
C GLY C 98 43.28 -0.40 -0.24
N ALA C 99 42.63 -0.22 -1.40
CA ALA C 99 42.35 1.11 -1.91
C ALA C 99 41.06 1.74 -1.37
N TRP C 100 41.09 3.06 -1.22
CA TRP C 100 39.92 3.85 -0.84
C TRP C 100 39.09 3.96 -2.12
N LEU C 101 37.82 3.59 -2.04
CA LEU C 101 36.92 3.58 -3.18
C LEU C 101 35.79 4.60 -3.11
N LEU C 102 35.75 5.49 -4.10
CA LEU C 102 34.67 6.46 -4.26
C LEU C 102 33.67 5.93 -5.30
N TYR C 103 32.41 5.81 -4.91
CA TYR C 103 31.34 5.35 -5.79
C TYR C 103 30.27 6.42 -5.94
N LEU C 104 30.04 6.87 -7.16
CA LEU C 104 29.04 7.88 -7.44
C LEU C 104 27.72 7.19 -7.66
N SER C 105 26.79 7.40 -6.73
CA SER C 105 25.46 6.79 -6.80
C SER C 105 24.40 7.87 -7.12
N SER C 106 23.14 7.54 -6.88
CA SER C 106 22.04 8.37 -7.31
C SER C 106 20.88 8.45 -6.35
N SER C 107 20.20 9.60 -6.40
CA SER C 107 18.96 9.82 -5.66
C SER C 107 17.90 8.79 -6.08
N ASN C 108 18.06 8.20 -7.28
CA ASN C 108 17.14 7.16 -7.80
C ASN C 108 17.13 5.86 -7.01
N VAL C 109 17.95 5.75 -5.98
CA VAL C 109 17.83 4.58 -5.10
C VAL C 109 16.57 4.76 -4.22
N PHE C 110 16.00 5.97 -4.22
CA PHE C 110 14.77 6.31 -3.50
C PHE C 110 13.63 6.56 -4.52
N GLY C 111 12.41 6.59 -4.00
CA GLY C 111 11.25 6.90 -4.79
C GLY C 111 10.05 6.02 -4.55
N GLY C 112 10.31 4.77 -4.20
CA GLY C 112 9.23 3.81 -3.94
C GLY C 112 8.32 4.19 -2.81
N GLU C 113 8.85 4.85 -1.78
CA GLU C 113 8.01 5.24 -0.66
C GLU C 113 7.03 6.36 -1.03
N GLY C 114 7.39 7.21 -1.97
CA GLY C 114 6.47 8.27 -2.39
C GLY C 114 6.47 9.54 -1.56
N LYS C 115 7.50 9.74 -0.74
CA LYS C 115 7.54 10.99 0.02
C LYS C 115 8.28 12.08 -0.80
N LEU C 116 8.35 13.30 -0.27
CA LEU C 116 8.89 14.42 -1.04
C LEU C 116 10.42 14.58 -1.05
N SER C 117 11.08 14.15 0.02
N SER C 117 11.08 14.10 0.00
CA SER C 117 12.55 14.23 0.13
CA SER C 117 12.54 14.17 0.06
C SER C 117 13.11 13.12 1.02
C SER C 117 13.05 13.00 0.90
N TYR C 118 14.33 12.69 0.72
CA TYR C 118 14.99 11.61 1.44
C TYR C 118 16.36 12.07 1.94
N ASN C 119 16.69 11.74 3.20
CA ASN C 119 18.04 12.04 3.74
C ASN C 119 18.83 10.71 3.93
N GLU C 120 20.05 10.80 4.45
CA GLU C 120 20.89 9.61 4.60
C GLU C 120 20.34 8.55 5.54
N LEU C 121 19.39 8.90 6.41
CA LEU C 121 18.76 7.90 7.30
C LEU C 121 17.61 7.14 6.63
N ASP C 122 17.10 7.67 5.51
CA ASP C 122 16.03 6.97 4.83
C ASP C 122 16.57 5.70 4.20
N ILE C 123 15.79 4.64 4.25
N ILE C 123 15.78 4.64 4.24
CA ILE C 123 16.20 3.35 3.72
CA ILE C 123 16.17 3.35 3.71
C ILE C 123 15.85 3.28 2.22
C ILE C 123 15.83 3.27 2.21
N PRO C 124 16.85 3.07 1.35
CA PRO C 124 16.58 3.00 -0.10
C PRO C 124 15.49 1.99 -0.51
N LEU C 125 14.60 2.42 -1.39
CA LEU C 125 13.50 1.58 -1.88
C LEU C 125 13.29 2.13 -3.29
N PRO C 126 14.00 1.57 -4.29
N PRO C 126 14.00 1.55 -4.29
CA PRO C 126 13.91 2.12 -5.65
CA PRO C 126 13.83 1.99 -5.66
C PRO C 126 12.56 1.94 -6.36
C PRO C 126 12.64 1.29 -6.33
N ASN C 128 12.69 1.86 -10.09
N ASN C 128 12.54 1.35 -9.96
CA ASN C 128 13.01 1.33 -11.42
CA ASN C 128 12.93 1.17 -11.36
C ASN C 128 14.34 0.56 -11.44
C ASN C 128 14.26 0.46 -11.40
N TYR C 129 14.59 -0.15 -12.53
CA TYR C 129 15.83 -0.95 -12.67
C TYR C 129 17.12 -0.16 -12.57
N TYR C 130 17.14 1.06 -13.10
CA TYR C 130 18.32 1.86 -12.93
C TYR C 130 18.61 2.03 -11.44
N GLY C 131 17.61 2.48 -10.69
CA GLY C 131 17.73 2.70 -9.24
C GLY C 131 18.17 1.43 -8.50
N ARG C 132 17.58 0.29 -8.87
CA ARG C 132 17.94 -0.98 -8.25
C ARG C 132 19.39 -1.36 -8.54
N SER C 133 19.84 -1.09 -9.78
CA SER C 133 21.21 -1.44 -10.17
C SER C 133 22.23 -0.58 -9.40
N LYS C 134 21.92 0.69 -9.19
CA LYS C 134 22.79 1.56 -8.41
C LYS C 134 22.82 1.13 -6.94
N LEU C 135 21.66 0.76 -6.39
CA LEU C 135 21.55 0.34 -4.99
C LEU C 135 22.33 -0.93 -4.73
N ILE C 136 22.17 -1.93 -5.60
CA ILE C 136 22.89 -3.19 -5.42
C ILE C 136 24.39 -2.90 -5.59
N GLY C 137 24.74 -1.97 -6.47
CA GLY C 137 26.13 -1.51 -6.60
C GLY C 137 26.64 -0.96 -5.26
N GLU C 138 25.85 -0.10 -4.59
CA GLU C 138 26.24 0.43 -3.26
C GLU C 138 26.47 -0.71 -2.24
N SER C 139 25.58 -1.69 -2.23
CA SER C 139 25.71 -2.85 -1.32
C SER C 139 27.03 -3.61 -1.54
N SER C 140 27.41 -3.80 -2.81
CA SER C 140 28.68 -4.46 -3.15
C SER C 140 29.85 -3.68 -2.57
N VAL C 141 29.77 -2.35 -2.72
CA VAL C 141 30.79 -1.45 -2.18
C VAL C 141 30.88 -1.49 -0.64
N ARG C 142 29.73 -1.67 0.02
N ARG C 142 29.75 -1.21 0.01
CA ARG C 142 29.68 -1.79 1.49
CA ARG C 142 29.69 -1.13 1.49
C ARG C 142 30.05 -3.20 2.00
C ARG C 142 30.25 -2.37 2.14
N ASN C 143 29.69 -4.26 1.28
N ASN C 143 29.83 -3.52 1.64
CA ASN C 143 30.06 -5.60 1.72
CA ASN C 143 30.26 -4.83 2.12
C ASN C 143 31.56 -5.89 1.50
C ASN C 143 31.77 -5.07 1.92
N ALA C 144 32.21 -5.15 0.61
N ALA C 144 32.20 -5.10 0.67
CA ALA C 144 33.63 -5.36 0.30
CA ALA C 144 33.60 -5.35 0.35
C ALA C 144 34.61 -4.40 0.99
C ALA C 144 34.59 -4.40 1.02
N CYS C 145 34.27 -3.11 1.01
CA CYS C 145 35.15 -2.04 1.55
C CYS C 145 34.68 -1.36 2.82
N THR C 146 34.23 -2.13 3.80
CA THR C 146 33.78 -1.48 5.03
C THR C 146 34.94 -0.66 5.58
N ASN C 147 34.63 0.56 5.97
CA ASN C 147 35.56 1.50 6.57
C ASN C 147 36.57 2.13 5.60
N ASN C 148 36.43 1.88 4.30
CA ASN C 148 37.34 2.52 3.35
C ASN C 148 36.65 2.85 2.03
N HIS C 149 35.46 3.44 2.12
CA HIS C 149 34.69 3.83 0.95
C HIS C 149 33.91 5.10 1.20
N LEU C 150 33.53 5.75 0.11
CA LEU C 150 32.69 6.92 0.15
C LEU C 150 31.67 6.75 -0.98
N ILE C 151 30.39 6.79 -0.63
CA ILE C 151 29.29 6.70 -1.58
C ILE C 151 28.65 8.08 -1.57
N ILE C 152 28.65 8.72 -2.73
CA ILE C 152 28.00 10.02 -2.87
C ILE C 152 26.76 9.86 -3.78
N ARG C 153 25.60 10.28 -3.29
CA ARG C 153 24.37 10.23 -4.09
C ARG C 153 24.09 11.65 -4.62
N ALA C 154 24.08 11.76 -5.95
CA ALA C 154 23.80 13.00 -6.64
C ALA C 154 22.36 12.97 -7.17
N GLY C 155 21.75 14.13 -7.32
CA GLY C 155 20.38 14.22 -7.84
C GLY C 155 20.42 14.44 -9.34
N TRP C 156 19.68 15.44 -9.82
CA TRP C 156 19.68 15.78 -11.25
C TRP C 156 20.96 16.59 -11.53
N ILE C 158 23.76 18.86 -13.22
CA ILE C 158 23.83 19.96 -14.18
C ILE C 158 25.29 20.28 -14.40
N GLY C 159 25.69 20.39 -15.66
CA GLY C 159 27.08 20.69 -16.00
C GLY C 159 27.35 20.50 -17.48
N GLY C 160 28.48 21.03 -17.93
CA GLY C 160 28.89 20.92 -19.33
C GLY C 160 29.04 22.25 -20.03
N GLY C 161 28.19 23.22 -19.69
CA GLY C 161 28.26 24.55 -20.31
C GLY C 161 27.71 24.55 -21.73
N PRO C 162 27.84 25.69 -22.44
CA PRO C 162 27.33 25.80 -23.81
C PRO C 162 27.87 24.76 -24.81
N ASP C 163 29.07 24.23 -24.58
CA ASP C 163 29.64 23.23 -25.52
C ASP C 163 29.23 21.79 -25.26
N LYS C 164 29.15 21.40 -23.99
CA LYS C 164 28.85 20.00 -23.62
C LYS C 164 27.48 19.73 -22.99
N ASP C 165 26.64 20.74 -22.73
CA ASP C 165 25.34 20.47 -22.09
C ASP C 165 24.20 20.21 -23.09
N HIS C 166 23.83 18.92 -23.21
CA HIS C 166 22.74 18.46 -24.07
C HIS C 166 21.66 17.77 -23.22
N LYS C 167 21.73 18.00 -21.92
CA LYS C 167 20.74 17.48 -20.98
C LYS C 167 19.67 18.56 -20.78
N PHE C 168 18.80 18.39 -19.78
CA PHE C 168 17.69 19.31 -19.55
C PHE C 168 17.99 20.81 -19.59
N VAL C 169 18.99 21.28 -18.85
CA VAL C 169 19.31 22.71 -18.82
C VAL C 169 19.79 23.23 -20.18
N GLY C 170 20.66 22.46 -20.83
CA GLY C 170 21.19 22.85 -22.15
C GLY C 170 20.07 22.96 -23.17
N LYS C 171 19.16 21.98 -23.16
CA LYS C 171 18.03 21.99 -24.11
C LYS C 171 17.10 23.16 -23.82
N ILE C 172 16.86 23.49 -22.55
CA ILE C 172 15.99 24.63 -22.24
C ILE C 172 16.62 25.92 -22.78
N ILE C 173 17.91 26.11 -22.52
CA ILE C 173 18.65 27.30 -23.00
C ILE C 173 18.66 27.36 -24.54
N GLN C 174 18.82 26.20 -25.19
CA GLN C 174 18.81 26.13 -26.65
C GLN C 174 17.47 26.61 -27.21
N GLN C 175 16.37 26.16 -26.59
CA GLN C 175 15.02 26.56 -27.00
C GLN C 175 14.76 28.04 -26.74
N ILE C 176 15.33 28.57 -25.67
CA ILE C 176 15.19 29.99 -25.32
C ILE C 176 15.97 30.86 -26.30
N LYS C 177 17.20 30.47 -26.62
CA LYS C 177 18.02 31.26 -27.54
C LYS C 177 17.58 31.12 -29.01
N ALA C 178 16.79 30.10 -29.30
CA ALA C 178 16.24 29.92 -30.64
C ALA C 178 14.91 30.68 -30.78
N GLY C 179 14.46 31.33 -29.69
CA GLY C 179 13.22 32.11 -29.69
C GLY C 179 11.95 31.30 -29.88
N SER C 180 11.83 30.20 -29.13
CA SER C 180 10.66 29.33 -29.23
C SER C 180 9.43 30.02 -28.63
N THR C 181 8.29 29.83 -29.28
CA THR C 181 7.03 30.46 -28.84
C THR C 181 6.58 29.92 -27.46
N SER C 182 6.83 28.64 -27.21
CA SER C 182 6.51 28.04 -25.92
C SER C 182 7.42 26.86 -25.61
N ILE C 183 7.56 26.60 -24.32
CA ILE C 183 8.36 25.52 -23.78
C ILE C 183 7.45 24.74 -22.85
N LYS C 184 7.53 23.42 -22.91
CA LYS C 184 6.76 22.54 -22.04
C LYS C 184 7.69 21.83 -21.06
N ALA C 185 7.30 21.77 -19.79
CA ALA C 185 8.09 21.10 -18.79
C ALA C 185 7.19 20.43 -17.77
N VAL C 186 7.60 19.24 -17.35
CA VAL C 186 6.83 18.42 -16.43
C VAL C 186 6.81 19.04 -15.03
N SER C 187 5.61 19.22 -14.50
CA SER C 187 5.44 19.86 -13.22
C SER C 187 5.13 18.90 -12.09
N ASP C 188 4.87 17.63 -12.40
CA ASP C 188 4.48 16.67 -11.36
C ASP C 188 5.49 15.55 -11.10
N ARG C 189 6.75 15.86 -11.32
CA ARG C 189 7.84 14.95 -11.00
C ARG C 189 8.85 15.89 -10.32
N LEU C 190 9.21 15.57 -9.09
CA LEU C 190 10.11 16.44 -8.32
C LEU C 190 11.48 15.79 -8.08
N GLY C 191 12.48 16.63 -7.85
CA GLY C 191 13.83 16.18 -7.57
C GLY C 191 14.69 17.32 -7.05
N SER C 192 16.00 17.07 -6.99
CA SER C 192 16.97 18.04 -6.51
C SER C 192 18.08 18.13 -7.53
N ILE C 193 18.66 19.31 -7.68
CA ILE C 193 19.77 19.47 -8.64
C ILE C 193 21.13 19.40 -7.94
N THR C 194 22.12 18.90 -8.68
CA THR C 194 23.48 18.76 -8.20
C THR C 194 24.39 19.40 -9.23
N SER C 195 25.14 20.40 -8.81
CA SER C 195 26.11 21.06 -9.68
C SER C 195 27.32 20.14 -9.86
N ALA C 196 27.62 19.79 -11.10
CA ALA C 196 28.76 18.93 -11.38
C ALA C 196 30.06 19.58 -10.91
N GLN C 198 30.58 21.81 -8.64
N GLN C 198 30.40 22.03 -8.12
CA GLN C 198 30.60 21.84 -7.15
CA GLN C 198 30.63 21.85 -6.69
C GLN C 198 30.97 20.46 -6.59
C GLN C 198 30.86 20.38 -6.33
N LEU C 199 30.32 19.45 -7.13
CA LEU C 199 30.56 18.03 -6.79
C LEU C 199 32.05 17.67 -7.01
N CYS C 200 32.62 18.16 -8.11
CA CYS C 200 34.04 17.94 -8.38
C CYS C 200 34.91 18.55 -7.27
N ASN C 201 34.65 19.81 -6.92
CA ASN C 201 35.36 20.48 -5.83
C ASN C 201 35.25 19.65 -4.55
N PHE C 202 34.05 19.16 -4.25
CA PHE C 202 33.86 18.35 -3.06
C PHE C 202 34.67 17.05 -3.12
N ILE C 203 34.67 16.40 -4.30
CA ILE C 203 35.42 15.17 -4.51
C ILE C 203 36.93 15.36 -4.29
N ILE C 204 37.51 16.44 -4.79
CA ILE C 204 38.94 16.72 -4.56
C ILE C 204 39.21 16.76 -3.06
N TRP C 205 38.35 17.48 -2.34
CA TRP C 205 38.46 17.59 -0.89
C TRP C 205 38.34 16.23 -0.23
N ALA C 206 37.40 15.40 -0.70
CA ALA C 206 37.16 14.09 -0.09
C ALA C 206 38.34 13.14 -0.28
N ILE C 207 38.97 13.22 -1.45
CA ILE C 207 40.13 12.40 -1.77
C ILE C 207 41.26 12.75 -0.78
N ASN C 208 41.50 14.05 -0.61
CA ASN C 208 42.56 14.52 0.28
C ASN C 208 42.29 14.12 1.72
N LYS C 209 41.03 14.14 2.14
CA LYS C 209 40.68 13.76 3.50
C LYS C 209 40.42 12.28 3.68
N ARG C 210 40.29 11.54 2.58
CA ARG C 210 39.90 10.12 2.59
C ARG C 210 38.63 9.99 3.45
N HIS C 211 37.70 10.90 3.21
CA HIS C 211 36.43 10.90 3.93
C HIS C 211 35.68 9.60 3.59
N THR C 212 34.97 9.03 4.58
CA THR C 212 34.22 7.78 4.36
C THR C 212 32.74 7.86 4.76
N GLY C 213 31.97 6.90 4.28
CA GLY C 213 30.53 6.80 4.58
C GLY C 213 29.64 7.03 3.37
N THR C 214 28.41 7.46 3.64
CA THR C 214 27.41 7.72 2.58
C THR C 214 26.93 9.14 2.76
N LEU C 215 26.85 9.86 1.66
CA LEU C 215 26.50 11.25 1.69
C LEU C 215 25.66 11.68 0.48
N HIS C 216 24.70 12.57 0.72
CA HIS C 216 23.85 13.15 -0.32
C HIS C 216 24.42 14.51 -0.65
N PHE C 217 24.65 14.75 -1.93
CA PHE C 217 25.23 16.01 -2.37
C PHE C 217 24.34 16.64 -3.41
N ALA C 218 23.59 17.66 -2.98
CA ALA C 218 22.68 18.35 -3.87
C ALA C 218 22.32 19.70 -3.32
N SER C 219 21.94 20.63 -4.20
CA SER C 219 21.48 21.95 -3.79
C SER C 219 20.22 21.77 -2.94
N SER C 220 19.94 22.72 -2.05
CA SER C 220 18.77 22.61 -1.21
C SER C 220 17.51 23.02 -2.02
N GLY C 221 16.48 22.18 -1.93
CA GLY C 221 15.23 22.40 -2.64
C GLY C 221 14.75 21.16 -3.40
N THR C 222 13.45 20.93 -3.32
CA THR C 222 12.76 19.86 -4.01
C THR C 222 11.89 20.61 -4.99
N ILE C 223 12.19 20.47 -6.27
CA ILE C 223 11.55 21.24 -7.33
C ILE C 223 11.27 20.38 -8.55
N SER C 224 10.44 20.90 -9.45
CA SER C 224 10.10 20.20 -10.69
C SER C 224 10.93 20.75 -11.82
N ARG C 225 10.90 20.05 -12.95
CA ARG C 225 11.58 20.51 -14.16
C ARG C 225 10.93 21.81 -14.60
N PHE C 226 9.61 21.91 -14.38
CA PHE C 226 8.89 23.14 -14.68
C PHE C 226 9.48 24.32 -13.88
N ASP C 227 9.68 24.12 -12.57
CA ASP C 227 10.29 25.17 -11.71
C ASP C 227 11.64 25.59 -12.27
N ILE C 228 12.44 24.60 -12.65
CA ILE C 228 13.74 24.84 -13.22
C ILE C 228 13.61 25.62 -14.54
N ALA C 229 12.69 25.19 -15.42
CA ALA C 229 12.53 25.90 -16.70
C ALA C 229 12.14 27.35 -16.49
N CYS C 230 11.24 27.58 -15.53
CA CYS C 230 10.79 28.92 -15.20
C CYS C 230 11.92 29.80 -14.66
N ALA C 231 12.81 29.21 -13.86
CA ALA C 231 13.94 29.93 -13.30
C ALA C 231 14.91 30.34 -14.41
N ILE C 232 15.19 29.41 -15.34
CA ILE C 232 16.10 29.69 -16.46
C ILE C 232 15.50 30.79 -17.34
N GLY C 233 14.18 30.73 -17.53
CA GLY C 233 13.43 31.73 -18.31
C GLY C 233 13.52 33.15 -17.78
N ASP C 234 13.48 33.32 -16.46
CA ASP C 234 13.61 34.66 -15.87
C ASP C 234 15.02 35.20 -16.08
N LEU C 235 16.01 34.37 -15.79
CA LEU C 235 17.43 34.74 -15.93
C LEU C 235 17.79 35.20 -17.33
N LEU C 236 17.18 34.57 -18.34
CA LEU C 236 17.47 34.92 -19.73
C LEU C 236 16.39 35.81 -20.37
N ASN C 237 15.51 36.41 -19.55
CA ASN C 237 14.41 37.28 -20.03
C ASN C 237 13.62 36.68 -21.19
N PHE C 238 13.21 35.43 -21.00
CA PHE C 238 12.43 34.71 -21.99
C PHE C 238 11.04 35.33 -22.03
N LYS C 239 10.48 35.49 -23.24
CA LYS C 239 9.13 36.07 -23.40
C LYS C 239 8.11 35.12 -23.98
N GLY C 240 8.51 33.90 -24.31
CA GLY C 240 7.58 32.89 -24.78
C GLY C 240 6.87 32.34 -23.55
N ASP C 241 6.05 31.31 -23.73
CA ASP C 241 5.34 30.71 -22.61
C ASP C 241 6.06 29.48 -22.10
N ILE C 242 6.04 29.30 -20.78
CA ILE C 242 6.59 28.11 -20.15
C ILE C 242 5.35 27.44 -19.60
N ILE C 243 5.03 26.28 -20.17
CA ILE C 243 3.79 25.57 -19.88
C ILE C 243 4.00 24.35 -19.00
N PRO C 244 3.33 24.31 -17.83
CA PRO C 244 3.47 23.13 -17.01
C PRO C 244 2.60 22.01 -17.57
N VAL C 245 3.17 20.81 -17.67
CA VAL C 245 2.41 19.66 -18.16
C VAL C 245 2.60 18.50 -17.22
N HIS C 246 1.68 17.54 -17.28
CA HIS C 246 1.78 16.31 -16.48
C HIS C 246 2.73 15.33 -17.16
N SER C 247 3.37 14.47 -16.38
CA SER C 247 4.33 13.53 -16.94
C SER C 247 3.70 12.59 -17.96
N SER C 248 2.39 12.39 -17.88
CA SER C 248 1.67 11.51 -18.82
C SER C 248 1.76 11.96 -20.30
N VAL C 249 2.01 13.24 -20.56
CA VAL C 249 2.10 13.70 -21.96
C VAL C 249 3.41 13.29 -22.66
N PHE C 250 4.38 12.78 -21.88
CA PHE C 250 5.66 12.28 -22.41
C PHE C 250 5.90 10.86 -21.91
N PRO C 251 5.32 9.86 -22.58
CA PRO C 251 5.50 8.49 -22.10
C PRO C 251 6.95 8.04 -22.22
N LEU C 252 7.41 7.31 -21.20
CA LEU C 252 8.79 6.81 -21.12
C LEU C 252 8.79 5.36 -20.62
N SER C 253 9.82 4.60 -20.98
CA SER C 253 9.95 3.21 -20.56
C SER C 253 10.04 3.05 -19.03
N ALA C 254 10.84 3.87 -18.37
CA ALA C 254 11.00 3.72 -16.92
C ALA C 254 10.00 4.49 -16.06
N PRO C 255 9.46 3.83 -15.04
CA PRO C 255 8.62 4.61 -14.12
C PRO C 255 9.49 5.57 -13.34
N ARG C 256 8.95 6.75 -13.05
CA ARG C 256 9.61 7.76 -12.21
C ARG C 256 8.74 8.04 -11.00
N PRO C 257 9.37 8.27 -9.83
CA PRO C 257 8.60 8.53 -8.62
C PRO C 257 8.01 9.94 -8.59
N TYR C 258 7.07 10.19 -7.70
CA TYR C 258 6.56 11.55 -7.54
C TYR C 258 7.70 12.49 -7.15
N SER C 259 8.66 11.96 -6.37
CA SER C 259 9.85 12.71 -6.03
C SER C 259 11.07 11.85 -5.78
N GLU C 260 12.20 12.32 -6.29
CA GLU C 260 13.51 11.73 -5.98
C GLU C 260 14.36 12.83 -5.30
N GLY C 261 13.69 13.80 -4.67
CA GLY C 261 14.36 14.89 -3.96
C GLY C 261 15.24 14.34 -2.84
N ILE C 262 16.45 14.87 -2.71
CA ILE C 262 17.34 14.42 -1.63
C ILE C 262 17.91 15.59 -0.88
N GLU C 263 18.11 15.40 0.41
CA GLU C 263 18.73 16.42 1.25
C GLU C 263 19.73 15.69 2.13
N SER C 264 20.63 16.44 2.76
CA SER C 264 21.64 15.86 3.63
C SER C 264 21.52 16.31 5.07
N ILE C 265 21.75 15.36 5.98
CA ILE C 265 21.78 15.64 7.41
C ILE C 265 23.23 15.56 7.89
N TYR C 266 24.17 15.19 7.02
CA TYR C 266 25.58 15.04 7.40
C TYR C 266 26.57 16.03 6.76
N SER C 268 26.60 19.36 6.70
CA SER C 268 26.98 20.50 7.56
C SER C 268 28.06 20.16 8.61
N ILE C 269 28.24 18.87 8.93
CA ILE C 269 29.29 18.44 9.85
C ILE C 269 30.70 18.71 9.26
N LEU C 270 30.82 18.57 7.95
CA LEU C 270 32.11 18.70 7.25
C LEU C 270 32.47 20.17 7.08
N SER C 271 32.89 20.78 8.18
CA SER C 271 33.20 22.22 8.25
C SER C 271 33.93 22.84 7.08
N ASP C 272 35.08 22.28 6.72
CA ASP C 272 35.88 22.85 5.63
C ASP C 272 35.55 22.34 4.22
N ALA C 273 34.57 21.43 4.07
CA ALA C 273 34.26 20.89 2.74
C ALA C 273 33.52 21.89 1.85
N PRO C 274 33.80 21.88 0.52
CA PRO C 274 33.01 22.70 -0.41
C PRO C 274 31.58 22.13 -0.40
N LYS C 275 30.57 22.99 -0.25
CA LYS C 275 29.19 22.55 -0.14
C LYS C 275 28.27 23.16 -1.19
N PRO C 276 27.12 22.52 -1.45
CA PRO C 276 26.18 23.16 -2.34
C PRO C 276 25.45 24.27 -1.58
N SER C 277 24.66 25.04 -2.30
CA SER C 277 23.86 26.11 -1.70
C SER C 277 22.38 25.89 -2.08
N LEU C 278 21.61 26.97 -2.23
CA LEU C 278 20.21 26.91 -2.63
C LEU C 278 20.14 26.62 -4.13
N TRP C 279 19.13 25.88 -4.56
CA TRP C 279 19.01 25.51 -5.97
C TRP C 279 18.97 26.71 -6.93
N LYS C 280 18.24 27.75 -6.57
CA LYS C 280 18.06 28.92 -7.44
C LYS C 280 19.40 29.65 -7.66
N SER C 281 20.22 29.72 -6.61
CA SER C 281 21.53 30.39 -6.67
C SER C 281 22.51 29.54 -7.43
N ASP C 282 22.53 28.23 -7.14
CA ASP C 282 23.42 27.33 -7.85
C ASP C 282 23.08 27.28 -9.35
N LEU C 283 21.77 27.28 -9.68
CA LEU C 283 21.32 27.25 -11.07
C LEU C 283 21.70 28.55 -11.79
N ALA C 284 21.52 29.69 -11.12
CA ALA C 284 21.86 31.00 -11.71
C ALA C 284 23.35 31.08 -12.07
N LYS C 285 24.19 30.58 -11.18
CA LYS C 285 25.63 30.54 -11.39
C LYS C 285 25.96 29.68 -12.63
N TYR C 286 25.30 28.52 -12.76
CA TYR C 286 25.55 27.64 -13.90
C TYR C 286 25.03 28.27 -15.20
N VAL C 287 23.84 28.83 -15.14
CA VAL C 287 23.24 29.47 -16.31
C VAL C 287 24.14 30.60 -16.80
N GLY C 288 24.80 31.29 -15.88
CA GLY C 288 25.70 32.37 -16.23
C GLY C 288 26.85 31.98 -17.16
N THR C 289 27.27 30.71 -17.11
CA THR C 289 28.38 30.23 -17.96
C THR C 289 27.98 30.11 -19.45
N PHE C 290 26.68 30.21 -19.75
CA PHE C 290 26.17 30.18 -21.12
C PHE C 290 26.13 31.57 -21.75
N LEU C 291 26.12 32.62 -20.94
CA LEU C 291 26.10 34.00 -21.46
C LEU C 291 27.34 34.26 -22.31
N VAL C 292 28.52 34.03 -21.71
CA VAL C 292 29.80 34.23 -22.39
C VAL C 292 30.87 33.34 -21.76
N SER D 1 -55.28 0.41 -38.06
CA SER D 1 -53.83 0.60 -37.77
C SER D 1 -53.28 -0.45 -36.81
N ASN D 2 -51.98 -0.70 -36.95
CA ASN D 2 -51.26 -1.64 -36.14
C ASN D 2 -50.61 -0.89 -34.97
N ALA D 3 -50.23 -1.64 -33.94
CA ALA D 3 -49.60 -1.05 -32.77
C ALA D 3 -48.24 -0.44 -33.11
N LYS D 5 -44.36 0.20 -32.85
CA LYS D 5 -43.22 -0.67 -32.54
C LYS D 5 -42.42 -0.11 -31.38
N ARG D 6 -41.86 -0.99 -30.55
CA ARG D 6 -40.99 -0.58 -29.43
C ARG D 6 -39.73 0.07 -30.06
N LYS D 7 -39.26 1.17 -29.48
CA LYS D 7 -38.13 1.90 -30.04
C LYS D 7 -36.83 1.70 -29.22
N ILE D 8 -35.75 1.41 -29.95
CA ILE D 8 -34.40 1.26 -29.42
C ILE D 8 -33.55 2.41 -29.96
N LEU D 9 -32.89 3.13 -29.07
CA LEU D 9 -31.99 4.21 -29.45
C LEU D 9 -30.56 3.75 -29.10
N ILE D 10 -29.67 3.75 -30.09
CA ILE D 10 -28.29 3.27 -29.93
C ILE D 10 -27.23 4.35 -30.15
N THR D 11 -26.29 4.49 -29.20
CA THR D 11 -25.13 5.38 -29.38
C THR D 11 -23.97 4.44 -29.73
N GLY D 12 -23.02 4.90 -30.52
CA GLY D 12 -21.88 4.05 -30.95
C GLY D 12 -22.29 2.91 -31.86
N GLY D 13 -23.34 3.14 -32.65
CA GLY D 13 -23.90 2.13 -33.54
C GLY D 13 -22.97 1.62 -34.65
N THR D 14 -21.94 2.41 -34.99
CA THR D 14 -20.97 2.03 -36.01
C THR D 14 -19.63 1.57 -35.39
N GLY D 15 -19.59 1.36 -34.08
CA GLY D 15 -18.40 0.85 -33.42
C GLY D 15 -18.35 -0.66 -33.62
N LEU D 17 -18.74 -3.33 -31.42
CA LEU D 17 -19.90 -3.99 -30.83
C LEU D 17 -21.20 -3.48 -31.45
N GLY D 18 -21.32 -2.16 -31.59
CA GLY D 18 -22.54 -1.55 -32.12
C GLY D 18 -22.99 -2.03 -33.48
N ALA D 19 -22.03 -2.28 -34.38
CA ALA D 19 -22.34 -2.74 -35.73
C ALA D 19 -22.97 -4.13 -35.69
N TYR D 20 -22.45 -5.03 -34.84
CA TYR D 20 -23.04 -6.35 -34.71
C TYR D 20 -24.48 -6.22 -34.18
N VAL D 21 -24.67 -5.40 -33.16
CA VAL D 21 -26.00 -5.23 -32.54
C VAL D 21 -27.03 -4.67 -33.53
N THR D 22 -26.70 -3.55 -34.18
CA THR D 22 -27.59 -2.91 -35.17
C THR D 22 -28.01 -3.94 -36.21
N SER D 23 -27.04 -4.73 -36.66
CA SER D 23 -27.29 -5.77 -37.66
C SER D 23 -28.23 -6.85 -37.11
N ALA D 24 -27.94 -7.38 -35.92
CA ALA D 24 -28.80 -8.41 -35.30
C ALA D 24 -30.24 -7.91 -35.07
N LEU D 25 -30.39 -6.62 -34.79
CA LEU D 25 -31.71 -6.03 -34.55
C LEU D 25 -32.61 -5.93 -35.78
N LYS D 26 -32.02 -6.06 -36.97
CA LYS D 26 -32.81 -6.02 -38.19
C LYS D 26 -33.80 -7.18 -38.26
N ASP D 27 -33.49 -8.31 -37.60
CA ASP D 27 -34.41 -9.46 -37.55
C ASP D 27 -35.31 -9.44 -36.29
N THR D 28 -35.77 -8.25 -35.88
CA THR D 28 -36.65 -8.14 -34.70
C THR D 28 -37.82 -7.21 -34.99
N ASP D 29 -38.72 -7.09 -34.01
CA ASP D 29 -39.88 -6.20 -34.08
C ASP D 29 -39.54 -4.73 -33.74
N TYR D 30 -38.30 -4.48 -33.35
CA TYR D 30 -37.90 -3.13 -32.92
C TYR D 30 -37.67 -2.07 -34.02
N ASN D 31 -38.00 -0.82 -33.70
CA ASN D 31 -37.71 0.33 -34.55
C ASN D 31 -36.38 0.88 -33.97
N VAL D 32 -35.32 0.89 -34.77
CA VAL D 32 -33.99 1.27 -34.28
C VAL D 32 -33.51 2.64 -34.74
N ILE D 33 -33.14 3.49 -33.80
CA ILE D 33 -32.60 4.83 -34.09
C ILE D 33 -31.10 4.77 -33.78
N VAL D 34 -30.30 4.89 -34.82
CA VAL D 34 -28.85 4.86 -34.69
C VAL D 34 -28.39 6.32 -34.70
N THR D 35 -27.92 6.80 -33.55
CA THR D 35 -27.48 8.18 -33.46
C THR D 35 -26.23 8.42 -34.31
N GLU D 36 -26.12 9.63 -34.82
CA GLU D 36 -24.99 10.08 -35.66
C GLU D 36 -24.52 11.40 -35.07
N ARG D 37 -23.42 11.93 -35.62
N ARG D 37 -23.42 11.95 -35.61
CA ARG D 37 -22.82 13.19 -35.15
CA ARG D 37 -22.85 13.19 -35.09
C ARG D 37 -23.83 14.35 -35.19
C ARG D 37 -23.83 14.37 -35.20
N ASN D 38 -24.68 14.35 -36.23
CA ASN D 38 -25.69 15.41 -36.40
C ASN D 38 -26.88 15.32 -35.41
N THR D 39 -26.98 14.24 -34.62
CA THR D 39 -28.06 14.13 -33.64
C THR D 39 -27.54 13.98 -32.18
N LEU D 40 -26.43 13.27 -31.98
CA LEU D 40 -25.88 13.06 -30.65
C LEU D 40 -24.36 12.99 -30.77
N ASN D 41 -23.69 13.87 -30.04
CA ASN D 41 -22.25 14.00 -30.04
C ASN D 41 -21.82 14.03 -28.56
N LEU D 42 -20.96 13.10 -28.16
CA LEU D 42 -20.48 13.02 -26.77
C LEU D 42 -19.78 14.31 -26.34
N SER D 43 -19.23 15.06 -27.29
CA SER D 43 -18.57 16.34 -26.95
C SER D 43 -19.56 17.48 -26.78
N VAL D 44 -20.85 17.22 -26.99
CA VAL D 44 -21.90 18.23 -26.78
C VAL D 44 -22.94 17.57 -25.86
N PRO D 45 -22.55 17.28 -24.60
CA PRO D 45 -23.48 16.65 -23.67
C PRO D 45 -24.72 17.49 -23.38
N GLU D 46 -24.62 18.81 -23.53
CA GLU D 46 -25.75 19.69 -23.24
C GLU D 46 -26.96 19.56 -24.17
N ALA D 47 -26.80 18.89 -25.32
CA ALA D 47 -27.90 18.71 -26.28
C ALA D 47 -28.50 17.32 -26.18
N ILE D 48 -27.90 16.46 -25.37
CA ILE D 48 -28.36 15.08 -25.28
C ILE D 48 -29.75 14.87 -24.66
N PHE D 49 -30.01 15.49 -23.52
CA PHE D 49 -31.29 15.31 -22.81
C PHE D 49 -32.51 15.64 -23.67
N SER D 50 -32.51 16.81 -24.30
N SER D 50 -32.50 16.81 -24.30
CA SER D 50 -33.65 17.20 -25.15
CA SER D 50 -33.62 17.24 -25.14
C SER D 50 -33.84 16.23 -26.30
C SER D 50 -33.84 16.28 -26.32
N TYR D 51 -32.74 15.84 -26.94
CA TYR D 51 -32.82 14.90 -28.08
C TYR D 51 -33.38 13.55 -27.68
N ILE D 52 -32.79 12.92 -26.68
CA ILE D 52 -33.28 11.61 -26.27
C ILE D 52 -34.72 11.60 -25.74
N THR D 53 -35.08 12.58 -24.90
CA THR D 53 -36.42 12.61 -24.32
C THR D 53 -37.49 12.79 -25.39
N ALA D 54 -37.21 13.61 -26.41
CA ALA D 54 -38.15 13.81 -27.52
C ALA D 54 -38.34 12.53 -28.35
N GLU D 55 -37.31 11.67 -28.42
CA GLU D 55 -37.41 10.39 -29.15
C GLU D 55 -38.23 9.36 -28.40
N LYS D 56 -38.32 9.50 -27.08
CA LYS D 56 -39.09 8.58 -26.23
C LYS D 56 -38.79 7.11 -26.50
N PRO D 57 -37.51 6.73 -26.43
CA PRO D 57 -37.23 5.33 -26.67
C PRO D 57 -37.67 4.46 -25.52
N ASP D 58 -37.93 3.18 -25.79
CA ASP D 58 -38.25 2.19 -24.76
C ASP D 58 -36.94 1.58 -24.23
N VAL D 59 -35.94 1.56 -25.10
CA VAL D 59 -34.63 1.02 -24.78
C VAL D 59 -33.53 1.92 -25.30
N ILE D 60 -32.48 2.10 -24.50
CA ILE D 60 -31.30 2.87 -24.87
C ILE D 60 -30.06 2.00 -24.68
N LEU D 61 -29.28 1.83 -25.75
CA LEU D 61 -28.05 1.07 -25.73
C LEU D 61 -26.95 2.10 -25.88
N HIS D 62 -26.22 2.32 -24.79
CA HIS D 62 -25.17 3.34 -24.75
C HIS D 62 -23.79 2.71 -24.88
N PHE D 63 -23.31 2.62 -26.13
CA PHE D 63 -22.01 2.03 -26.41
C PHE D 63 -20.94 3.07 -26.76
N ALA D 64 -21.34 4.31 -27.08
CA ALA D 64 -20.33 5.32 -27.44
C ALA D 64 -19.49 5.75 -26.24
N ALA D 65 -18.19 5.94 -26.48
CA ALA D 65 -17.27 6.33 -25.41
C ALA D 65 -15.93 6.69 -26.00
N GLU D 66 -15.11 7.43 -25.25
CA GLU D 66 -13.74 7.68 -25.66
C GLU D 66 -12.99 6.48 -25.08
N THR D 67 -12.49 5.61 -25.94
CA THR D 67 -11.86 4.37 -25.51
C THR D 67 -10.34 4.32 -25.71
N ASP D 68 -9.74 5.40 -26.23
CA ASP D 68 -8.27 5.48 -26.34
C ASP D 68 -7.77 5.79 -24.92
N VAL D 69 -7.37 4.74 -24.20
CA VAL D 69 -6.93 4.84 -22.81
C VAL D 69 -5.80 5.86 -22.58
N ASP D 70 -4.85 5.91 -23.50
CA ASP D 70 -3.72 6.81 -23.40
C ASP D 70 -4.09 8.27 -23.65
N LEU D 71 -5.00 8.49 -24.60
CA LEU D 71 -5.50 9.84 -24.86
C LEU D 71 -6.23 10.32 -23.59
N CYS D 72 -6.99 9.43 -22.95
CA CYS D 72 -7.73 9.77 -21.72
C CYS D 72 -6.79 10.19 -20.61
N GLU D 73 -5.59 9.56 -20.54
CA GLU D 73 -4.59 9.94 -19.53
C GLU D 73 -3.98 11.34 -19.82
N ARG D 74 -3.66 11.61 -21.08
CA ARG D 74 -3.10 12.92 -21.45
C ARG D 74 -4.14 14.04 -21.35
N GLU D 75 -5.38 13.71 -21.71
CA GLU D 75 -6.50 14.68 -21.75
C GLU D 75 -7.67 14.19 -20.93
N PRO D 76 -7.51 14.19 -19.59
CA PRO D 76 -8.62 13.71 -18.76
C PRO D 76 -9.91 14.49 -18.98
N ALA D 77 -9.83 15.75 -19.43
CA ALA D 77 -11.06 16.54 -19.72
C ALA D 77 -11.91 15.85 -20.77
N ARG D 78 -11.25 15.27 -21.76
CA ARG D 78 -11.97 14.57 -22.82
C ARG D 78 -12.61 13.31 -22.27
N ALA D 79 -11.87 12.56 -21.47
CA ALA D 79 -12.39 11.35 -20.81
C ALA D 79 -13.64 11.68 -19.98
N GLY D 80 -13.57 12.77 -19.22
CA GLY D 80 -14.66 13.18 -18.35
C GLY D 80 -15.90 13.58 -19.13
N ILE D 81 -15.71 14.47 -20.11
CA ILE D 81 -16.83 14.93 -20.92
C ILE D 81 -17.51 13.79 -21.68
N TYR D 82 -16.72 12.97 -22.34
CA TYR D 82 -17.25 11.90 -23.19
C TYR D 82 -17.82 10.70 -22.46
N ASN D 83 -17.16 10.29 -21.39
CA ASN D 83 -17.56 9.07 -20.67
C ASN D 83 -18.37 9.33 -19.43
N HIS D 84 -18.16 10.48 -18.80
CA HIS D 84 -18.93 10.81 -17.60
C HIS D 84 -20.07 11.79 -17.87
N LEU D 85 -19.76 13.01 -18.26
CA LEU D 85 -20.80 14.01 -18.45
C LEU D 85 -21.86 13.60 -19.48
N ALA D 86 -21.44 13.07 -20.64
CA ALA D 86 -22.39 12.63 -21.64
C ALA D 86 -23.28 11.50 -21.10
N THR D 87 -22.67 10.56 -20.38
CA THR D 87 -23.38 9.41 -19.84
C THR D 87 -24.41 9.87 -18.80
N GLU D 88 -24.06 10.91 -18.03
CA GLU D 88 -24.98 11.48 -17.04
C GLU D 88 -26.24 12.02 -17.71
N GLN D 89 -26.07 12.71 -18.83
CA GLN D 89 -27.25 13.22 -19.56
C GLN D 89 -28.09 12.08 -20.14
N ILE D 90 -27.43 11.05 -20.66
CA ILE D 90 -28.15 9.89 -21.20
C ILE D 90 -28.96 9.22 -20.08
N ALA D 91 -28.34 9.03 -18.91
CA ALA D 91 -29.02 8.39 -17.77
C ALA D 91 -30.22 9.24 -17.29
N GLN D 92 -30.05 10.57 -17.25
CA GLN D 92 -31.14 11.44 -16.83
C GLN D 92 -32.29 11.35 -17.84
N ALA D 93 -31.96 11.32 -19.13
CA ALA D 93 -32.95 11.18 -20.18
C ALA D 93 -33.68 9.81 -20.08
N ALA D 94 -32.93 8.74 -19.83
CA ALA D 94 -33.53 7.39 -19.66
C ALA D 94 -34.53 7.39 -18.49
N LYS D 95 -34.13 7.99 -17.37
CA LYS D 95 -35.00 8.09 -16.22
C LYS D 95 -36.28 8.88 -16.54
N PHE D 96 -36.12 10.00 -17.21
CA PHE D 96 -37.25 10.85 -17.55
C PHE D 96 -38.28 10.15 -18.46
N CYS D 97 -37.83 9.45 -19.49
CA CYS D 97 -38.81 8.78 -20.35
C CYS D 97 -39.07 7.32 -19.99
N GLY D 98 -38.50 6.82 -18.90
CA GLY D 98 -38.74 5.44 -18.45
C GLY D 98 -38.11 4.32 -19.28
N ALA D 99 -37.04 4.63 -20.00
CA ALA D 99 -36.38 3.66 -20.84
C ALA D 99 -35.42 2.78 -20.05
N TRP D 100 -35.36 1.51 -20.44
CA TRP D 100 -34.37 0.56 -19.89
C TRP D 100 -33.05 0.93 -20.56
N LEU D 101 -32.01 1.14 -19.75
CA LEU D 101 -30.72 1.59 -20.23
C LEU D 101 -29.60 0.58 -20.06
N LEU D 102 -28.92 0.29 -21.16
CA LEU D 102 -27.79 -0.62 -21.14
C LEU D 102 -26.55 0.23 -21.32
N TYR D 103 -25.62 0.10 -20.39
CA TYR D 103 -24.35 0.84 -20.42
C TYR D 103 -23.21 -0.15 -20.55
N LEU D 104 -22.43 -0.01 -21.61
CA LEU D 104 -21.26 -0.85 -21.81
C LEU D 104 -20.10 -0.26 -21.02
N SER D 105 -19.64 -0.98 -20.01
CA SER D 105 -18.50 -0.51 -19.19
C SER D 105 -17.27 -1.39 -19.45
N SER D 106 -16.27 -1.30 -18.58
CA SER D 106 -14.98 -1.94 -18.82
C SER D 106 -14.32 -2.55 -17.59
N SER D 107 -13.55 -3.58 -17.84
CA SER D 107 -12.74 -4.20 -16.82
C SER D 107 -11.74 -3.19 -16.23
N ASN D 108 -11.47 -2.08 -16.95
CA ASN D 108 -10.56 -1.02 -16.46
C ASN D 108 -11.04 -0.26 -15.25
N VAL D 109 -12.26 -0.55 -14.76
CA VAL D 109 -12.69 0.05 -13.51
C VAL D 109 -11.91 -0.64 -12.37
N PHE D 110 -11.29 -1.78 -12.68
CA PHE D 110 -10.47 -2.50 -11.71
C PHE D 110 -8.98 -2.35 -12.04
N GLY D 111 -8.15 -2.71 -11.06
CA GLY D 111 -6.71 -2.75 -11.28
C GLY D 111 -5.86 -2.25 -10.16
N GLY D 112 -6.34 -1.24 -9.44
CA GLY D 112 -5.57 -0.64 -8.37
C GLY D 112 -5.27 -1.62 -7.25
N GLU D 113 -6.13 -2.60 -7.06
CA GLU D 113 -5.89 -3.57 -6.00
C GLU D 113 -4.73 -4.51 -6.29
N GLY D 114 -4.46 -4.79 -7.56
CA GLY D 114 -3.34 -5.66 -7.92
C GLY D 114 -3.57 -7.15 -7.90
N LYS D 115 -4.82 -7.60 -7.78
CA LYS D 115 -5.04 -9.05 -7.84
C LYS D 115 -5.22 -9.54 -9.27
N LEU D 116 -5.33 -10.83 -9.46
CA LEU D 116 -5.36 -11.43 -10.80
C LEU D 116 -6.71 -11.41 -11.53
N SER D 117 -7.80 -11.41 -10.79
CA SER D 117 -9.11 -11.43 -11.41
C SER D 117 -10.14 -10.77 -10.51
N TYR D 118 -11.19 -10.18 -11.10
CA TYR D 118 -12.23 -9.50 -10.35
C TYR D 118 -13.64 -9.97 -10.78
N ASN D 119 -14.51 -10.21 -9.79
CA ASN D 119 -15.91 -10.54 -10.07
C ASN D 119 -16.84 -9.36 -9.69
N GLU D 120 -18.14 -9.52 -9.89
CA GLU D 120 -19.10 -8.44 -9.62
C GLU D 120 -19.18 -7.97 -8.15
N LEU D 121 -18.67 -8.76 -7.19
CA LEU D 121 -18.62 -8.33 -5.79
C LEU D 121 -17.39 -7.47 -5.47
N ASP D 122 -16.36 -7.55 -6.31
CA ASP D 122 -15.15 -6.76 -6.08
C ASP D 122 -15.50 -5.27 -6.23
N ILE D 123 -14.93 -4.42 -5.40
N ILE D 123 -14.87 -4.43 -5.42
CA ILE D 123 -15.26 -2.99 -5.44
CA ILE D 123 -15.13 -3.00 -5.41
C ILE D 123 -14.28 -2.29 -6.37
C ILE D 123 -14.21 -2.31 -6.41
N PRO D 124 -14.79 -1.60 -7.40
CA PRO D 124 -13.91 -0.96 -8.39
C PRO D 124 -12.89 0.04 -7.82
N LEU D 125 -11.66 -0.07 -8.29
CA LEU D 125 -10.58 0.84 -7.86
C LEU D 125 -9.73 0.98 -9.11
N PRO D 126 -10.01 2.01 -9.94
N PRO D 126 -10.00 2.03 -9.91
CA PRO D 126 -9.24 2.15 -11.20
CA PRO D 126 -9.27 2.27 -11.15
C PRO D 126 -7.77 2.57 -11.02
C PRO D 126 -8.02 3.10 -10.85
N ASN D 128 -6.28 4.37 -13.82
N ASN D 128 -6.29 4.58 -13.65
CA ASN D 128 -6.06 5.43 -14.81
CA ASN D 128 -6.04 5.45 -14.81
C ASN D 128 -7.31 6.27 -15.07
C ASN D 128 -7.31 6.24 -15.12
N TYR D 129 -7.16 7.36 -15.82
CA TYR D 129 -8.30 8.24 -16.08
C TYR D 129 -9.41 7.62 -16.91
N TYR D 130 -9.07 6.75 -17.85
CA TYR D 130 -10.08 6.06 -18.63
C TYR D 130 -10.98 5.27 -17.68
N GLY D 131 -10.36 4.47 -16.81
CA GLY D 131 -11.11 3.65 -15.84
C GLY D 131 -11.97 4.49 -14.89
N ARG D 132 -11.40 5.59 -14.39
CA ARG D 132 -12.15 6.49 -13.53
C ARG D 132 -13.40 7.05 -14.26
N SER D 133 -13.22 7.45 -15.53
CA SER D 133 -14.32 8.02 -16.29
C SER D 133 -15.45 7.03 -16.55
N LYS D 134 -15.09 5.78 -16.81
CA LYS D 134 -16.09 4.72 -17.00
C LYS D 134 -16.83 4.41 -15.69
N LEU D 135 -16.07 4.37 -14.59
CA LEU D 135 -16.64 4.05 -13.27
C LEU D 135 -17.62 5.12 -12.82
N ILE D 136 -17.24 6.38 -13.03
N ILE D 136 -17.27 6.39 -12.97
CA ILE D 136 -18.06 7.53 -12.66
CA ILE D 136 -18.20 7.42 -12.53
C ILE D 136 -19.31 7.62 -13.56
C ILE D 136 -19.42 7.41 -13.48
N GLY D 137 -19.21 7.05 -14.76
CA GLY D 137 -20.32 6.93 -15.71
C GLY D 137 -21.26 5.84 -15.19
N GLU D 138 -20.70 4.74 -14.68
CA GLU D 138 -21.54 3.66 -14.09
C GLU D 138 -22.38 4.19 -12.94
N SER D 139 -21.77 4.98 -12.06
N SER D 139 -21.78 5.00 -12.07
CA SER D 139 -22.49 5.57 -10.93
CA SER D 139 -22.46 5.59 -10.91
C SER D 139 -23.70 6.37 -11.43
C SER D 139 -23.61 6.55 -11.31
N SER D 140 -23.47 7.19 -12.47
CA SER D 140 -24.53 8.03 -13.04
C SER D 140 -25.72 7.20 -13.50
N VAL D 141 -25.42 6.06 -14.10
CA VAL D 141 -26.43 5.14 -14.60
C VAL D 141 -27.22 4.51 -13.43
N ARG D 142 -26.50 3.98 -12.44
CA ARG D 142 -27.15 3.35 -11.26
C ARG D 142 -28.03 4.26 -10.46
N ASN D 143 -27.49 5.44 -10.15
CA ASN D 143 -28.22 6.43 -9.39
C ASN D 143 -29.51 6.91 -10.10
N ALA D 144 -29.47 7.11 -11.42
CA ALA D 144 -30.64 7.58 -12.18
C ALA D 144 -31.66 6.49 -12.52
N CYS D 145 -31.21 5.33 -13.00
CA CYS D 145 -32.08 4.24 -13.45
C CYS D 145 -31.98 2.99 -12.61
N THR D 146 -32.03 3.18 -11.30
CA THR D 146 -31.82 2.08 -10.32
C THR D 146 -32.45 0.72 -10.62
N ASN D 147 -33.73 0.67 -10.93
CA ASN D 147 -34.37 -0.63 -11.14
C ASN D 147 -34.60 -0.93 -12.62
N ASN D 148 -33.95 -0.18 -13.50
CA ASN D 148 -34.19 -0.37 -14.92
C ASN D 148 -32.94 -0.08 -15.75
N HIS D 149 -31.81 -0.66 -15.35
CA HIS D 149 -30.57 -0.51 -16.11
C HIS D 149 -29.81 -1.83 -16.11
N LEU D 150 -28.90 -1.94 -17.07
CA LEU D 150 -27.99 -3.06 -17.15
C LEU D 150 -26.60 -2.51 -17.48
N ILE D 151 -25.63 -2.82 -16.64
CA ILE D 151 -24.24 -2.42 -16.85
C ILE D 151 -23.47 -3.68 -17.11
N ILE D 152 -22.82 -3.75 -18.26
CA ILE D 152 -22.01 -4.91 -18.64
C ILE D 152 -20.56 -4.47 -18.77
N ARG D 153 -19.70 -5.15 -18.04
CA ARG D 153 -18.28 -4.87 -18.11
C ARG D 153 -17.64 -5.90 -19.03
N ALA D 154 -17.02 -5.41 -20.10
CA ALA D 154 -16.28 -6.23 -21.06
C ALA D 154 -14.80 -6.03 -20.83
N GLY D 155 -14.01 -7.02 -21.20
CA GLY D 155 -12.57 -6.98 -21.08
C GLY D 155 -11.96 -6.51 -22.39
N TRP D 156 -10.93 -7.21 -22.86
CA TRP D 156 -10.30 -6.87 -24.15
C TRP D 156 -11.20 -7.35 -25.30
N ILE D 158 -12.69 -8.34 -28.79
CA ILE D 158 -12.24 -8.83 -30.09
C ILE D 158 -13.45 -8.87 -31.03
N GLY D 159 -13.28 -8.31 -32.22
CA GLY D 159 -14.35 -8.26 -33.21
C GLY D 159 -14.03 -7.31 -34.35
N GLY D 160 -14.80 -7.41 -35.43
CA GLY D 160 -14.63 -6.55 -36.60
C GLY D 160 -14.30 -7.34 -37.85
N GLY D 161 -13.54 -8.42 -37.69
CA GLY D 161 -13.18 -9.25 -38.85
C GLY D 161 -12.10 -8.65 -39.74
N PRO D 162 -11.81 -9.33 -40.86
CA PRO D 162 -10.76 -8.86 -41.78
C PRO D 162 -10.86 -7.41 -42.24
N ASP D 163 -12.06 -6.90 -42.46
CA ASP D 163 -12.22 -5.53 -42.95
C ASP D 163 -12.08 -4.42 -41.89
N LYS D 164 -12.56 -4.68 -40.66
CA LYS D 164 -12.64 -3.66 -39.61
C LYS D 164 -11.70 -3.77 -38.41
N ASP D 165 -11.14 -4.95 -38.15
CA ASP D 165 -10.31 -5.13 -36.96
C ASP D 165 -8.93 -4.51 -37.11
N HIS D 166 -8.74 -3.34 -36.51
CA HIS D 166 -7.42 -2.68 -36.48
C HIS D 166 -6.95 -2.57 -35.02
N LYS D 167 -7.47 -3.45 -34.18
CA LYS D 167 -7.06 -3.54 -32.79
C LYS D 167 -5.97 -4.64 -32.68
N PHE D 168 -5.72 -5.11 -31.46
CA PHE D 168 -4.69 -6.10 -31.21
C PHE D 168 -4.73 -7.33 -32.12
N VAL D 169 -5.87 -8.01 -32.18
CA VAL D 169 -5.96 -9.25 -32.99
C VAL D 169 -5.70 -8.99 -34.48
N GLY D 170 -6.33 -7.96 -35.04
CA GLY D 170 -6.15 -7.59 -36.44
C GLY D 170 -4.70 -7.26 -36.77
N LYS D 171 -4.04 -6.52 -35.88
CA LYS D 171 -2.61 -6.16 -36.08
C LYS D 171 -1.70 -7.39 -36.07
N ILE D 172 -1.94 -8.31 -35.13
CA ILE D 172 -1.17 -9.54 -35.08
C ILE D 172 -1.40 -10.32 -36.37
N ILE D 173 -2.66 -10.43 -36.80
CA ILE D 173 -2.98 -11.15 -38.03
C ILE D 173 -2.31 -10.50 -39.28
N GLN D 174 -2.33 -9.17 -39.34
CA GLN D 174 -1.69 -8.40 -40.43
C GLN D 174 -0.17 -8.69 -40.49
N GLN D 175 0.47 -8.74 -39.33
CA GLN D 175 1.91 -9.05 -39.26
C GLN D 175 2.18 -10.49 -39.71
N ILE D 176 1.30 -11.41 -39.31
CA ILE D 176 1.44 -12.81 -39.71
C ILE D 176 1.30 -12.91 -41.24
N LYS D 177 0.26 -12.30 -41.79
CA LYS D 177 0.01 -12.33 -43.23
C LYS D 177 1.14 -11.66 -44.03
N ALA D 178 1.79 -10.65 -43.45
CA ALA D 178 2.90 -9.96 -44.13
C ALA D 178 4.22 -10.75 -44.04
N GLY D 179 4.19 -11.89 -43.37
CA GLY D 179 5.37 -12.72 -43.20
C GLY D 179 6.46 -12.15 -42.30
N SER D 180 6.05 -11.47 -41.22
N SER D 180 6.05 -11.49 -41.22
CA SER D 180 7.00 -10.88 -40.29
CA SER D 180 6.99 -10.90 -40.28
C SER D 180 7.91 -11.96 -39.70
C SER D 180 7.92 -11.97 -39.72
N THR D 181 9.20 -11.64 -39.62
CA THR D 181 10.18 -12.57 -39.08
C THR D 181 9.94 -12.79 -37.57
N SER D 182 9.34 -11.80 -36.92
CA SER D 182 9.05 -11.89 -35.49
C SER D 182 8.03 -10.86 -35.07
N ILE D 183 7.26 -11.23 -34.06
CA ILE D 183 6.24 -10.38 -33.50
C ILE D 183 6.46 -10.28 -31.99
N LYS D 184 6.48 -9.05 -31.47
CA LYS D 184 6.63 -8.80 -30.04
C LYS D 184 5.26 -8.59 -29.43
N ALA D 185 5.04 -9.16 -28.25
CA ALA D 185 3.78 -9.03 -27.53
C ALA D 185 4.07 -8.97 -26.03
N VAL D 186 3.39 -8.07 -25.34
CA VAL D 186 3.57 -7.85 -23.93
C VAL D 186 3.16 -9.07 -23.10
N SER D 187 4.07 -9.56 -22.27
CA SER D 187 3.83 -10.74 -21.44
C SER D 187 3.49 -10.45 -19.96
N ASP D 188 3.68 -9.22 -19.52
CA ASP D 188 3.54 -8.89 -18.08
C ASP D 188 2.35 -8.00 -17.69
N ARG D 189 1.31 -8.01 -18.51
CA ARG D 189 0.04 -7.33 -18.22
C ARG D 189 -1.04 -8.35 -18.62
N LEU D 190 -1.93 -8.69 -17.71
CA LEU D 190 -2.95 -9.70 -17.96
C LEU D 190 -4.36 -9.10 -18.06
N GLY D 191 -5.24 -9.87 -18.70
CA GLY D 191 -6.63 -9.45 -18.89
C GLY D 191 -7.47 -10.64 -19.34
N SER D 192 -8.71 -10.36 -19.72
CA SER D 192 -9.65 -11.34 -20.23
C SER D 192 -10.20 -10.84 -21.56
N ILE D 193 -10.46 -11.75 -22.49
CA ILE D 193 -11.03 -11.32 -23.76
C ILE D 193 -12.56 -11.44 -23.77
N THR D 194 -13.19 -10.55 -24.51
CA THR D 194 -14.62 -10.55 -24.72
C THR D 194 -14.89 -10.56 -26.21
N SER D 195 -15.54 -11.62 -26.69
CA SER D 195 -15.94 -11.73 -28.08
C SER D 195 -17.11 -10.79 -28.33
N ALA D 196 -16.94 -9.81 -29.21
CA ALA D 196 -18.02 -8.87 -29.54
C ALA D 196 -19.26 -9.60 -30.07
N GLN D 198 -20.30 -12.69 -29.38
CA GLN D 198 -21.00 -13.36 -28.26
C GLN D 198 -21.71 -12.33 -27.39
N LEU D 199 -21.04 -11.20 -27.16
CA LEU D 199 -21.63 -10.12 -26.35
C LEU D 199 -22.90 -9.60 -27.06
N CYS D 200 -22.84 -9.50 -28.37
CA CYS D 200 -24.00 -9.07 -29.17
C CYS D 200 -25.19 -10.02 -28.92
N ASN D 201 -24.96 -11.32 -29.06
CA ASN D 201 -26.00 -12.31 -28.84
C ASN D 201 -26.58 -12.19 -27.42
N PHE D 202 -25.72 -11.96 -26.44
CA PHE D 202 -26.16 -11.81 -25.06
C PHE D 202 -27.02 -10.56 -24.91
N ILE D 203 -26.61 -9.48 -25.56
CA ILE D 203 -27.34 -8.23 -25.49
C ILE D 203 -28.77 -8.38 -26.08
N ILE D 204 -28.91 -9.10 -27.19
CA ILE D 204 -30.23 -9.33 -27.79
C ILE D 204 -31.12 -10.06 -26.78
N TRP D 205 -30.54 -11.07 -26.13
CA TRP D 205 -31.24 -11.82 -25.10
C TRP D 205 -31.63 -10.91 -23.94
N ALA D 206 -30.70 -10.03 -23.55
CA ALA D 206 -30.90 -9.12 -22.41
C ALA D 206 -32.00 -8.11 -22.64
N ILE D 207 -32.05 -7.59 -23.86
CA ILE D 207 -33.10 -6.65 -24.24
C ILE D 207 -34.47 -7.33 -24.13
N ASN D 208 -34.57 -8.58 -24.60
CA ASN D 208 -35.84 -9.33 -24.57
C ASN D 208 -36.32 -9.60 -23.15
N LYS D 209 -35.39 -9.91 -22.24
CA LYS D 209 -35.72 -10.21 -20.84
C LYS D 209 -35.74 -8.98 -19.96
N ARG D 210 -35.21 -7.87 -20.45
CA ARG D 210 -35.03 -6.66 -19.65
C ARG D 210 -34.24 -7.01 -18.38
N HIS D 211 -33.16 -7.76 -18.54
CA HIS D 211 -32.30 -8.12 -17.42
C HIS D 211 -31.70 -6.83 -16.84
N THR D 212 -31.57 -6.78 -15.51
CA THR D 212 -31.05 -5.59 -14.83
C THR D 212 -29.89 -5.89 -13.88
N GLY D 213 -29.13 -4.85 -13.55
CA GLY D 213 -28.01 -4.99 -12.60
C GLY D 213 -26.65 -4.82 -13.28
N THR D 214 -25.62 -5.45 -12.71
CA THR D 214 -24.26 -5.35 -13.21
C THR D 214 -23.71 -6.75 -13.49
N LEU D 215 -23.12 -6.93 -14.66
N LEU D 215 -23.11 -6.92 -14.66
CA LEU D 215 -22.54 -8.20 -15.07
CA LEU D 215 -22.60 -8.22 -15.10
C LEU D 215 -21.18 -8.02 -15.71
C LEU D 215 -21.27 -8.11 -15.86
N HIS D 216 -20.35 -9.04 -15.59
CA HIS D 216 -19.07 -9.12 -16.25
C HIS D 216 -19.27 -10.11 -17.38
N PHE D 217 -18.91 -9.73 -18.61
CA PHE D 217 -19.08 -10.61 -19.75
C PHE D 217 -17.73 -10.80 -20.45
N ALA D 218 -17.13 -11.98 -20.23
CA ALA D 218 -15.82 -12.30 -20.80
C ALA D 218 -15.56 -13.80 -20.83
N SER D 219 -14.72 -14.21 -21.78
CA SER D 219 -14.31 -15.60 -21.88
C SER D 219 -13.51 -15.95 -20.62
N SER D 220 -13.54 -17.23 -20.25
N SER D 220 -13.55 -17.23 -20.22
CA SER D 220 -12.84 -17.73 -19.09
CA SER D 220 -12.85 -17.66 -19.01
C SER D 220 -11.32 -17.75 -19.35
C SER D 220 -11.35 -17.77 -19.31
N GLY D 221 -10.55 -17.17 -18.44
CA GLY D 221 -9.10 -17.16 -18.57
C GLY D 221 -8.52 -15.78 -18.36
N THR D 222 -7.42 -15.73 -17.62
CA THR D 222 -6.66 -14.50 -17.35
C THR D 222 -5.36 -14.72 -18.07
N ILE D 223 -5.17 -13.96 -19.15
CA ILE D 223 -4.04 -14.16 -20.06
C ILE D 223 -3.39 -12.86 -20.49
N SER D 224 -2.21 -12.97 -21.09
CA SER D 224 -1.47 -11.79 -21.57
C SER D 224 -1.66 -11.67 -23.06
N ARG D 225 -1.25 -10.52 -23.60
CA ARG D 225 -1.29 -10.33 -25.06
C ARG D 225 -0.35 -11.32 -25.71
N PHE D 226 0.74 -11.66 -25.02
CA PHE D 226 1.67 -12.65 -25.52
C PHE D 226 0.99 -14.01 -25.72
N ASP D 227 0.19 -14.41 -24.73
CA ASP D 227 -0.57 -15.68 -24.80
C ASP D 227 -1.50 -15.64 -26.00
N ILE D 228 -2.17 -14.52 -26.20
CA ILE D 228 -3.11 -14.35 -27.31
C ILE D 228 -2.35 -14.41 -28.65
N ALA D 229 -1.22 -13.72 -28.74
CA ALA D 229 -0.45 -13.74 -30.00
C ALA D 229 0.00 -15.16 -30.32
N CYS D 230 0.46 -15.90 -29.32
CA CYS D 230 0.89 -17.29 -29.52
C CYS D 230 -0.24 -18.17 -30.03
N ALA D 231 -1.43 -17.99 -29.48
CA ALA D 231 -2.60 -18.77 -29.89
C ALA D 231 -2.98 -18.44 -31.36
N ILE D 232 -2.99 -17.16 -31.71
CA ILE D 232 -3.27 -16.72 -33.11
C ILE D 232 -2.21 -17.34 -34.04
N GLY D 233 -0.94 -17.24 -33.64
CA GLY D 233 0.18 -17.81 -34.37
C GLY D 233 -0.01 -19.29 -34.68
N ASP D 234 -0.44 -20.06 -33.68
CA ASP D 234 -0.71 -21.51 -33.87
C ASP D 234 -1.85 -21.72 -34.85
N LEU D 235 -2.91 -20.92 -34.72
CA LEU D 235 -4.08 -21.03 -35.61
C LEU D 235 -3.78 -20.71 -37.07
N LEU D 236 -2.85 -19.78 -37.33
CA LEU D 236 -2.52 -19.40 -38.70
C LEU D 236 -1.23 -20.03 -39.24
N ASN D 237 -0.69 -21.02 -38.51
N ASN D 237 -0.68 -21.01 -38.50
CA ASN D 237 0.54 -21.74 -38.90
CA ASN D 237 0.53 -21.73 -38.91
C ASN D 237 1.73 -20.80 -39.12
C ASN D 237 1.72 -20.79 -39.15
N PHE D 238 1.82 -19.76 -38.30
CA PHE D 238 2.90 -18.77 -38.35
C PHE D 238 4.22 -19.46 -38.00
N LYS D 239 5.27 -19.24 -38.76
N LYS D 239 5.24 -19.23 -38.81
CA LYS D 239 6.56 -19.88 -38.49
CA LYS D 239 6.56 -19.85 -38.65
C LYS D 239 7.64 -18.91 -38.00
C LYS D 239 7.66 -18.86 -38.23
N GLY D 240 7.28 -17.63 -37.86
CA GLY D 240 8.23 -16.62 -37.36
C GLY D 240 8.27 -16.73 -35.84
N ASP D 241 9.04 -15.85 -35.20
CA ASP D 241 9.12 -15.88 -33.74
C ASP D 241 8.07 -14.98 -33.11
N ILE D 242 7.44 -15.44 -32.03
CA ILE D 242 6.54 -14.58 -31.24
C ILE D 242 7.35 -14.39 -29.95
N ILE D 243 7.75 -13.16 -29.69
CA ILE D 243 8.66 -12.81 -28.62
C ILE D 243 7.92 -12.15 -27.45
N PRO D 244 8.06 -12.70 -26.21
CA PRO D 244 7.43 -12.07 -25.05
C PRO D 244 8.27 -10.88 -24.60
N VAL D 245 7.67 -9.73 -24.45
CA VAL D 245 8.39 -8.55 -23.97
C VAL D 245 7.70 -7.93 -22.77
N HIS D 246 8.48 -7.22 -21.97
CA HIS D 246 7.95 -6.47 -20.83
C HIS D 246 7.31 -5.18 -21.32
N SER D 247 6.37 -4.65 -20.55
N SER D 247 6.39 -4.64 -20.53
CA SER D 247 5.64 -3.44 -20.94
CA SER D 247 5.67 -3.41 -20.88
C SER D 247 6.52 -2.20 -21.13
C SER D 247 6.55 -2.23 -21.17
N SER D 248 7.71 -2.19 -20.51
CA SER D 248 8.64 -1.10 -20.68
C SER D 248 9.12 -0.88 -22.12
N VAL D 249 9.10 -1.92 -22.97
N VAL D 249 9.05 -1.93 -22.93
CA VAL D 249 9.57 -1.70 -24.35
CA VAL D 249 9.48 -1.87 -24.34
C VAL D 249 8.57 -0.88 -25.18
C VAL D 249 8.57 -0.95 -25.17
N PHE D 250 7.31 -0.85 -24.75
CA PHE D 250 6.28 -0.02 -25.44
C PHE D 250 5.76 1.03 -24.47
N PRO D 251 6.47 2.14 -24.30
CA PRO D 251 5.97 3.15 -23.35
C PRO D 251 4.58 3.70 -23.74
N LEU D 252 3.71 3.86 -22.76
CA LEU D 252 2.36 4.35 -22.97
C LEU D 252 2.05 5.39 -21.91
N SER D 253 1.15 6.34 -22.18
CA SER D 253 0.81 7.38 -21.21
C SER D 253 0.08 6.85 -19.98
N ALA D 254 -0.89 5.97 -20.21
CA ALA D 254 -1.72 5.47 -19.12
C ALA D 254 -1.14 4.27 -18.40
N PRO D 255 -1.10 4.33 -17.06
CA PRO D 255 -0.68 3.16 -16.29
C PRO D 255 -1.64 1.98 -16.57
N ARG D 256 -1.09 0.79 -16.67
CA ARG D 256 -1.88 -0.43 -16.86
C ARG D 256 -1.66 -1.32 -15.62
N PRO D 257 -2.72 -1.94 -15.09
CA PRO D 257 -2.52 -2.79 -13.90
C PRO D 257 -1.85 -4.12 -14.27
N TYR D 258 -1.33 -4.84 -13.27
CA TYR D 258 -0.75 -6.15 -13.53
C TYR D 258 -1.82 -7.05 -14.13
N SER D 259 -3.07 -6.85 -13.69
CA SER D 259 -4.18 -7.55 -14.28
C SER D 259 -5.49 -6.80 -14.25
N GLU D 260 -6.21 -6.89 -15.36
CA GLU D 260 -7.58 -6.38 -15.41
C GLU D 260 -8.52 -7.53 -15.76
N GLY D 261 -8.09 -8.75 -15.45
CA GLY D 261 -8.92 -9.91 -15.67
C GLY D 261 -10.25 -9.80 -14.94
N ILE D 262 -11.32 -10.20 -15.60
CA ILE D 262 -12.66 -10.24 -15.00
C ILE D 262 -13.32 -11.61 -15.17
N GLU D 263 -14.09 -12.00 -14.16
CA GLU D 263 -14.88 -13.22 -14.20
C GLU D 263 -16.25 -12.89 -13.61
N SER D 264 -17.23 -13.74 -13.88
CA SER D 264 -18.59 -13.51 -13.38
C SER D 264 -19.03 -14.55 -12.42
N ILE D 265 -19.70 -14.10 -11.37
CA ILE D 265 -20.34 -15.01 -10.41
C ILE D 265 -21.84 -15.04 -10.65
N TYR D 266 -22.34 -14.23 -11.60
CA TYR D 266 -23.78 -14.17 -11.86
C TYR D 266 -24.26 -14.66 -13.23
N SER D 268 -24.00 -17.59 -14.59
CA SER D 268 -24.58 -18.94 -14.49
C SER D 268 -26.06 -18.98 -14.05
N ILE D 269 -26.54 -17.96 -13.34
CA ILE D 269 -27.95 -17.96 -12.95
C ILE D 269 -28.89 -17.58 -14.10
N LEU D 270 -28.34 -17.03 -15.19
CA LEU D 270 -29.14 -16.66 -16.37
C LEU D 270 -29.18 -17.93 -17.24
N SER D 271 -30.00 -18.89 -16.82
CA SER D 271 -30.04 -20.23 -17.44
C SER D 271 -30.10 -20.30 -18.97
N ASP D 272 -30.94 -19.50 -19.62
CA ASP D 272 -31.03 -19.60 -21.09
C ASP D 272 -30.27 -18.52 -21.86
N ALA D 273 -29.45 -17.71 -21.18
CA ALA D 273 -28.71 -16.67 -21.86
C ALA D 273 -27.53 -17.24 -22.62
N PRO D 274 -27.20 -16.67 -23.79
CA PRO D 274 -25.99 -17.10 -24.51
C PRO D 274 -24.76 -16.67 -23.69
N LYS D 275 -23.85 -17.60 -23.44
CA LYS D 275 -22.69 -17.36 -22.59
C LYS D 275 -21.35 -17.47 -23.29
N PRO D 276 -20.30 -16.84 -22.72
CA PRO D 276 -18.99 -17.01 -23.33
C PRO D 276 -18.46 -18.38 -22.98
N SER D 277 -17.34 -18.75 -23.57
CA SER D 277 -16.75 -20.06 -23.32
C SER D 277 -15.28 -19.87 -22.85
N LEU D 278 -14.41 -20.80 -23.19
CA LEU D 278 -12.99 -20.73 -22.84
C LEU D 278 -12.31 -19.75 -23.80
N TRP D 279 -11.34 -18.98 -23.32
CA TRP D 279 -10.68 -17.95 -24.18
C TRP D 279 -10.11 -18.53 -25.49
N LYS D 280 -9.43 -19.68 -25.43
CA LYS D 280 -8.87 -20.28 -26.64
C LYS D 280 -9.91 -20.66 -27.69
N SER D 281 -11.04 -21.20 -27.24
CA SER D 281 -12.12 -21.59 -28.16
C SER D 281 -12.76 -20.35 -28.76
N ASP D 282 -13.06 -19.33 -27.93
CA ASP D 282 -13.70 -18.11 -28.43
C ASP D 282 -12.78 -17.36 -29.39
N LEU D 283 -11.49 -17.31 -29.09
CA LEU D 283 -10.51 -16.69 -29.99
C LEU D 283 -10.45 -17.47 -31.30
N ALA D 284 -10.39 -18.80 -31.23
CA ALA D 284 -10.32 -19.64 -32.46
C ALA D 284 -11.48 -19.35 -33.42
N LYS D 285 -12.70 -19.28 -32.89
CA LYS D 285 -13.88 -18.96 -33.72
C LYS D 285 -13.74 -17.60 -34.42
N TYR D 286 -13.24 -16.61 -33.70
CA TYR D 286 -13.05 -15.28 -34.26
C TYR D 286 -11.95 -15.26 -35.32
N VAL D 287 -10.82 -15.90 -35.03
CA VAL D 287 -9.70 -15.94 -35.97
C VAL D 287 -10.12 -16.67 -37.24
N GLY D 288 -10.97 -17.70 -37.10
CA GLY D 288 -11.49 -18.45 -38.26
C GLY D 288 -12.21 -17.58 -39.30
N THR D 289 -12.79 -16.46 -38.88
CA THR D 289 -13.47 -15.55 -39.82
C THR D 289 -12.50 -14.77 -40.71
N PHE D 290 -11.19 -14.87 -40.46
CA PHE D 290 -10.19 -14.19 -41.31
C PHE D 290 -9.69 -15.08 -42.46
N LEU D 291 -9.81 -16.39 -42.34
CA LEU D 291 -9.35 -17.32 -43.40
C LEU D 291 -10.46 -18.26 -43.84
N SER E 1 -54.59 1.63 20.40
CA SER E 1 -54.02 3.01 20.45
C SER E 1 -53.93 3.61 19.03
N ASN E 2 -53.06 3.06 18.18
CA ASN E 2 -52.92 3.54 16.80
C ASN E 2 -54.16 3.08 16.02
N ALA E 3 -54.90 4.04 15.43
CA ALA E 3 -56.14 3.77 14.67
C ALA E 3 -55.98 2.77 13.49
N LYS E 5 -53.87 -0.63 11.78
CA LYS E 5 -53.08 -1.80 12.15
C LYS E 5 -51.79 -1.90 11.30
N ARG E 6 -50.69 -1.40 11.89
CA ARG E 6 -49.38 -1.37 11.25
C ARG E 6 -48.68 -2.74 11.22
N LYS E 7 -47.94 -2.96 10.15
CA LYS E 7 -47.31 -4.25 9.90
C LYS E 7 -45.79 -4.23 9.84
N ILE E 8 -45.17 -5.21 10.51
CA ILE E 8 -43.72 -5.42 10.54
C ILE E 8 -43.41 -6.76 9.85
N LEU E 9 -42.56 -6.71 8.81
CA LEU E 9 -42.12 -7.91 8.09
C LEU E 9 -40.64 -8.17 8.47
N ILE E 10 -40.35 -9.37 8.98
CA ILE E 10 -39.01 -9.72 9.44
C ILE E 10 -38.40 -10.89 8.66
N THR E 11 -37.14 -10.73 8.25
CA THR E 11 -36.39 -11.82 7.62
C THR E 11 -35.36 -12.24 8.66
N GLY E 12 -35.02 -13.51 8.69
CA GLY E 12 -34.04 -14.00 9.66
C GLY E 12 -34.60 -14.01 11.07
N GLY E 13 -35.93 -14.13 11.18
CA GLY E 13 -36.63 -14.12 12.45
C GLY E 13 -36.27 -15.20 13.47
N THR E 14 -35.65 -16.29 13.04
CA THR E 14 -35.24 -17.35 13.97
C THR E 14 -33.72 -17.32 14.25
N GLY E 15 -33.01 -16.38 13.64
CA GLY E 15 -31.58 -16.23 13.86
C GLY E 15 -31.32 -15.72 15.28
N LEU E 17 -30.13 -12.82 16.52
CA LEU E 17 -30.76 -11.52 16.78
C LEU E 17 -32.28 -11.60 16.55
N GLY E 18 -32.66 -12.15 15.40
CA GLY E 18 -34.08 -12.23 15.03
C GLY E 18 -35.03 -12.83 16.03
N ALA E 19 -34.59 -13.88 16.72
CA ALA E 19 -35.42 -14.56 17.70
C ALA E 19 -35.74 -13.66 18.88
N TYR E 20 -34.76 -12.88 19.32
CA TYR E 20 -34.98 -11.92 20.42
C TYR E 20 -35.94 -10.82 20.01
N VAL E 21 -35.74 -10.28 18.82
CA VAL E 21 -36.62 -9.22 18.30
C VAL E 21 -38.07 -9.71 18.15
N THR E 22 -38.24 -10.89 17.58
CA THR E 22 -39.56 -11.46 17.39
C THR E 22 -40.28 -11.63 18.73
N SER E 23 -39.60 -12.22 19.73
CA SER E 23 -40.20 -12.38 21.06
C SER E 23 -40.58 -11.03 21.67
N ALA E 24 -39.70 -10.05 21.50
CA ALA E 24 -39.93 -8.71 22.04
C ALA E 24 -41.13 -8.01 21.39
N LEU E 25 -41.39 -8.32 20.12
CA LEU E 25 -42.51 -7.68 19.42
C LEU E 25 -43.87 -8.26 19.76
N LYS E 26 -43.91 -9.36 20.50
CA LYS E 26 -45.17 -9.96 20.89
C LYS E 26 -45.99 -9.07 21.82
N ASP E 27 -45.30 -8.28 22.65
CA ASP E 27 -45.98 -7.36 23.56
C ASP E 27 -46.60 -6.15 22.86
N THR E 28 -46.03 -5.75 21.72
CA THR E 28 -46.50 -4.60 20.98
C THR E 28 -47.82 -4.88 20.27
N ASP E 29 -48.37 -3.84 19.63
N ASP E 29 -48.39 -3.85 19.64
CA ASP E 29 -49.62 -3.93 18.89
CA ASP E 29 -49.63 -3.99 18.90
C ASP E 29 -49.41 -4.13 17.38
C ASP E 29 -49.41 -4.16 17.38
N TYR E 30 -48.16 -4.34 16.95
CA TYR E 30 -47.86 -4.54 15.53
C TYR E 30 -48.30 -5.92 15.02
N ASN E 31 -48.72 -5.96 13.75
CA ASN E 31 -49.02 -7.22 13.07
C ASN E 31 -47.65 -7.69 12.53
N VAL E 32 -47.09 -8.72 13.16
CA VAL E 32 -45.76 -9.19 12.81
C VAL E 32 -45.74 -10.38 11.87
N ILE E 33 -45.15 -10.21 10.70
CA ILE E 33 -45.01 -11.28 9.71
C ILE E 33 -43.57 -11.80 9.70
N VAL E 34 -43.40 -13.02 10.17
CA VAL E 34 -42.09 -13.63 10.23
C VAL E 34 -41.93 -14.54 9.01
N THR E 35 -41.14 -14.09 8.03
CA THR E 35 -40.97 -14.87 6.82
C THR E 35 -40.25 -16.18 7.11
N GLU E 36 -40.51 -17.15 6.26
CA GLU E 36 -39.93 -18.48 6.36
C GLU E 36 -39.62 -18.90 4.92
N ARG E 37 -38.94 -20.04 4.74
CA ARG E 37 -38.50 -20.45 3.40
C ARG E 37 -39.61 -20.53 2.34
N ASN E 38 -40.82 -20.87 2.76
CA ASN E 38 -41.98 -20.97 1.86
C ASN E 38 -42.46 -19.62 1.31
N THR E 39 -42.18 -18.52 2.01
CA THR E 39 -42.64 -17.20 1.54
C THR E 39 -41.54 -16.28 1.05
N LEU E 40 -40.33 -16.45 1.58
CA LEU E 40 -39.19 -15.62 1.19
C LEU E 40 -37.92 -16.43 1.39
N ASN E 41 -37.20 -16.61 0.29
CA ASN E 41 -35.99 -17.38 0.27
C ASN E 41 -34.90 -16.52 -0.40
N LEU E 42 -33.78 -16.34 0.29
CA LEU E 42 -32.70 -15.51 -0.23
C LEU E 42 -32.12 -16.08 -1.53
N SER E 43 -32.21 -17.40 -1.71
CA SER E 43 -31.72 -18.05 -2.92
C SER E 43 -32.66 -17.81 -4.11
N VAL E 44 -33.84 -17.23 -3.86
CA VAL E 44 -34.83 -16.93 -4.89
C VAL E 44 -35.19 -15.43 -4.80
N PRO E 45 -34.22 -14.56 -5.13
CA PRO E 45 -34.46 -13.11 -5.04
C PRO E 45 -35.56 -12.59 -5.99
N GLU E 46 -35.75 -13.28 -7.12
CA GLU E 46 -36.77 -12.91 -8.12
C GLU E 46 -38.21 -12.97 -7.63
N ALA E 47 -38.47 -13.69 -6.53
CA ALA E 47 -39.82 -13.80 -5.95
C ALA E 47 -40.06 -12.84 -4.75
N ILE E 48 -39.02 -12.13 -4.33
CA ILE E 48 -39.11 -11.26 -3.16
C ILE E 48 -39.95 -10.00 -3.33
N PHE E 49 -39.73 -9.25 -4.40
CA PHE E 49 -40.42 -7.98 -4.59
C PHE E 49 -41.96 -8.06 -4.61
N SER E 50 -42.51 -9.00 -5.37
N SER E 50 -42.51 -9.01 -5.37
CA SER E 50 -43.96 -9.16 -5.46
CA SER E 50 -43.96 -9.19 -5.48
C SER E 50 -44.56 -9.55 -4.13
C SER E 50 -44.56 -9.57 -4.14
N TYR E 51 -43.87 -10.44 -3.40
CA TYR E 51 -44.32 -10.87 -2.09
C TYR E 51 -44.35 -9.69 -1.08
N ILE E 52 -43.25 -8.97 -0.95
CA ILE E 52 -43.21 -7.86 0.00
C ILE E 52 -44.18 -6.74 -0.39
N THR E 53 -44.29 -6.43 -1.68
CA THR E 53 -45.22 -5.37 -2.10
C THR E 53 -46.69 -5.73 -1.84
N ALA E 54 -47.01 -7.03 -1.90
CA ALA E 54 -48.36 -7.49 -1.61
C ALA E 54 -48.64 -7.34 -0.11
N GLU E 55 -47.65 -7.63 0.73
CA GLU E 55 -47.84 -7.48 2.19
C GLU E 55 -47.94 -5.99 2.59
N LYS E 56 -47.29 -5.14 1.82
CA LYS E 56 -47.29 -3.69 2.04
C LYS E 56 -46.97 -3.35 3.52
N PRO E 57 -45.86 -3.87 4.06
CA PRO E 57 -45.57 -3.59 5.44
C PRO E 57 -45.17 -2.14 5.69
N ASP E 58 -45.34 -1.69 6.92
CA ASP E 58 -44.92 -0.35 7.31
C ASP E 58 -43.42 -0.32 7.67
N VAL E 59 -42.94 -1.48 8.14
CA VAL E 59 -41.58 -1.65 8.63
C VAL E 59 -41.06 -3.01 8.15
N ILE E 60 -39.80 -3.03 7.69
CA ILE E 60 -39.15 -4.26 7.28
C ILE E 60 -37.84 -4.39 8.07
N LEU E 61 -37.66 -5.54 8.75
CA LEU E 61 -36.45 -5.81 9.51
C LEU E 61 -35.73 -6.89 8.72
N HIS E 62 -34.62 -6.53 8.08
CA HIS E 62 -33.88 -7.46 7.23
C HIS E 62 -32.61 -7.98 7.92
N PHE E 63 -32.77 -9.10 8.62
CA PHE E 63 -31.67 -9.74 9.36
C PHE E 63 -31.09 -10.97 8.65
N ALA E 64 -31.82 -11.54 7.70
CA ALA E 64 -31.34 -12.74 6.99
C ALA E 64 -30.13 -12.45 6.07
N ALA E 65 -29.16 -13.35 6.11
CA ALA E 65 -27.93 -13.23 5.33
C ALA E 65 -27.14 -14.53 5.37
N GLU E 66 -26.26 -14.72 4.39
CA GLU E 66 -25.33 -15.84 4.42
C GLU E 66 -24.15 -15.27 5.21
N THR E 67 -23.98 -15.73 6.45
CA THR E 67 -22.94 -15.22 7.35
C THR E 67 -21.72 -16.09 7.57
N ASP E 68 -21.64 -17.24 6.89
CA ASP E 68 -20.44 -18.10 6.95
C ASP E 68 -19.40 -17.40 6.06
N VAL E 69 -18.49 -16.69 6.70
CA VAL E 69 -17.48 -15.88 6.01
C VAL E 69 -16.59 -16.72 5.08
N ASP E 70 -16.23 -17.90 5.50
CA ASP E 70 -15.38 -18.76 4.70
C ASP E 70 -16.10 -19.33 3.48
N LEU E 71 -17.36 -19.72 3.68
CA LEU E 71 -18.16 -20.22 2.57
C LEU E 71 -18.32 -19.12 1.52
N CYS E 72 -18.52 -17.89 1.97
CA CYS E 72 -18.65 -16.74 1.08
C CYS E 72 -17.42 -16.54 0.19
N GLU E 73 -16.22 -16.80 0.76
CA GLU E 73 -15.01 -16.64 0.00
C GLU E 73 -14.89 -17.76 -1.04
N ARG E 74 -15.24 -18.98 -0.66
CA ARG E 74 -15.18 -20.09 -1.61
C ARG E 74 -16.25 -19.99 -2.69
N GLU E 75 -17.44 -19.49 -2.31
CA GLU E 75 -18.58 -19.41 -3.24
C GLU E 75 -19.14 -17.99 -3.27
N PRO E 76 -18.40 -17.07 -3.88
CA PRO E 76 -18.87 -15.68 -3.88
C PRO E 76 -20.21 -15.49 -4.56
N ALA E 77 -20.61 -16.41 -5.45
CA ALA E 77 -21.94 -16.34 -6.08
C ALA E 77 -23.02 -16.42 -5.00
N ARG E 78 -22.81 -17.31 -4.02
CA ARG E 78 -23.77 -17.44 -2.92
C ARG E 78 -23.82 -16.18 -2.06
N ALA E 79 -22.65 -15.60 -1.74
CA ALA E 79 -22.63 -14.36 -0.96
C ALA E 79 -23.35 -13.26 -1.73
N GLY E 80 -23.09 -13.19 -3.04
CA GLY E 80 -23.70 -12.19 -3.89
C GLY E 80 -25.22 -12.31 -3.97
N ILE E 81 -25.72 -13.51 -4.25
CA ILE E 81 -27.16 -13.74 -4.36
C ILE E 81 -27.89 -13.48 -3.03
N TYR E 82 -27.40 -14.09 -1.97
CA TYR E 82 -28.04 -13.98 -0.65
C TYR E 82 -27.96 -12.61 0.03
N ASN E 83 -26.81 -11.95 -0.08
CA ASN E 83 -26.57 -10.71 0.64
C ASN E 83 -26.71 -9.44 -0.16
N HIS E 84 -26.41 -9.54 -1.47
CA HIS E 84 -26.55 -8.38 -2.37
C HIS E 84 -27.87 -8.40 -3.15
N LEU E 85 -28.05 -9.39 -4.02
CA LEU E 85 -29.25 -9.44 -4.88
C LEU E 85 -30.57 -9.50 -4.13
N ALA E 86 -30.67 -10.36 -3.13
CA ALA E 86 -31.88 -10.45 -2.30
C ALA E 86 -32.14 -9.12 -1.58
N THR E 87 -31.08 -8.51 -1.04
CA THR E 87 -31.19 -7.24 -0.34
C THR E 87 -31.66 -6.13 -1.29
N GLU E 88 -31.15 -6.12 -2.53
CA GLU E 88 -31.57 -5.13 -3.54
C GLU E 88 -33.10 -5.21 -3.78
N GLN E 89 -33.63 -6.42 -3.89
CA GLN E 89 -35.08 -6.63 -4.10
C GLN E 89 -35.90 -6.17 -2.89
N ILE E 90 -35.40 -6.45 -1.70
CA ILE E 90 -36.05 -6.03 -0.46
C ILE E 90 -36.09 -4.50 -0.42
N ALA E 91 -34.96 -3.88 -0.75
CA ALA E 91 -34.86 -2.42 -0.77
C ALA E 91 -35.81 -1.80 -1.81
N GLN E 92 -35.90 -2.41 -3.01
CA GLN E 92 -36.81 -1.88 -4.03
C GLN E 92 -38.25 -2.00 -3.57
N ALA E 93 -38.54 -3.11 -2.88
CA ALA E 93 -39.91 -3.34 -2.35
C ALA E 93 -40.25 -2.32 -1.25
N ALA E 94 -39.30 -2.06 -0.38
CA ALA E 94 -39.49 -1.09 0.70
C ALA E 94 -39.76 0.29 0.11
N LYS E 95 -38.99 0.65 -0.91
CA LYS E 95 -39.19 1.93 -1.57
C LYS E 95 -40.60 1.98 -2.18
N PHE E 96 -41.00 0.92 -2.87
CA PHE E 96 -42.31 0.87 -3.50
C PHE E 96 -43.45 1.04 -2.48
N CYS E 97 -43.30 0.40 -1.32
CA CYS E 97 -44.30 0.43 -0.21
C CYS E 97 -44.26 1.65 0.70
N GLY E 98 -43.16 2.39 0.71
CA GLY E 98 -42.98 3.50 1.67
C GLY E 98 -42.62 2.94 3.05
N ALA E 99 -42.05 1.73 3.09
CA ALA E 99 -41.71 1.09 4.34
C ALA E 99 -40.35 1.55 4.85
N TRP E 100 -40.23 1.66 6.17
CA TRP E 100 -38.96 1.99 6.83
C TRP E 100 -38.21 0.68 6.88
N LEU E 101 -36.98 0.69 6.36
CA LEU E 101 -36.19 -0.52 6.27
C LEU E 101 -34.97 -0.54 7.17
N LEU E 102 -34.90 -1.54 8.05
N LEU E 102 -34.91 -1.54 8.04
CA LEU E 102 -33.75 -1.74 8.92
CA LEU E 102 -33.78 -1.79 8.92
C LEU E 102 -32.92 -2.88 8.33
C LEU E 102 -32.92 -2.90 8.31
N TYR E 103 -31.64 -2.61 8.09
CA TYR E 103 -30.72 -3.59 7.50
C TYR E 103 -29.59 -3.83 8.47
N LEU E 104 -29.40 -5.10 8.83
CA LEU E 104 -28.31 -5.48 9.70
C LEU E 104 -27.06 -5.70 8.85
N SER E 105 -26.02 -4.93 9.14
CA SER E 105 -24.76 -5.04 8.44
C SER E 105 -23.68 -5.51 9.43
N SER E 106 -22.42 -5.36 9.04
CA SER E 106 -21.31 -5.95 9.79
C SER E 106 -20.06 -5.11 9.83
N SER E 107 -19.29 -5.31 10.88
CA SER E 107 -17.98 -4.67 11.03
C SER E 107 -17.01 -5.11 9.91
N ASN E 108 -17.30 -6.25 9.28
CA ASN E 108 -16.51 -6.77 8.14
C ASN E 108 -16.52 -5.91 6.87
N VAL E 109 -17.31 -4.84 6.84
CA VAL E 109 -17.22 -3.92 5.71
C VAL E 109 -15.89 -3.16 5.83
N PHE E 110 -15.25 -3.26 7.00
CA PHE E 110 -13.95 -2.60 7.24
C PHE E 110 -12.84 -3.65 7.34
N GLY E 111 -11.61 -3.19 7.28
CA GLY E 111 -10.46 -4.05 7.46
C GLY E 111 -9.29 -3.83 6.52
N GLY E 112 -9.57 -3.44 5.28
CA GLY E 112 -8.55 -3.23 4.27
C GLY E 112 -7.57 -2.14 4.61
N GLU E 113 -8.00 -1.15 5.36
CA GLU E 113 -7.13 -0.04 5.72
C GLU E 113 -6.07 -0.46 6.77
N GLY E 114 -6.38 -1.47 7.59
CA GLY E 114 -5.43 -1.95 8.58
C GLY E 114 -5.31 -1.15 9.88
N LYS E 115 -6.23 -0.23 10.16
CA LYS E 115 -6.14 0.48 11.44
C LYS E 115 -6.89 -0.32 12.53
N LEU E 116 -6.77 0.12 13.77
N LEU E 116 -6.86 0.20 13.77
CA LEU E 116 -7.28 -0.70 14.88
CA LEU E 116 -7.46 -0.47 14.93
C LEU E 116 -8.76 -0.67 15.17
C LEU E 116 -8.98 -0.38 15.01
N SER E 117 -9.42 0.41 14.72
N SER E 117 -9.56 0.81 14.92
CA SER E 117 -10.88 0.59 14.92
CA SER E 117 -11.00 0.86 15.06
C SER E 117 -11.45 1.55 13.85
C SER E 117 -11.56 1.82 14.07
N TYR E 118 -12.78 1.54 13.67
CA TYR E 118 -13.47 2.31 12.68
C TYR E 118 -14.77 2.91 13.22
N ASN E 119 -15.03 4.19 12.90
CA ASN E 119 -16.30 4.84 13.30
C ASN E 119 -17.16 5.13 12.06
N GLU E 120 -18.35 5.71 12.22
CA GLU E 120 -19.26 5.92 11.10
C GLU E 120 -18.74 6.83 9.99
N LEU E 121 -17.68 7.62 10.26
CA LEU E 121 -17.09 8.48 9.23
C LEU E 121 -16.07 7.73 8.39
N ASP E 122 -15.60 6.59 8.87
CA ASP E 122 -14.62 5.82 8.11
C ASP E 122 -15.30 5.24 6.90
N ILE E 123 -14.55 5.18 5.80
CA ILE E 123 -15.05 4.73 4.52
C ILE E 123 -14.81 3.23 4.42
N PRO E 124 -15.88 2.45 4.26
CA PRO E 124 -15.73 0.99 4.20
C PRO E 124 -14.75 0.52 3.11
N LEU E 125 -13.89 -0.43 3.45
CA LEU E 125 -12.93 -1.02 2.51
C LEU E 125 -12.78 -2.47 2.98
N PRO E 126 -13.63 -3.38 2.49
N PRO E 126 -13.62 -3.36 2.43
CA PRO E 126 -13.56 -4.77 2.99
CA PRO E 126 -13.62 -4.76 2.79
C PRO E 126 -12.30 -5.55 2.61
C PRO E 126 -12.54 -5.52 2.05
N ASN E 128 -12.64 -9.27 2.35
N ASN E 128 -12.90 -9.25 1.94
CA ASN E 128 -13.16 -10.54 1.79
CA ASN E 128 -13.33 -10.61 1.84
C ASN E 128 -14.56 -10.41 1.13
C ASN E 128 -14.68 -10.48 1.24
N TYR E 129 -15.04 -11.48 0.48
CA TYR E 129 -16.32 -11.47 -0.23
C TYR E 129 -17.54 -11.30 0.67
N TYR E 130 -17.49 -11.83 1.90
CA TYR E 130 -18.60 -11.63 2.82
C TYR E 130 -18.79 -10.11 3.03
N GLY E 131 -17.71 -9.46 3.41
CA GLY E 131 -17.73 -8.01 3.66
C GLY E 131 -18.16 -7.19 2.45
N ARG E 132 -17.66 -7.56 1.27
CA ARG E 132 -18.06 -6.86 0.05
C ARG E 132 -19.56 -7.05 -0.20
N SER E 133 -20.07 -8.25 0.04
CA SER E 133 -21.49 -8.52 -0.20
C SER E 133 -22.39 -7.73 0.74
N LYS E 134 -21.98 -7.56 2.01
CA LYS E 134 -22.75 -6.77 2.95
C LYS E 134 -22.68 -5.28 2.58
N LEU E 135 -21.52 -4.85 2.12
CA LEU E 135 -21.33 -3.44 1.79
C LEU E 135 -22.17 -3.03 0.59
N ILE E 136 -22.14 -3.86 -0.45
N ILE E 136 -22.15 -3.87 -0.46
CA ILE E 136 -22.91 -3.62 -1.64
CA ILE E 136 -22.95 -3.57 -1.64
C ILE E 136 -24.42 -3.67 -1.25
C ILE E 136 -24.44 -3.66 -1.25
N GLY E 137 -24.77 -4.52 -0.29
CA GLY E 137 -26.16 -4.59 0.22
C GLY E 137 -26.52 -3.25 0.87
N GLU E 138 -25.59 -2.65 1.64
CA GLU E 138 -25.82 -1.36 2.25
C GLU E 138 -26.11 -0.30 1.17
N SER E 139 -25.32 -0.31 0.07
CA SER E 139 -25.51 0.64 -1.04
C SER E 139 -26.93 0.53 -1.65
N SER E 140 -27.41 -0.70 -1.81
CA SER E 140 -28.77 -0.93 -2.31
C SER E 140 -29.82 -0.28 -1.44
N VAL E 141 -29.66 -0.45 -0.13
CA VAL E 141 -30.57 0.11 0.86
C VAL E 141 -30.55 1.65 0.83
N ARG E 142 -29.37 2.26 0.76
CA ARG E 142 -29.28 3.74 0.74
C ARG E 142 -29.78 4.37 -0.52
N ASN E 143 -29.44 3.77 -1.64
CA ASN E 143 -29.83 4.30 -2.94
C ASN E 143 -31.32 4.13 -3.26
N ALA E 144 -32.03 3.35 -2.44
CA ALA E 144 -33.45 3.12 -2.65
C ALA E 144 -34.34 3.76 -1.57
N CYS E 145 -33.93 3.71 -0.31
CA CYS E 145 -34.74 4.21 0.83
C CYS E 145 -34.02 5.29 1.63
N THR E 146 -33.54 6.32 0.93
CA THR E 146 -32.66 7.33 1.54
C THR E 146 -33.07 8.00 2.86
N ASN E 147 -34.28 8.54 2.92
N ASN E 147 -34.28 8.55 2.89
CA ASN E 147 -34.72 9.26 4.10
CA ASN E 147 -34.80 9.26 4.08
C ASN E 147 -35.62 8.36 4.97
C ASN E 147 -35.64 8.35 4.96
N ASN E 148 -35.53 7.05 4.75
CA ASN E 148 -36.36 6.11 5.47
C ASN E 148 -35.72 4.70 5.65
N HIS E 149 -34.50 4.66 6.15
CA HIS E 149 -33.79 3.39 6.39
C HIS E 149 -32.83 3.58 7.55
N LEU E 150 -32.47 2.47 8.17
CA LEU E 150 -31.50 2.43 9.25
C LEU E 150 -30.58 1.24 9.02
N ILE E 151 -29.28 1.50 8.90
CA ILE E 151 -28.27 0.45 8.73
C ILE E 151 -27.50 0.37 10.03
N ILE E 152 -27.46 -0.80 10.63
CA ILE E 152 -26.73 -0.99 11.89
C ILE E 152 -25.61 -1.98 11.66
N ARG E 153 -24.37 -1.55 11.91
CA ARG E 153 -23.24 -2.45 11.79
C ARG E 153 -22.92 -3.05 13.19
N ALA E 154 -22.94 -4.38 13.25
CA ALA E 154 -22.63 -5.15 14.46
C ALA E 154 -21.28 -5.82 14.31
N GLY E 155 -20.63 -6.09 15.44
CA GLY E 155 -19.33 -6.78 15.44
C GLY E 155 -19.54 -8.27 15.69
N TRP E 156 -18.66 -8.87 16.48
CA TRP E 156 -18.78 -10.29 16.81
C TRP E 156 -19.95 -10.46 17.77
N ILE E 158 -22.85 -11.96 20.24
CA ILE E 158 -23.02 -12.86 21.38
C ILE E 158 -24.53 -12.84 21.72
N GLY E 159 -25.11 -14.01 21.94
CA GLY E 159 -26.53 -14.10 22.23
C GLY E 159 -27.16 -15.41 21.80
N GLY E 160 -28.41 -15.61 22.22
CA GLY E 160 -29.20 -16.76 21.82
C GLY E 160 -28.85 -18.11 22.40
N GLY E 161 -27.70 -18.21 23.08
CA GLY E 161 -27.23 -19.50 23.62
C GLY E 161 -27.91 -19.92 24.91
N PRO E 162 -27.85 -21.21 25.28
CA PRO E 162 -27.11 -22.28 24.55
C PRO E 162 -27.78 -22.91 23.31
N ASP E 163 -29.03 -22.53 23.02
CA ASP E 163 -29.78 -23.13 21.91
C ASP E 163 -29.45 -22.54 20.52
N LYS E 164 -29.05 -21.27 20.46
CA LYS E 164 -28.83 -20.61 19.16
C LYS E 164 -27.47 -19.92 18.93
N ASP E 165 -26.58 -19.89 19.93
CA ASP E 165 -25.28 -19.22 19.73
C ASP E 165 -24.31 -20.16 18.99
N HIS E 166 -24.11 -19.88 17.69
CA HIS E 166 -23.24 -20.72 16.82
C HIS E 166 -21.99 -19.95 16.33
N LYS E 167 -21.73 -18.78 16.91
CA LYS E 167 -20.60 -17.94 16.49
C LYS E 167 -19.38 -18.16 17.40
N PHE E 168 -18.37 -17.30 17.28
CA PHE E 168 -17.14 -17.43 18.07
C PHE E 168 -17.36 -17.68 19.59
N VAL E 169 -18.09 -16.79 20.24
CA VAL E 169 -18.34 -16.90 21.68
C VAL E 169 -19.08 -18.18 22.04
N GLY E 170 -20.13 -18.48 21.28
CA GLY E 170 -20.88 -19.70 21.52
C GLY E 170 -20.00 -20.96 21.41
N LYS E 171 -19.05 -20.97 20.47
CA LYS E 171 -18.15 -22.13 20.29
C LYS E 171 -17.20 -22.35 21.47
N ILE E 172 -16.70 -21.27 22.08
CA ILE E 172 -15.83 -21.35 23.26
C ILE E 172 -16.60 -21.91 24.45
N ILE E 173 -17.81 -21.39 24.66
CA ILE E 173 -18.69 -21.85 25.75
C ILE E 173 -19.03 -23.30 25.55
N GLN E 174 -19.30 -23.69 24.31
CA GLN E 174 -19.60 -25.09 23.98
C GLN E 174 -18.41 -26.03 24.31
N GLN E 175 -17.17 -25.64 23.96
CA GLN E 175 -16.01 -26.49 24.28
C GLN E 175 -15.82 -26.62 25.80
N ILE E 176 -16.03 -25.53 26.55
CA ILE E 176 -15.87 -25.58 28.02
C ILE E 176 -16.92 -26.50 28.64
N LYS E 177 -18.17 -26.37 28.19
CA LYS E 177 -19.26 -27.22 28.66
C LYS E 177 -19.07 -28.68 28.27
N ALA E 178 -18.37 -28.92 27.18
CA ALA E 178 -18.09 -30.28 26.72
C ALA E 178 -16.90 -30.91 27.48
N GLY E 179 -16.28 -30.15 28.37
CA GLY E 179 -15.17 -30.69 29.15
C GLY E 179 -13.76 -30.56 28.60
N SER E 180 -13.57 -29.74 27.56
N SER E 180 -13.56 -29.76 27.56
CA SER E 180 -12.22 -29.51 27.03
CA SER E 180 -12.21 -29.57 27.01
C SER E 180 -11.41 -28.82 28.11
C SER E 180 -11.39 -28.78 28.03
N THR E 181 -10.15 -29.21 28.27
CA THR E 181 -9.27 -28.55 29.26
C THR E 181 -8.18 -27.73 28.62
N SER E 182 -8.20 -27.62 27.29
CA SER E 182 -7.20 -26.84 26.56
C SER E 182 -7.88 -26.23 25.34
N ILE E 183 -7.99 -24.91 25.32
CA ILE E 183 -8.65 -24.20 24.25
C ILE E 183 -7.72 -23.18 23.58
N LYS E 184 -7.58 -23.29 22.26
CA LYS E 184 -6.73 -22.37 21.51
C LYS E 184 -7.56 -21.20 21.02
N ALA E 185 -7.01 -20.01 21.09
CA ALA E 185 -7.73 -18.84 20.65
C ALA E 185 -6.76 -17.86 20.00
N VAL E 186 -7.18 -17.31 18.88
CA VAL E 186 -6.33 -16.41 18.09
C VAL E 186 -6.04 -15.06 18.75
N SER E 187 -4.76 -14.76 18.94
CA SER E 187 -4.33 -13.53 19.57
C SER E 187 -4.04 -12.39 18.58
N ASP E 188 -3.99 -12.68 17.28
CA ASP E 188 -3.70 -11.65 16.25
C ASP E 188 -4.87 -11.21 15.34
N ARG E 189 -6.10 -11.39 15.84
N ARG E 189 -6.09 -11.34 15.86
CA ARG E 189 -7.32 -10.92 15.19
CA ARG E 189 -7.30 -10.91 15.18
C ARG E 189 -8.06 -10.12 16.25
C ARG E 189 -8.09 -10.13 16.22
N LEU E 190 -8.23 -8.83 16.02
CA LEU E 190 -8.92 -7.97 16.95
C LEU E 190 -10.30 -7.58 16.41
N GLY E 191 -11.22 -7.35 17.34
CA GLY E 191 -12.56 -6.93 16.98
C GLY E 191 -13.33 -6.37 18.17
N SER E 192 -14.62 -6.21 17.97
CA SER E 192 -15.52 -5.68 18.99
C SER E 192 -16.69 -6.62 19.10
N ILE E 193 -17.26 -6.72 20.31
CA ILE E 193 -18.42 -7.59 20.49
C ILE E 193 -19.71 -6.80 20.52
N THR E 194 -20.78 -7.46 20.07
CA THR E 194 -22.12 -6.91 20.05
C THR E 194 -23.08 -7.88 20.74
N SER E 195 -23.71 -7.44 21.83
CA SER E 195 -24.69 -8.24 22.53
C SER E 195 -26.01 -8.21 21.73
N ALA E 196 -26.46 -9.37 21.27
CA ALA E 196 -27.71 -9.47 20.52
C ALA E 196 -28.91 -8.98 21.34
N GLN E 198 -29.01 -6.85 23.77
N GLN E 198 -28.77 -6.47 23.83
CA GLN E 198 -28.90 -5.38 23.83
CA GLN E 198 -28.87 -5.01 23.89
C GLN E 198 -29.35 -4.74 22.52
C GLN E 198 -29.17 -4.48 22.48
N LEU E 199 -28.78 -5.22 21.43
CA LEU E 199 -29.09 -4.75 20.07
C LEU E 199 -30.63 -4.89 19.82
N CYS E 200 -31.23 -5.97 20.32
CA CYS E 200 -32.68 -6.17 20.22
C CYS E 200 -33.39 -5.01 20.91
N ASN E 201 -32.96 -4.68 22.14
CA ASN E 201 -33.52 -3.55 22.88
C ASN E 201 -33.43 -2.27 22.08
N PHE E 202 -32.27 -2.05 21.47
CA PHE E 202 -32.07 -0.85 20.67
C PHE E 202 -33.02 -0.80 19.47
N ILE E 203 -33.19 -1.94 18.81
CA ILE E 203 -34.04 -2.05 17.63
C ILE E 203 -35.51 -1.73 17.95
N ILE E 204 -36.01 -2.23 19.09
CA ILE E 204 -37.38 -1.93 19.51
C ILE E 204 -37.52 -0.41 19.63
N TRP E 205 -36.54 0.21 20.29
CA TRP E 205 -36.50 1.64 20.46
C TRP E 205 -36.42 2.34 19.09
N ALA E 206 -35.59 1.82 18.20
CA ALA E 206 -35.42 2.40 16.85
C ALA E 206 -36.68 2.32 15.99
N ILE E 207 -37.41 1.21 16.10
CA ILE E 207 -38.64 1.06 15.36
C ILE E 207 -39.64 2.13 15.78
N ASN E 208 -39.83 2.30 17.09
N ASN E 208 -39.82 2.28 17.09
CA ASN E 208 -40.75 3.29 17.62
CA ASN E 208 -40.73 3.27 17.68
C ASN E 208 -40.43 4.70 17.12
C ASN E 208 -40.44 4.69 17.20
N LYS E 209 -39.16 5.07 17.20
CA LYS E 209 -38.73 6.39 16.75
C LYS E 209 -38.58 6.55 15.25
N ARG E 210 -38.48 5.43 14.52
N ARG E 210 -38.47 5.43 14.53
CA ARG E 210 -38.24 5.44 13.08
CA ARG E 210 -38.21 5.43 13.08
C ARG E 210 -36.90 6.16 12.83
C ARG E 210 -36.89 6.16 12.84
N HIS E 211 -35.89 5.82 13.66
CA HIS E 211 -34.56 6.41 13.54
C HIS E 211 -33.93 6.01 12.20
N THR E 212 -33.21 6.95 11.58
CA THR E 212 -32.61 6.71 10.27
C THR E 212 -31.11 7.01 10.21
N GLY E 213 -30.44 6.46 9.20
CA GLY E 213 -29.01 6.66 8.96
C GLY E 213 -28.19 5.40 9.11
N THR E 214 -26.91 5.58 9.45
CA THR E 214 -25.98 4.44 9.64
C THR E 214 -25.37 4.56 11.05
N LEU E 215 -25.35 3.44 11.76
N LEU E 215 -25.36 3.45 11.77
CA LEU E 215 -24.88 3.41 13.15
CA LEU E 215 -24.82 3.43 13.13
C LEU E 215 -24.11 2.14 13.49
C LEU E 215 -24.01 2.16 13.38
N HIS E 216 -23.02 2.29 14.25
CA HIS E 216 -22.22 1.16 14.72
C HIS E 216 -22.78 0.81 16.09
N PHE E 217 -23.05 -0.47 16.33
CA PHE E 217 -23.58 -0.89 17.62
C PHE E 217 -22.73 -2.02 18.19
N ALA E 218 -21.88 -1.66 19.14
CA ALA E 218 -20.94 -2.61 19.73
C ALA E 218 -20.48 -2.12 21.06
N SER E 219 -20.13 -3.08 21.91
CA SER E 219 -19.59 -2.77 23.21
C SER E 219 -18.25 -2.06 23.02
N SER E 220 -17.88 -1.23 23.99
N SER E 220 -17.87 -1.21 23.97
CA SER E 220 -16.61 -0.50 23.94
CA SER E 220 -16.62 -0.46 23.85
C SER E 220 -15.44 -1.46 24.14
C SER E 220 -15.44 -1.40 24.15
N GLY E 221 -14.42 -1.33 23.30
CA GLY E 221 -13.23 -2.16 23.40
C GLY E 221 -12.92 -2.86 22.09
N THR E 222 -11.64 -2.86 21.72
CA THR E 222 -11.15 -3.57 20.56
C THR E 222 -10.22 -4.60 21.17
N ILE E 223 -10.61 -5.86 21.11
CA ILE E 223 -9.86 -6.91 21.74
C ILE E 223 -9.70 -8.12 20.86
N SER E 224 -8.82 -9.02 21.27
CA SER E 224 -8.59 -10.23 20.48
C SER E 224 -9.52 -11.35 20.89
N ARG E 225 -9.57 -12.35 20.04
CA ARG E 225 -10.36 -13.53 20.34
C ARG E 225 -9.81 -14.24 21.56
N PHE E 226 -8.49 -14.21 21.72
CA PHE E 226 -7.82 -14.78 22.90
C PHE E 226 -8.31 -14.04 24.15
N ASP E 227 -8.31 -12.71 24.13
CA ASP E 227 -8.79 -11.92 25.27
C ASP E 227 -10.22 -12.31 25.62
N ILE E 228 -11.07 -12.47 24.60
CA ILE E 228 -12.45 -12.86 24.83
C ILE E 228 -12.53 -14.27 25.45
N ALA E 229 -11.78 -15.22 24.91
CA ALA E 229 -11.77 -16.58 25.44
C ALA E 229 -11.32 -16.61 26.91
N CYS E 230 -10.31 -15.81 27.27
CA CYS E 230 -9.86 -15.75 28.66
C CYS E 230 -10.97 -15.19 29.57
N ALA E 231 -11.69 -14.17 29.09
CA ALA E 231 -12.79 -13.57 29.84
C ALA E 231 -13.94 -14.57 30.03
N ILE E 232 -14.27 -15.33 28.99
CA ILE E 232 -15.33 -16.35 29.11
C ILE E 232 -14.92 -17.42 30.11
N GLY E 233 -13.66 -17.85 30.04
CA GLY E 233 -13.13 -18.86 30.94
C GLY E 233 -13.32 -18.45 32.39
N ASP E 234 -12.91 -17.23 32.71
CA ASP E 234 -13.04 -16.72 34.07
C ASP E 234 -14.50 -16.73 34.52
N LEU E 235 -15.38 -16.26 33.65
CA LEU E 235 -16.81 -16.22 33.97
C LEU E 235 -17.40 -17.62 34.18
N LEU E 236 -16.83 -18.64 33.52
CA LEU E 236 -17.35 -20.00 33.67
C LEU E 236 -16.56 -20.88 34.66
N ASN E 237 -15.63 -20.28 35.43
CA ASN E 237 -14.77 -21.01 36.40
C ASN E 237 -13.95 -22.12 35.77
N PHE E 238 -13.49 -21.83 34.55
CA PHE E 238 -12.68 -22.73 33.78
C PHE E 238 -11.29 -22.72 34.41
N LYS E 239 -10.75 -23.91 34.66
CA LYS E 239 -9.43 -24.04 35.28
C LYS E 239 -8.40 -24.59 34.33
N GLY E 240 -8.81 -24.83 33.09
CA GLY E 240 -7.91 -25.35 32.09
C GLY E 240 -7.10 -24.23 31.47
N ASP E 241 -6.49 -24.50 30.32
CA ASP E 241 -5.63 -23.52 29.65
C ASP E 241 -6.26 -22.88 28.44
N ILE E 242 -6.13 -21.55 28.32
CA ILE E 242 -6.53 -20.85 27.13
C ILE E 242 -5.18 -20.55 26.49
N ILE E 243 -4.93 -21.12 25.32
CA ILE E 243 -3.66 -20.99 24.62
C ILE E 243 -3.74 -19.97 23.47
N PRO E 244 -2.93 -18.89 23.53
CA PRO E 244 -2.95 -17.89 22.46
C PRO E 244 -2.15 -18.42 21.28
N VAL E 245 -2.73 -18.34 20.08
CA VAL E 245 -2.05 -18.79 18.86
C VAL E 245 -2.18 -17.77 17.75
N HIS E 246 -1.31 -17.86 16.76
CA HIS E 246 -1.38 -16.98 15.60
C HIS E 246 -2.43 -17.54 14.65
N SER E 247 -2.97 -16.68 13.78
N SER E 247 -2.97 -16.68 13.77
CA SER E 247 -4.01 -17.08 12.84
CA SER E 247 -4.00 -17.10 12.82
C SER E 247 -3.53 -18.14 11.84
C SER E 247 -3.53 -18.20 11.89
N SER E 248 -2.22 -18.25 11.63
CA SER E 248 -1.65 -19.27 10.74
C SER E 248 -1.93 -20.70 11.16
N VAL E 249 -2.21 -20.89 12.45
CA VAL E 249 -2.51 -22.22 13.01
C VAL E 249 -3.88 -22.76 12.57
N PHE E 250 -4.80 -21.87 12.22
CA PHE E 250 -6.13 -22.23 11.74
C PHE E 250 -6.27 -21.68 10.34
N PRO E 251 -5.83 -22.42 9.32
CA PRO E 251 -5.99 -21.87 7.97
C PRO E 251 -7.46 -21.74 7.61
N LEU E 252 -7.84 -20.60 7.07
CA LEU E 252 -9.22 -20.34 6.68
C LEU E 252 -9.29 -19.82 5.25
N SER E 253 -10.40 -20.11 4.56
CA SER E 253 -10.63 -19.66 3.19
C SER E 253 -10.62 -18.13 3.05
N ALA E 254 -11.29 -17.44 3.96
CA ALA E 254 -11.41 -15.99 3.84
C ALA E 254 -10.33 -15.21 4.58
N PRO E 255 -9.71 -14.22 3.91
CA PRO E 255 -8.76 -13.41 4.65
C PRO E 255 -9.51 -12.64 5.77
N ARG E 256 -8.85 -12.44 6.90
CA ARG E 256 -9.40 -11.68 8.02
C ARG E 256 -8.43 -10.54 8.31
N PRO E 257 -8.96 -9.35 8.63
CA PRO E 257 -8.08 -8.21 8.89
C PRO E 257 -7.41 -8.26 10.25
N TYR E 258 -6.37 -7.47 10.42
CA TYR E 258 -5.71 -7.36 11.73
C TYR E 258 -6.73 -6.89 12.76
N SER E 259 -7.62 -5.99 12.34
CA SER E 259 -8.71 -5.55 13.20
C SER E 259 -9.95 -5.18 12.45
N GLU E 260 -11.10 -5.57 13.01
CA GLU E 260 -12.41 -5.14 12.52
C GLU E 260 -13.17 -4.42 13.66
N GLY E 261 -12.40 -3.86 14.60
CA GLY E 261 -12.98 -3.10 15.73
C GLY E 261 -13.81 -1.95 15.22
N ILE E 262 -14.98 -1.77 15.83
CA ILE E 262 -15.85 -0.67 15.47
C ILE E 262 -16.26 0.12 16.69
N GLU E 263 -16.41 1.43 16.54
CA GLU E 263 -16.90 2.27 17.62
C GLU E 263 -17.89 3.24 17.02
N SER E 264 -18.64 3.96 17.85
CA SER E 264 -19.64 4.87 17.35
C SER E 264 -19.39 6.25 17.79
N ILE E 265 -19.59 7.21 16.89
CA ILE E 265 -19.52 8.61 17.23
C ILE E 265 -20.92 9.22 17.31
N TYR E 266 -21.95 8.44 17.02
CA TYR E 266 -23.35 8.95 16.97
C TYR E 266 -24.31 8.39 18.05
N SER E 268 -24.17 8.36 21.27
CA SER E 268 -24.37 9.29 22.41
C SER E 268 -25.42 10.39 22.24
N ILE E 269 -25.70 10.83 21.00
CA ILE E 269 -26.76 11.84 20.81
C ILE E 269 -28.17 11.20 20.82
N LEU E 270 -28.24 9.87 20.88
CA LEU E 270 -29.51 9.16 20.92
C LEU E 270 -29.86 9.02 22.39
N SER E 271 -30.30 10.16 22.93
CA SER E 271 -30.66 10.38 24.32
C SER E 271 -31.07 9.17 25.17
N ASP E 272 -32.30 8.68 25.00
CA ASP E 272 -32.77 7.56 25.82
C ASP E 272 -32.73 6.19 25.16
N ALA E 273 -32.00 6.07 24.06
CA ALA E 273 -31.93 4.77 23.39
C ALA E 273 -31.11 3.82 24.27
N PRO E 274 -31.48 2.53 24.30
CA PRO E 274 -30.65 1.55 25.01
C PRO E 274 -29.28 1.46 24.35
N LYS E 275 -28.21 1.51 25.13
CA LYS E 275 -26.85 1.53 24.60
C LYS E 275 -25.99 0.39 25.11
N PRO E 276 -24.90 0.08 24.39
CA PRO E 276 -23.97 -0.92 24.89
C PRO E 276 -23.10 -0.31 25.98
N SER E 277 -22.33 -1.15 26.64
N SER E 277 -22.30 -1.13 26.66
CA SER E 277 -21.42 -0.71 27.70
CA SER E 277 -21.40 -0.63 27.69
C SER E 277 -20.02 -1.29 27.39
C SER E 277 -20.00 -1.23 27.39
N LEU E 278 -19.22 -1.55 28.43
CA LEU E 278 -17.87 -2.11 28.24
C LEU E 278 -17.97 -3.57 27.85
N TRP E 279 -17.10 -4.03 26.94
CA TRP E 279 -17.17 -5.44 26.47
C TRP E 279 -17.21 -6.49 27.60
N LYS E 280 -16.40 -6.32 28.63
CA LYS E 280 -16.35 -7.31 29.70
C LYS E 280 -17.66 -7.37 30.49
N SER E 281 -18.27 -6.21 30.71
N SER E 281 -18.27 -6.22 30.74
CA SER E 281 -19.54 -6.12 31.43
CA SER E 281 -19.55 -6.14 31.46
C SER E 281 -20.68 -6.76 30.64
C SER E 281 -20.70 -6.76 30.64
N ASP E 282 -20.72 -6.44 29.35
CA ASP E 282 -21.76 -6.97 28.44
C ASP E 282 -21.59 -8.46 28.26
N LEU E 283 -20.34 -8.92 28.25
CA LEU E 283 -20.06 -10.36 28.16
C LEU E 283 -20.55 -11.07 29.45
N ALA E 284 -20.28 -10.45 30.59
CA ALA E 284 -20.70 -10.99 31.89
C ALA E 284 -22.21 -11.11 31.99
N LYS E 285 -22.96 -10.09 31.54
CA LYS E 285 -24.43 -10.14 31.59
C LYS E 285 -24.95 -11.31 30.79
N TYR E 286 -24.43 -11.48 29.57
CA TYR E 286 -24.86 -12.58 28.72
C TYR E 286 -24.51 -13.95 29.31
N VAL E 287 -23.28 -14.11 29.80
CA VAL E 287 -22.87 -15.39 30.41
C VAL E 287 -23.76 -15.67 31.63
N GLY E 288 -24.17 -14.61 32.32
CA GLY E 288 -25.07 -14.72 33.48
C GLY E 288 -26.45 -15.28 33.18
N THR E 289 -26.79 -15.40 31.89
CA THR E 289 -28.07 -16.01 31.48
C THR E 289 -27.90 -17.53 31.35
N PHE E 290 -26.68 -17.99 31.04
CA PHE E 290 -26.37 -19.44 30.96
C PHE E 290 -26.43 -20.01 32.38
N LEU E 291 -25.74 -19.34 33.31
CA LEU E 291 -25.66 -19.79 34.69
C LEU E 291 -26.91 -19.39 35.45
N LYS F 5 43.30 -34.66 -3.55
CA LYS F 5 41.89 -35.05 -3.91
C LYS F 5 40.88 -34.04 -3.34
N ARG F 6 40.37 -33.18 -4.22
N ARG F 6 40.39 -33.17 -4.22
CA ARG F 6 39.42 -32.11 -3.87
CA ARG F 6 39.41 -32.12 -3.90
C ARG F 6 38.17 -32.67 -3.16
C ARG F 6 38.13 -32.63 -3.20
N LYS F 7 37.80 -32.05 -2.04
CA LYS F 7 36.65 -32.49 -1.24
C LYS F 7 35.36 -31.64 -1.31
N ILE F 8 34.22 -32.32 -1.48
CA ILE F 8 32.90 -31.68 -1.52
C ILE F 8 32.06 -32.18 -0.34
N LEU F 9 31.53 -31.25 0.45
CA LEU F 9 30.66 -31.57 1.58
C LEU F 9 29.23 -31.14 1.19
N ILE F 10 28.30 -32.10 1.22
CA ILE F 10 26.90 -31.88 0.83
C ILE F 10 25.89 -32.06 1.96
N THR F 11 25.01 -31.07 2.13
CA THR F 11 23.90 -31.17 3.09
C THR F 11 22.70 -31.40 2.20
N GLY F 12 21.71 -32.12 2.71
CA GLY F 12 20.50 -32.42 1.94
C GLY F 12 20.72 -33.34 0.77
N GLY F 13 21.76 -34.16 0.87
CA GLY F 13 22.14 -35.10 -0.18
C GLY F 13 21.11 -36.17 -0.53
N THR F 14 20.21 -36.48 0.41
CA THR F 14 19.15 -37.45 0.17
C THR F 14 17.87 -36.77 -0.30
N GLY F 15 17.89 -35.44 -0.38
CA GLY F 15 16.76 -34.68 -0.92
C GLY F 15 16.64 -34.95 -2.41
N LEU F 17 16.87 -32.77 -5.20
CA LEU F 17 17.97 -32.17 -5.98
C LEU F 17 19.31 -32.80 -5.55
N GLY F 18 19.49 -32.94 -4.23
CA GLY F 18 20.71 -33.50 -3.65
C GLY F 18 21.06 -34.88 -4.18
N ALA F 19 20.05 -35.73 -4.37
CA ALA F 19 20.27 -37.09 -4.87
C ALA F 19 20.82 -37.04 -6.28
N TYR F 20 20.25 -36.17 -7.13
CA TYR F 20 20.75 -36.02 -8.50
C TYR F 20 22.21 -35.56 -8.50
N VAL F 21 22.53 -34.55 -7.68
CA VAL F 21 23.89 -34.01 -7.62
C VAL F 21 24.87 -35.05 -7.10
N THR F 22 24.48 -35.77 -6.04
CA THR F 22 25.31 -36.81 -5.45
C THR F 22 25.63 -37.91 -6.50
N SER F 23 24.61 -38.30 -7.28
N SER F 23 24.61 -38.29 -7.27
CA SER F 23 24.80 -39.31 -8.33
CA SER F 23 24.77 -39.29 -8.33
C SER F 23 25.72 -38.80 -9.43
C SER F 23 25.68 -38.81 -9.46
N ALA F 24 25.51 -37.55 -9.86
CA ALA F 24 26.34 -36.97 -10.95
C ALA F 24 27.80 -36.83 -10.55
N LEU F 25 28.05 -36.59 -9.26
CA LEU F 25 29.43 -36.47 -8.77
C LEU F 25 30.21 -37.79 -8.68
N LYS F 26 29.52 -38.94 -8.77
CA LYS F 26 30.19 -40.26 -8.69
C LYS F 26 31.19 -40.50 -9.83
N ASP F 27 30.89 -40.00 -11.02
CA ASP F 27 31.81 -40.14 -12.14
C ASP F 27 32.69 -38.87 -12.27
N THR F 28 33.37 -38.56 -11.16
CA THR F 28 34.31 -37.43 -11.05
C THR F 28 35.37 -37.82 -10.04
N ASP F 29 36.45 -37.04 -9.95
CA ASP F 29 37.55 -37.31 -9.01
C ASP F 29 37.41 -36.62 -7.64
N TYR F 30 36.23 -36.10 -7.33
CA TYR F 30 36.02 -35.44 -6.05
C TYR F 30 35.76 -36.44 -4.91
N ASN F 31 36.24 -36.09 -3.73
CA ASN F 31 35.98 -36.86 -2.51
C ASN F 31 34.69 -36.23 -1.95
N VAL F 32 33.59 -36.96 -2.08
CA VAL F 32 32.26 -36.45 -1.67
C VAL F 32 31.86 -36.94 -0.29
N ILE F 33 31.45 -36.01 0.56
CA ILE F 33 30.99 -36.30 1.92
C ILE F 33 29.51 -35.87 2.02
N VAL F 34 28.63 -36.87 2.13
CA VAL F 34 27.20 -36.63 2.23
C VAL F 34 26.85 -36.67 3.70
N THR F 35 26.46 -35.53 4.26
CA THR F 35 26.14 -35.47 5.69
C THR F 35 24.85 -36.25 6.01
N GLU F 36 24.80 -36.77 7.23
CA GLU F 36 23.65 -37.51 7.75
C GLU F 36 23.24 -36.87 9.07
N ARG F 37 22.09 -37.33 9.57
CA ARG F 37 21.54 -36.84 10.84
C ARG F 37 22.54 -36.91 11.99
N ASN F 38 23.35 -37.96 12.02
CA ASN F 38 24.35 -38.15 13.09
C ASN F 38 25.61 -37.26 12.99
N THR F 39 25.86 -36.64 11.83
CA THR F 39 27.04 -35.75 11.67
C THR F 39 26.64 -34.29 11.51
N LEU F 40 25.50 -34.03 10.88
CA LEU F 40 25.02 -32.66 10.68
C LEU F 40 23.51 -32.67 10.74
N ASN F 41 22.98 -31.89 11.67
CA ASN F 41 21.55 -31.81 11.90
C ASN F 41 21.20 -30.33 11.93
N LEU F 42 20.28 -29.91 11.06
CA LEU F 42 19.87 -28.51 11.01
C LEU F 42 19.26 -28.03 12.34
N SER F 43 18.68 -28.95 13.11
CA SER F 43 18.11 -28.60 14.41
C SER F 43 19.18 -28.39 15.49
N VAL F 44 20.43 -28.74 15.19
CA VAL F 44 21.53 -28.58 16.13
C VAL F 44 22.61 -27.71 15.47
N PRO F 45 22.30 -26.41 15.24
CA PRO F 45 23.29 -25.55 14.57
C PRO F 45 24.59 -25.36 15.34
N GLU F 46 24.53 -25.53 16.67
CA GLU F 46 25.72 -25.38 17.53
C GLU F 46 26.81 -26.42 17.30
N ALA F 47 26.47 -27.54 16.67
CA ALA F 47 27.44 -28.62 16.36
C ALA F 47 27.98 -28.57 14.92
N ILE F 48 27.49 -27.64 14.11
CA ILE F 48 27.88 -27.55 12.69
C ILE F 48 29.28 -27.01 12.42
N PHE F 49 29.63 -25.89 13.04
CA PHE F 49 30.96 -25.26 12.81
C PHE F 49 32.15 -26.19 13.05
N SER F 50 32.17 -26.85 14.20
N SER F 50 32.18 -26.86 14.20
CA SER F 50 33.27 -27.76 14.57
CA SER F 50 33.30 -27.76 14.54
C SER F 50 33.39 -28.92 13.57
C SER F 50 33.39 -28.96 13.59
N TYR F 51 32.24 -29.47 13.16
CA TYR F 51 32.20 -30.59 12.21
C TYR F 51 32.75 -30.20 10.83
N ILE F 52 32.19 -29.15 10.22
CA ILE F 52 32.64 -28.70 8.91
C ILE F 52 34.10 -28.25 8.89
N THR F 53 34.52 -27.45 9.86
CA THR F 53 35.91 -26.98 9.93
C THR F 53 36.91 -28.14 10.05
N ALA F 54 36.53 -29.20 10.77
CA ALA F 54 37.41 -30.37 10.92
C ALA F 54 37.50 -31.13 9.60
N GLU F 55 36.42 -31.12 8.81
CA GLU F 55 36.42 -31.80 7.50
C GLU F 55 37.25 -31.05 6.46
N LYS F 56 37.41 -29.75 6.65
CA LYS F 56 38.18 -28.90 5.73
C LYS F 56 37.81 -29.13 4.27
N PRO F 57 36.51 -29.00 3.93
CA PRO F 57 36.13 -29.19 2.56
C PRO F 57 36.55 -28.03 1.68
N ASP F 58 36.71 -28.30 0.39
CA ASP F 58 37.03 -27.28 -0.60
C ASP F 58 35.75 -26.66 -1.15
N VAL F 59 34.70 -27.46 -1.15
CA VAL F 59 33.40 -27.05 -1.70
C VAL F 59 32.34 -27.53 -0.74
N ILE F 60 31.31 -26.70 -0.55
CA ILE F 60 30.17 -27.03 0.29
C ILE F 60 28.90 -26.75 -0.53
N LEU F 61 28.07 -27.77 -0.65
CA LEU F 61 26.80 -27.67 -1.36
C LEU F 61 25.74 -27.77 -0.27
N HIS F 62 25.12 -26.63 0.04
CA HIS F 62 24.14 -26.55 1.10
C HIS F 62 22.71 -26.55 0.55
N PHE F 63 22.13 -27.76 0.45
CA PHE F 63 20.78 -27.97 -0.05
C PHE F 63 19.75 -28.25 1.07
N ALA F 64 20.20 -28.61 2.26
CA ALA F 64 19.27 -28.92 3.36
C ALA F 64 18.53 -27.67 3.86
N ALA F 65 17.22 -27.82 4.06
CA ALA F 65 16.37 -26.74 4.51
C ALA F 65 14.99 -27.25 4.93
N GLU F 66 14.28 -26.43 5.71
CA GLU F 66 12.90 -26.73 6.02
C GLU F 66 12.15 -26.06 4.89
N THR F 67 11.55 -26.88 4.02
CA THR F 67 10.84 -26.38 2.84
C THR F 67 9.33 -26.48 2.91
N ASP F 68 8.77 -26.97 4.02
CA ASP F 68 7.33 -26.99 4.18
C ASP F 68 6.94 -25.55 4.51
N VAL F 69 6.45 -24.84 3.49
CA VAL F 69 6.11 -23.41 3.62
C VAL F 69 5.09 -23.14 4.73
N ASP F 70 4.10 -24.01 4.84
CA ASP F 70 3.04 -23.87 5.83
C ASP F 70 3.51 -24.17 7.24
N LEU F 71 4.36 -25.19 7.40
CA LEU F 71 4.94 -25.52 8.72
C LEU F 71 5.76 -24.31 9.18
N CYS F 72 6.51 -23.70 8.25
CA CYS F 72 7.31 -22.52 8.57
C CYS F 72 6.45 -21.38 9.09
N GLU F 73 5.23 -21.24 8.56
CA GLU F 73 4.37 -20.17 9.01
C GLU F 73 3.83 -20.42 10.41
N ARG F 74 3.48 -21.67 10.71
CA ARG F 74 2.96 -22.04 12.03
C ARG F 74 4.06 -22.09 13.09
N GLU F 75 5.28 -22.44 12.65
CA GLU F 75 6.43 -22.59 13.54
C GLU F 75 7.63 -21.84 12.97
N PRO F 76 7.59 -20.50 13.04
CA PRO F 76 8.70 -19.70 12.53
C PRO F 76 10.01 -19.97 13.26
N ALA F 77 9.96 -20.48 14.50
CA ALA F 77 11.21 -20.81 15.20
C ALA F 77 11.95 -21.92 14.43
N ARG F 78 11.20 -22.90 13.92
CA ARG F 78 11.78 -23.98 13.13
C ARG F 78 12.32 -23.48 11.80
N ALA F 79 11.59 -22.58 11.15
CA ALA F 79 12.06 -21.97 9.91
C ALA F 79 13.38 -21.24 10.18
N GLY F 80 13.41 -20.51 11.29
CA GLY F 80 14.59 -19.75 11.68
C GLY F 80 15.80 -20.61 11.99
N ILE F 81 15.62 -21.59 12.87
CA ILE F 81 16.71 -22.48 13.25
C ILE F 81 17.30 -23.26 12.05
N TYR F 82 16.42 -23.86 11.26
CA TYR F 82 16.82 -24.69 10.12
C TYR F 82 17.37 -23.93 8.92
N ASN F 83 16.76 -22.80 8.57
CA ASN F 83 17.14 -22.06 7.36
C ASN F 83 18.06 -20.86 7.59
N HIS F 84 17.95 -20.23 8.77
CA HIS F 84 18.78 -19.09 9.11
C HIS F 84 19.99 -19.48 9.97
N LEU F 85 19.73 -19.88 11.21
CA LEU F 85 20.81 -20.18 12.15
C LEU F 85 21.77 -21.27 11.66
N ALA F 86 21.25 -22.37 11.12
CA ALA F 86 22.14 -23.45 10.61
C ALA F 86 22.96 -22.97 9.42
N THR F 87 22.35 -22.18 8.56
CA THR F 87 23.03 -21.62 7.38
C THR F 87 24.16 -20.66 7.80
N GLU F 88 23.91 -19.84 8.81
CA GLU F 88 24.92 -18.94 9.35
C GLU F 88 26.16 -19.73 9.79
N GLN F 89 25.97 -20.83 10.53
CA GLN F 89 27.11 -21.65 10.97
C GLN F 89 27.86 -22.28 9.80
N ILE F 90 27.13 -22.70 8.77
CA ILE F 90 27.74 -23.29 7.57
C ILE F 90 28.56 -22.21 6.84
N ALA F 91 28.01 -20.99 6.79
CA ALA F 91 28.67 -19.87 6.15
C ALA F 91 29.97 -19.48 6.88
N GLN F 92 29.91 -19.44 8.22
CA GLN F 92 31.08 -19.14 9.04
C GLN F 92 32.14 -20.25 8.90
N ALA F 93 31.68 -21.50 8.79
CA ALA F 93 32.58 -22.63 8.63
C ALA F 93 33.25 -22.53 7.26
N ALA F 94 32.46 -22.21 6.24
CA ALA F 94 32.98 -22.05 4.88
C ALA F 94 34.05 -20.99 4.83
N LYS F 95 33.78 -19.82 5.43
CA LYS F 95 34.74 -18.73 5.48
C LYS F 95 36.06 -19.15 6.16
N PHE F 96 35.94 -19.82 7.31
CA PHE F 96 37.11 -20.31 8.05
C PHE F 96 37.93 -21.32 7.23
N CYS F 97 37.25 -22.20 6.49
CA CYS F 97 37.90 -23.20 5.61
C CYS F 97 38.35 -22.66 4.26
N GLY F 98 37.91 -21.46 3.91
CA GLY F 98 38.21 -20.91 2.57
C GLY F 98 37.45 -21.67 1.47
N ALA F 99 36.36 -22.31 1.83
CA ALA F 99 35.58 -23.12 0.89
C ALA F 99 34.57 -22.32 0.10
N TRP F 100 34.41 -22.70 -1.16
CA TRP F 100 33.41 -22.13 -2.05
C TRP F 100 32.06 -22.72 -1.59
N LEU F 101 31.10 -21.84 -1.35
CA LEU F 101 29.79 -22.27 -0.82
C LEU F 101 28.62 -22.04 -1.74
N LEU F 102 27.92 -23.11 -2.09
N LEU F 102 27.92 -23.12 -2.07
CA LEU F 102 26.72 -23.03 -2.92
CA LEU F 102 26.71 -23.07 -2.90
C LEU F 102 25.51 -23.13 -1.99
C LEU F 102 25.50 -23.13 -1.96
N TYR F 103 24.63 -22.14 -2.08
CA TYR F 103 23.40 -22.08 -1.27
C TYR F 103 22.20 -22.11 -2.18
N LEU F 104 21.37 -23.14 -2.04
CA LEU F 104 20.14 -23.22 -2.82
C LEU F 104 19.08 -22.37 -2.10
N SER F 105 18.65 -21.29 -2.75
CA SER F 105 17.63 -20.43 -2.20
C SER F 105 16.32 -20.60 -3.02
N SER F 106 15.40 -19.67 -2.87
CA SER F 106 14.07 -19.79 -3.43
C SER F 106 13.47 -18.51 -3.96
N SER F 107 12.55 -18.70 -4.91
CA SER F 107 11.81 -17.61 -5.50
C SER F 107 10.92 -16.94 -4.44
N ASN F 108 10.65 -17.66 -3.34
CA ASN F 108 9.83 -17.13 -2.22
C ASN F 108 10.43 -15.94 -1.48
N VAL F 109 11.66 -15.56 -1.80
CA VAL F 109 12.20 -14.35 -1.20
C VAL F 109 11.49 -13.12 -1.78
N PHE F 110 10.75 -13.34 -2.88
CA PHE F 110 9.94 -12.31 -3.53
C PHE F 110 8.44 -12.59 -3.33
N GLY F 111 7.62 -11.59 -3.61
CA GLY F 111 6.17 -11.72 -3.56
C GLY F 111 5.46 -10.52 -3.00
N GLY F 112 6.10 -9.86 -2.04
CA GLY F 112 5.50 -8.72 -1.38
C GLY F 112 5.15 -7.57 -2.27
N GLU F 113 5.94 -7.30 -3.30
CA GLU F 113 5.64 -6.20 -4.20
C GLU F 113 4.42 -6.46 -5.07
N GLY F 114 4.11 -7.74 -5.33
CA GLY F 114 2.92 -8.05 -6.11
C GLY F 114 3.04 -7.98 -7.64
N LYS F 115 4.24 -7.88 -8.19
CA LYS F 115 4.35 -7.87 -9.64
C LYS F 115 4.43 -9.31 -10.18
N LEU F 116 4.46 -9.46 -11.50
CA LEU F 116 4.38 -10.81 -12.11
C LEU F 116 5.64 -11.65 -12.16
N SER F 117 6.81 -11.01 -12.27
N SER F 117 6.81 -11.01 -12.21
CA SER F 117 8.09 -11.74 -12.35
CA SER F 117 8.06 -11.77 -12.22
C SER F 117 9.25 -10.90 -11.81
C SER F 117 9.14 -10.91 -11.60
N TYR F 118 10.23 -11.55 -11.21
CA TYR F 118 11.35 -10.85 -10.59
C TYR F 118 12.68 -11.35 -11.14
N ASN F 119 13.60 -10.43 -11.40
CA ASN F 119 14.94 -10.81 -11.85
C ASN F 119 15.98 -10.48 -10.76
N GLU F 120 17.25 -10.78 -11.01
CA GLU F 120 18.30 -10.58 -10.03
C GLU F 120 18.48 -9.15 -9.51
N LEU F 121 17.95 -8.16 -10.22
CA LEU F 121 18.02 -6.76 -9.74
C LEU F 121 16.87 -6.41 -8.81
N ASP F 122 15.80 -7.19 -8.82
CA ASP F 122 14.69 -6.92 -7.91
C ASP F 122 15.14 -7.15 -6.46
N ILE F 123 14.72 -6.26 -5.56
CA ILE F 123 15.09 -6.35 -4.15
C ILE F 123 14.13 -7.27 -3.45
N PRO F 124 14.61 -8.36 -2.86
CA PRO F 124 13.68 -9.28 -2.19
C PRO F 124 12.80 -8.64 -1.11
N LEU F 125 11.52 -9.01 -1.09
CA LEU F 125 10.52 -8.55 -0.12
C LEU F 125 9.58 -9.75 0.05
N PRO F 126 9.89 -10.65 0.99
N PRO F 126 9.88 -10.61 1.03
CA PRO F 126 9.08 -11.86 1.16
CA PRO F 126 9.07 -11.80 1.31
C PRO F 126 7.65 -11.63 1.66
C PRO F 126 7.87 -11.47 2.19
N ASN F 128 6.05 -14.45 3.47
N ASN F 128 6.08 -14.25 3.75
CA ASN F 128 5.85 -15.41 4.56
CA ASN F 128 5.84 -15.44 4.57
C ASN F 128 7.15 -15.74 5.29
C ASN F 128 7.15 -15.81 5.25
N TYR F 129 7.04 -16.49 6.38
CA TYR F 129 8.23 -16.86 7.18
C TYR F 129 9.22 -17.76 6.47
N TYR F 130 8.76 -18.62 5.57
CA TYR F 130 9.69 -19.46 4.81
C TYR F 130 10.63 -18.57 4.00
N GLY F 131 10.03 -17.66 3.25
CA GLY F 131 10.78 -16.74 2.42
C GLY F 131 11.72 -15.85 3.21
N ARG F 132 11.27 -15.41 4.38
CA ARG F 132 12.11 -14.57 5.24
C ARG F 132 13.31 -15.37 5.73
N SER F 133 13.07 -16.63 6.12
CA SER F 133 14.15 -17.46 6.63
C SER F 133 15.20 -17.72 5.54
N LYS F 134 14.75 -17.93 4.30
CA LYS F 134 15.68 -18.16 3.19
C LYS F 134 16.44 -16.88 2.85
N LEU F 135 15.76 -15.75 2.91
CA LEU F 135 16.40 -14.46 2.62
C LEU F 135 17.53 -14.12 3.62
N ILE F 136 17.27 -14.29 4.92
N ILE F 136 17.25 -14.32 4.91
CA ILE F 136 18.29 -14.01 5.93
CA ILE F 136 18.21 -14.05 5.96
C ILE F 136 19.40 -15.06 5.78
C ILE F 136 19.36 -15.07 5.85
N GLY F 137 19.03 -16.27 5.36
CA GLY F 137 20.04 -17.31 5.09
C GLY F 137 20.97 -16.80 3.97
N GLU F 138 20.41 -16.19 2.91
CA GLU F 138 21.25 -15.63 1.85
C GLU F 138 22.19 -14.57 2.41
N SER F 139 21.67 -13.64 3.21
CA SER F 139 22.51 -12.59 3.83
C SER F 139 23.72 -13.18 4.56
N SER F 140 23.47 -14.21 5.37
CA SER F 140 24.53 -14.89 6.11
C SER F 140 25.61 -15.38 5.17
N VAL F 141 25.19 -15.96 4.04
CA VAL F 141 26.11 -16.50 3.05
C VAL F 141 26.93 -15.44 2.32
N ARG F 142 26.30 -14.37 1.86
CA ARG F 142 27.08 -13.37 1.10
C ARG F 142 27.94 -12.44 1.96
N ASN F 143 27.62 -12.32 3.24
CA ASN F 143 28.44 -11.49 4.14
C ASN F 143 29.71 -12.25 4.57
N ALA F 144 29.59 -13.54 4.88
CA ALA F 144 30.72 -14.36 5.28
C ALA F 144 31.65 -14.78 4.12
N CYS F 145 31.08 -15.11 2.95
CA CYS F 145 31.86 -15.61 1.81
C CYS F 145 31.71 -14.75 0.57
N THR F 146 31.89 -13.44 0.72
CA THR F 146 31.64 -12.50 -0.38
C THR F 146 32.18 -12.84 -1.79
N ASN F 147 33.45 -13.15 -1.92
N ASN F 147 33.47 -13.13 -1.89
CA ASN F 147 34.02 -13.43 -3.23
CA ASN F 147 34.10 -13.46 -3.18
C ASN F 147 34.09 -14.94 -3.49
C ASN F 147 34.12 -14.95 -3.47
N ASN F 148 33.41 -15.75 -2.67
CA ASN F 148 33.48 -17.20 -2.85
C ASN F 148 32.20 -17.98 -2.53
N HIS F 149 31.09 -17.53 -3.11
CA HIS F 149 29.82 -18.20 -2.90
C HIS F 149 28.98 -18.07 -4.14
N LEU F 150 28.00 -18.96 -4.23
CA LEU F 150 27.00 -18.94 -5.30
C LEU F 150 25.63 -19.20 -4.66
N ILE F 151 24.71 -18.28 -4.89
CA ILE F 151 23.34 -18.40 -4.41
C ILE F 151 22.47 -18.58 -5.64
N ILE F 152 21.75 -19.69 -5.70
CA ILE F 152 20.86 -19.98 -6.80
C ILE F 152 19.44 -19.99 -6.28
N ARG F 153 18.59 -19.15 -6.88
CA ARG F 153 17.17 -19.14 -6.53
C ARG F 153 16.39 -20.00 -7.53
N ALA F 154 15.76 -21.05 -7.03
CA ALA F 154 14.91 -21.93 -7.81
C ALA F 154 13.42 -21.59 -7.56
N GLY F 155 12.57 -21.90 -8.54
CA GLY F 155 11.13 -21.69 -8.41
C GLY F 155 10.47 -22.97 -7.91
N TRP F 156 9.36 -23.35 -8.55
CA TRP F 156 8.66 -24.57 -8.21
C TRP F 156 9.45 -25.74 -8.78
N ILE F 158 10.63 -29.31 -10.06
CA ILE F 158 10.05 -30.57 -10.56
C ILE F 158 11.20 -31.59 -10.69
N GLY F 159 11.01 -32.77 -10.13
CA GLY F 159 12.05 -33.79 -10.22
C GLY F 159 11.79 -34.97 -9.32
N GLY F 160 12.51 -36.06 -9.60
CA GLY F 160 12.40 -37.28 -8.81
C GLY F 160 11.98 -38.48 -9.64
N GLY F 161 11.17 -38.23 -10.66
CA GLY F 161 10.70 -39.31 -11.53
C GLY F 161 9.54 -40.03 -10.86
N PRO F 162 8.99 -41.06 -11.53
CA PRO F 162 7.83 -41.78 -11.04
C PRO F 162 7.95 -42.32 -9.62
N ASP F 163 9.11 -42.88 -9.27
CA ASP F 163 9.28 -43.48 -7.94
C ASP F 163 9.48 -42.53 -6.76
N LYS F 164 9.92 -41.30 -7.02
CA LYS F 164 10.19 -40.36 -5.93
C LYS F 164 9.42 -39.05 -5.96
N ASP F 165 8.62 -38.81 -7.01
CA ASP F 165 7.90 -37.53 -7.12
C ASP F 165 6.54 -37.62 -6.41
N HIS F 166 6.46 -37.01 -5.24
CA HIS F 166 5.24 -36.95 -4.47
C HIS F 166 4.82 -35.48 -4.33
N LYS F 167 5.27 -34.64 -5.26
CA LYS F 167 4.93 -33.23 -5.29
C LYS F 167 3.86 -33.04 -6.36
N PHE F 168 3.65 -31.78 -6.75
CA PHE F 168 2.58 -31.45 -7.69
C PHE F 168 2.52 -32.29 -8.97
N VAL F 169 3.63 -32.36 -9.71
CA VAL F 169 3.63 -33.12 -10.97
C VAL F 169 3.27 -34.60 -10.72
N GLY F 170 3.92 -35.22 -9.75
CA GLY F 170 3.64 -36.62 -9.42
C GLY F 170 2.18 -36.84 -8.99
N LYS F 171 1.63 -35.85 -8.31
CA LYS F 171 0.23 -35.92 -7.86
C LYS F 171 -0.74 -35.83 -9.01
N ILE F 172 -0.53 -34.87 -9.90
CA ILE F 172 -1.39 -34.74 -11.07
C ILE F 172 -1.31 -36.02 -11.91
N ILE F 173 -0.11 -36.55 -12.11
CA ILE F 173 0.05 -37.79 -12.90
C ILE F 173 -0.64 -38.97 -12.21
N GLN F 174 -0.54 -39.04 -10.89
CA GLN F 174 -1.22 -40.08 -10.12
C GLN F 174 -2.74 -40.03 -10.34
N GLN F 175 -3.31 -38.83 -10.28
CA GLN F 175 -4.76 -38.68 -10.44
C GLN F 175 -5.23 -39.10 -11.83
N ILE F 176 -4.44 -38.74 -12.85
CA ILE F 176 -4.76 -39.09 -14.23
C ILE F 176 -4.70 -40.60 -14.40
N LYS F 177 -3.61 -41.21 -13.95
CA LYS F 177 -3.42 -42.66 -14.11
C LYS F 177 -4.36 -43.51 -13.27
N ALA F 178 -4.90 -42.92 -12.20
CA ALA F 178 -5.85 -43.65 -11.38
C ALA F 178 -7.27 -43.54 -11.94
N GLY F 179 -7.45 -42.80 -13.04
CA GLY F 179 -8.75 -42.67 -13.68
C GLY F 179 -9.69 -41.63 -13.09
N SER F 180 -9.14 -40.56 -12.52
CA SER F 180 -9.96 -39.49 -11.97
C SER F 180 -10.69 -38.75 -13.10
N THR F 181 -11.95 -38.41 -12.90
CA THR F 181 -12.74 -37.73 -13.94
C THR F 181 -12.61 -36.20 -13.88
N SER F 182 -12.24 -35.66 -12.73
CA SER F 182 -12.00 -34.22 -12.64
C SER F 182 -10.90 -33.92 -11.64
N ILE F 183 -9.99 -33.05 -12.02
CA ILE F 183 -8.88 -32.66 -11.18
C ILE F 183 -8.94 -31.13 -10.99
N LYS F 184 -8.89 -30.68 -9.75
CA LYS F 184 -8.89 -29.25 -9.41
C LYS F 184 -7.46 -28.72 -9.27
N ALA F 185 -7.19 -27.52 -9.79
CA ALA F 185 -5.87 -26.94 -9.68
C ALA F 185 -6.03 -25.44 -9.53
N VAL F 186 -5.23 -24.86 -8.64
CA VAL F 186 -5.29 -23.44 -8.33
C VAL F 186 -4.83 -22.60 -9.51
N SER F 187 -5.68 -21.68 -9.93
CA SER F 187 -5.38 -20.84 -11.08
C SER F 187 -5.00 -19.40 -10.75
N ASP F 188 -5.10 -18.99 -9.49
CA ASP F 188 -4.85 -17.57 -9.12
C ASP F 188 -3.54 -17.28 -8.36
N ARG F 189 -2.58 -18.18 -8.44
CA ARG F 189 -1.26 -18.00 -7.88
C ARG F 189 -0.29 -18.44 -8.97
N LEU F 190 0.64 -17.56 -9.28
CA LEU F 190 1.60 -17.78 -10.36
C LEU F 190 3.02 -18.03 -9.88
N GLY F 191 3.80 -18.71 -10.71
CA GLY F 191 5.21 -18.99 -10.43
C GLY F 191 5.94 -19.47 -11.67
N SER F 192 7.16 -19.95 -11.45
CA SER F 192 8.01 -20.47 -12.50
C SER F 192 8.50 -21.84 -12.08
N ILE F 193 8.63 -22.74 -13.04
CA ILE F 193 9.13 -24.08 -12.72
C ILE F 193 10.64 -24.21 -12.92
N THR F 194 11.26 -25.06 -12.12
CA THR F 194 12.70 -25.33 -12.22
C THR F 194 12.87 -26.81 -12.33
N SER F 195 13.50 -27.27 -13.42
CA SER F 195 13.78 -28.70 -13.57
C SER F 195 14.97 -29.07 -12.69
N ALA F 196 14.77 -30.00 -11.77
CA ALA F 196 15.87 -30.43 -10.90
C ALA F 196 17.02 -31.06 -11.71
N GLN F 198 18.02 -30.48 -14.78
N GLN F 198 17.92 -30.06 -15.06
CA GLN F 198 18.70 -29.35 -15.44
CA GLN F 198 18.80 -29.08 -15.65
C GLN F 198 19.57 -28.57 -14.45
C GLN F 198 19.54 -28.30 -14.53
N LEU F 199 18.98 -28.25 -13.30
CA LEU F 199 19.66 -27.51 -12.22
C LEU F 199 20.88 -28.30 -11.75
N CYS F 200 20.72 -29.61 -11.65
CA CYS F 200 21.84 -30.49 -11.31
C CYS F 200 22.97 -30.30 -12.33
N ASN F 201 22.67 -30.38 -13.63
CA ASN F 201 23.69 -30.19 -14.67
C ASN F 201 24.38 -28.83 -14.52
N PHE F 202 23.59 -27.79 -14.23
CA PHE F 202 24.16 -26.44 -14.05
C PHE F 202 25.11 -26.40 -12.86
N ILE F 203 24.69 -27.03 -11.76
CA ILE F 203 25.50 -27.07 -10.55
C ILE F 203 26.86 -27.74 -10.79
N ILE F 204 26.87 -28.88 -11.51
CA ILE F 204 28.11 -29.56 -11.86
C ILE F 204 29.01 -28.60 -12.63
N TRP F 205 28.43 -27.85 -13.57
CA TRP F 205 29.19 -26.84 -14.34
C TRP F 205 29.69 -25.73 -13.41
N ALA F 206 28.83 -25.28 -12.49
CA ALA F 206 29.18 -24.19 -11.56
C ALA F 206 30.31 -24.55 -10.61
N ILE F 207 30.31 -25.79 -10.12
CA ILE F 207 31.36 -26.29 -9.23
C ILE F 207 32.71 -26.27 -9.97
N ASN F 208 32.72 -26.77 -11.19
CA ASN F 208 33.94 -26.80 -11.97
C ASN F 208 34.48 -25.42 -12.32
N LYS F 209 33.59 -24.48 -12.60
CA LYS F 209 34.00 -23.10 -12.91
C LYS F 209 34.16 -22.20 -11.68
N ARG F 210 33.72 -22.69 -10.52
N ARG F 210 33.71 -22.69 -10.52
CA ARG F 210 33.73 -21.92 -9.28
CA ARG F 210 33.70 -21.91 -9.28
C ARG F 210 32.98 -20.59 -9.51
C ARG F 210 32.98 -20.58 -9.53
N HIS F 211 31.84 -20.67 -10.21
CA HIS F 211 31.02 -19.49 -10.52
C HIS F 211 30.51 -18.85 -9.22
N THR F 212 30.47 -17.52 -9.17
CA THR F 212 30.03 -16.81 -7.97
C THR F 212 28.94 -15.77 -8.25
N GLY F 213 28.23 -15.38 -7.18
CA GLY F 213 27.15 -14.38 -7.24
C GLY F 213 25.78 -14.94 -6.90
N THR F 214 24.74 -14.29 -7.41
CA THR F 214 23.36 -14.71 -7.20
C THR F 214 22.75 -14.88 -8.58
N LEU F 215 22.04 -15.99 -8.77
CA LEU F 215 21.45 -16.31 -10.03
C LEU F 215 20.07 -16.96 -9.87
N HIS F 216 19.15 -16.61 -10.76
CA HIS F 216 17.85 -17.19 -10.82
C HIS F 216 17.90 -18.32 -11.85
N PHE F 217 17.43 -19.52 -11.47
CA PHE F 217 17.44 -20.66 -12.39
C PHE F 217 16.04 -21.24 -12.49
N ALA F 218 15.38 -20.95 -13.60
CA ALA F 218 14.03 -21.44 -13.85
C ALA F 218 13.69 -21.40 -15.33
N SER F 219 12.77 -22.26 -15.75
CA SER F 219 12.30 -22.27 -17.13
C SER F 219 11.57 -20.93 -17.40
N SER F 220 11.53 -20.48 -18.64
CA SER F 220 10.84 -19.21 -18.94
C SER F 220 9.33 -19.43 -18.97
N GLY F 221 8.62 -18.51 -18.34
CA GLY F 221 7.17 -18.54 -18.28
C GLY F 221 6.71 -18.36 -16.85
N THR F 222 5.69 -17.54 -16.70
CA THR F 222 5.04 -17.25 -15.41
C THR F 222 3.66 -17.90 -15.56
N ILE F 223 3.44 -18.97 -14.79
CA ILE F 223 2.27 -19.81 -14.93
C ILE F 223 1.65 -20.27 -13.59
N SER F 224 0.43 -20.80 -13.66
CA SER F 224 -0.27 -21.26 -12.48
C SER F 224 -0.20 -22.79 -12.41
N ARG F 225 -0.55 -23.34 -11.26
CA ARG F 225 -0.63 -24.79 -11.11
C ARG F 225 -1.68 -25.33 -12.09
N PHE F 226 -2.73 -24.54 -12.34
CA PHE F 226 -3.75 -24.92 -13.31
C PHE F 226 -3.13 -25.08 -14.71
N ASP F 227 -2.31 -24.10 -15.12
CA ASP F 227 -1.63 -24.19 -16.44
C ASP F 227 -0.77 -25.47 -16.53
N ILE F 228 -0.07 -25.77 -15.44
CA ILE F 228 0.79 -26.94 -15.39
C ILE F 228 -0.06 -28.23 -15.49
N ALA F 229 -1.13 -28.30 -14.69
CA ALA F 229 -2.03 -29.47 -14.73
C ALA F 229 -2.62 -29.68 -16.15
N CYS F 230 -3.03 -28.58 -16.80
CA CYS F 230 -3.54 -28.67 -18.18
C CYS F 230 -2.50 -29.19 -19.18
N ALA F 231 -1.25 -28.77 -19.02
CA ALA F 231 -0.17 -29.20 -19.90
C ALA F 231 0.10 -30.69 -19.69
N ILE F 232 0.06 -31.14 -18.43
CA ILE F 232 0.26 -32.56 -18.12
C ILE F 232 -0.88 -33.37 -18.73
N GLY F 233 -2.10 -32.84 -18.61
CA GLY F 233 -3.26 -33.51 -19.18
C GLY F 233 -3.11 -33.71 -20.67
N ASP F 234 -2.64 -32.67 -21.38
CA ASP F 234 -2.40 -32.77 -22.82
C ASP F 234 -1.38 -33.88 -23.15
N LEU F 235 -0.26 -33.88 -22.43
CA LEU F 235 0.78 -34.87 -22.65
C LEU F 235 0.30 -36.31 -22.43
N LEU F 236 -0.55 -36.53 -21.43
CA LEU F 236 -1.06 -37.88 -21.16
C LEU F 236 -2.41 -38.20 -21.81
N ASN F 237 -2.88 -37.32 -22.72
CA ASN F 237 -4.18 -37.49 -23.39
C ASN F 237 -5.32 -37.70 -22.40
N PHE F 238 -5.31 -36.92 -21.31
CA PHE F 238 -6.34 -37.01 -20.28
C PHE F 238 -7.70 -36.67 -20.88
N LYS F 239 -8.71 -37.46 -20.51
CA LYS F 239 -10.08 -37.30 -21.03
C LYS F 239 -11.02 -36.60 -20.06
N GLY F 240 -10.63 -36.51 -18.79
CA GLY F 240 -11.45 -35.86 -17.78
C GLY F 240 -11.33 -34.35 -17.85
N ASP F 241 -11.86 -33.68 -16.83
CA ASP F 241 -11.85 -32.22 -16.75
C ASP F 241 -10.77 -31.75 -15.79
N ILE F 242 -10.11 -30.65 -16.14
CA ILE F 242 -9.16 -30.02 -15.23
C ILE F 242 -9.89 -28.73 -14.89
N ILE F 243 -10.23 -28.58 -13.62
N ILE F 243 -10.27 -28.59 -13.63
CA ILE F 243 -11.03 -27.45 -13.14
CA ILE F 243 -11.06 -27.45 -13.16
C ILE F 243 -10.16 -26.38 -12.49
C ILE F 243 -10.19 -26.39 -12.49
N PRO F 244 -10.23 -25.14 -12.99
CA PRO F 244 -9.46 -24.08 -12.36
C PRO F 244 -10.19 -23.63 -11.09
N VAL F 245 -9.49 -23.53 -9.97
CA VAL F 245 -10.11 -23.03 -8.74
C VAL F 245 -9.30 -21.94 -8.08
N HIS F 246 -9.98 -21.15 -7.25
CA HIS F 246 -9.34 -20.10 -6.49
C HIS F 246 -8.66 -20.68 -5.26
N SER F 247 -7.64 -19.96 -4.78
CA SER F 247 -6.87 -20.35 -3.59
C SER F 247 -7.73 -20.60 -2.38
N SER F 248 -8.81 -19.84 -2.26
CA SER F 248 -9.74 -19.95 -1.13
C SER F 248 -10.27 -21.35 -0.91
N VAL F 249 -10.32 -22.14 -1.98
CA VAL F 249 -10.84 -23.50 -1.94
C VAL F 249 -9.91 -24.45 -1.15
N PHE F 250 -8.61 -24.14 -1.09
CA PHE F 250 -7.66 -24.95 -0.32
C PHE F 250 -6.96 -24.02 0.64
N PRO F 251 -7.56 -23.78 1.82
CA PRO F 251 -6.90 -22.85 2.73
C PRO F 251 -5.55 -23.38 3.25
N LEU F 252 -4.57 -22.49 3.37
CA LEU F 252 -3.22 -22.84 3.80
C LEU F 252 -2.72 -21.87 4.87
N SER F 253 -1.83 -22.35 5.74
CA SER F 253 -1.27 -21.51 6.80
C SER F 253 -0.47 -20.31 6.26
N ALA F 254 0.39 -20.55 5.30
CA ALA F 254 1.24 -19.46 4.79
C ALA F 254 0.62 -18.65 3.67
N PRO F 255 0.70 -17.32 3.75
CA PRO F 255 0.19 -16.55 2.61
C PRO F 255 1.06 -16.82 1.37
N ARG F 256 0.46 -16.81 0.18
CA ARG F 256 1.21 -17.02 -1.08
C ARG F 256 1.00 -15.74 -1.86
N PRO F 257 2.05 -15.23 -2.52
CA PRO F 257 1.89 -13.99 -3.30
C PRO F 257 1.12 -14.25 -4.61
N TYR F 258 0.64 -13.18 -5.24
CA TYR F 258 -0.06 -13.35 -6.53
C TYR F 258 0.92 -14.00 -7.52
N SER F 259 2.21 -13.68 -7.40
CA SER F 259 3.20 -14.35 -8.20
C SER F 259 4.56 -14.43 -7.50
N GLU F 260 5.22 -15.57 -7.67
CA GLU F 260 6.62 -15.73 -7.25
C GLU F 260 7.45 -16.09 -8.50
N GLY F 261 6.98 -15.67 -9.67
CA GLY F 261 7.69 -15.91 -10.92
C GLY F 261 9.07 -15.28 -10.91
N ILE F 262 10.06 -16.01 -11.41
CA ILE F 262 11.43 -15.52 -11.52
C ILE F 262 11.99 -15.73 -12.91
N GLU F 263 12.80 -14.76 -13.33
CA GLU F 263 13.51 -14.85 -14.60
C GLU F 263 14.93 -14.36 -14.36
N SER F 264 15.82 -14.69 -15.29
CA SER F 264 17.20 -14.28 -15.13
C SER F 264 17.63 -13.32 -16.20
N ILE F 265 18.43 -12.34 -15.77
CA ILE F 265 19.05 -11.39 -16.68
C ILE F 265 20.56 -11.69 -16.80
N TYR F 266 21.04 -12.67 -16.05
CA TYR F 266 22.48 -12.95 -16.06
C TYR F 266 22.86 -14.33 -16.60
N SER F 268 22.45 -15.59 -19.58
CA SER F 268 22.95 -15.57 -20.96
C SER F 268 24.44 -15.29 -21.12
N ILE F 269 25.07 -14.60 -20.17
CA ILE F 269 26.54 -14.38 -20.26
C ILE F 269 27.35 -15.61 -19.77
N LEU F 270 26.67 -16.69 -19.37
CA LEU F 270 27.34 -17.90 -18.95
C LEU F 270 27.37 -18.81 -20.18
N SER F 271 28.19 -18.38 -21.12
CA SER F 271 28.41 -19.01 -22.42
C SER F 271 28.19 -20.52 -22.53
N ASP F 272 29.02 -21.31 -21.87
N ASP F 272 29.06 -21.31 -21.88
CA ASP F 272 28.96 -22.77 -21.97
CA ASP F 272 28.99 -22.77 -21.94
C ASP F 272 27.98 -23.46 -20.98
C ASP F 272 28.16 -23.47 -20.86
N ALA F 273 27.39 -22.72 -20.05
CA ALA F 273 26.55 -23.32 -19.00
C ALA F 273 25.28 -24.03 -19.50
N PRO F 274 24.89 -25.16 -18.87
CA PRO F 274 23.61 -25.80 -19.18
C PRO F 274 22.49 -24.86 -18.71
N LYS F 275 21.55 -24.54 -19.58
CA LYS F 275 20.52 -23.56 -19.28
C LYS F 275 19.09 -24.11 -19.36
N PRO F 276 18.15 -23.43 -18.70
CA PRO F 276 16.77 -23.89 -18.87
C PRO F 276 16.21 -23.37 -20.20
N SER F 277 15.04 -23.87 -20.59
N SER F 277 15.03 -23.85 -20.60
CA SER F 277 14.38 -23.47 -21.83
CA SER F 277 14.39 -23.40 -21.84
C SER F 277 12.94 -23.02 -21.50
C SER F 277 12.93 -23.00 -21.50
N LEU F 278 12.00 -23.24 -22.41
CA LEU F 278 10.59 -22.86 -22.21
C LEU F 278 9.93 -23.83 -21.22
N TRP F 279 9.02 -23.33 -20.38
CA TRP F 279 8.40 -24.19 -19.37
C TRP F 279 7.72 -25.45 -19.95
N LYS F 280 6.95 -25.29 -21.03
CA LYS F 280 6.24 -26.44 -21.63
C LYS F 280 7.18 -27.54 -22.11
N SER F 281 8.28 -27.13 -22.75
N SER F 281 8.27 -27.13 -22.75
CA SER F 281 9.30 -28.06 -23.27
CA SER F 281 9.28 -28.06 -23.26
C SER F 281 10.01 -28.79 -22.13
C SER F 281 10.00 -28.78 -22.13
N ASP F 282 10.41 -28.04 -21.10
CA ASP F 282 11.08 -28.63 -19.93
C ASP F 282 10.11 -29.53 -19.16
N LEU F 283 8.84 -29.13 -19.09
CA LEU F 283 7.83 -29.96 -18.40
C LEU F 283 7.61 -31.26 -19.19
N ALA F 284 7.51 -31.14 -20.51
CA ALA F 284 7.32 -32.31 -21.39
C ALA F 284 8.44 -33.35 -21.26
N LYS F 285 9.69 -32.90 -21.21
CA LYS F 285 10.81 -33.84 -21.04
C LYS F 285 10.69 -34.57 -19.70
N TYR F 286 10.32 -33.84 -18.64
CA TYR F 286 10.17 -34.45 -17.31
C TYR F 286 9.01 -35.43 -17.29
N VAL F 287 7.85 -35.01 -17.80
CA VAL F 287 6.66 -35.88 -17.84
C VAL F 287 6.95 -37.17 -18.63
N GLY F 288 7.75 -37.05 -19.70
CA GLY F 288 8.15 -38.22 -20.50
C GLY F 288 8.80 -39.37 -19.72
N THR F 289 9.49 -39.05 -18.61
CA THR F 289 10.14 -40.07 -17.76
C THR F 289 9.15 -40.91 -16.95
N PHE F 290 7.86 -40.54 -16.96
CA PHE F 290 6.82 -41.33 -16.29
C PHE F 290 6.26 -42.36 -17.27
N LEU F 291 6.76 -42.31 -18.51
CA LEU F 291 6.40 -43.20 -19.64
C LEU F 291 5.02 -42.90 -20.21
#